data_6LHM
#
_entry.id   6LHM
#
_cell.length_a   101.903
_cell.length_b   110.312
_cell.length_c   155.465
_cell.angle_alpha   90.000
_cell.angle_beta   90.000
_cell.angle_gamma   90.000
#
_symmetry.space_group_name_H-M   'P 21 2 21'
#
_entity_poly.entity_id   1
_entity_poly.type   'polypeptide(L)'
_entity_poly.pdbx_seq_one_letter_code
;SMSVGFIGAGQLAYALARGFTAAGILSAHKIIASSPEMNLPTVSALRKMGVNLTRSNKETVKHSDVLFLAVKPHIIPFIL
DEIGADVQARHIVVSCAAGVTISSVEKKLMAFQPAPKVIRCMTNTPVVVQEGATVYATGTHALVEDGQLLEQLMSSVGFC
TEVEEDLIDAVTGLSGSGPAYAFMALDALADGGVKMGLPRRLAIQLGAQALLGAAKMLLDSEQHPCQLKDNVCSPGGATT
HALHFLESGGFRSLLINAVEASCIRTRELQSMADQEKISPAALKKTLLDRVKLESPTVSTL
;
_entity_poly.pdbx_strand_id   A,B,C,D,E
#
# COMPACT_ATOMS: atom_id res chain seq x y z
N MET A 2 -7.76 -37.09 -9.26
CA MET A 2 -6.72 -38.02 -8.80
C MET A 2 -5.47 -37.27 -8.35
N SER A 3 -4.79 -36.63 -9.30
CA SER A 3 -3.56 -35.90 -9.02
C SER A 3 -3.54 -34.60 -9.81
N VAL A 4 -3.10 -33.54 -9.14
CA VAL A 4 -2.95 -32.21 -9.73
C VAL A 4 -1.47 -31.88 -9.76
N GLY A 5 -1.08 -31.02 -10.68
CA GLY A 5 0.31 -30.67 -10.87
C GLY A 5 0.46 -29.18 -11.12
N PHE A 6 1.46 -28.60 -10.45
CA PHE A 6 1.79 -27.18 -10.59
C PHE A 6 3.19 -27.10 -11.18
N ILE A 7 3.30 -26.60 -12.42
CA ILE A 7 4.62 -26.47 -13.04
C ILE A 7 5.45 -25.41 -12.33
N GLY A 8 4.81 -24.40 -11.76
CA GLY A 8 5.52 -23.32 -11.12
C GLY A 8 5.92 -23.65 -9.69
N ALA A 9 6.80 -22.82 -9.14
CA ALA A 9 7.20 -22.95 -7.75
C ALA A 9 7.22 -21.60 -7.02
N GLY A 10 6.64 -20.56 -7.59
CA GLY A 10 6.65 -19.26 -6.96
C GLY A 10 5.67 -19.20 -5.79
N GLN A 11 5.49 -17.96 -5.30
CA GLN A 11 4.56 -17.74 -4.19
C GLN A 11 3.16 -18.22 -4.53
N LEU A 12 2.75 -18.08 -5.80
CA LEU A 12 1.43 -18.53 -6.21
C LEU A 12 1.30 -20.05 -6.12
N ALA A 13 2.36 -20.77 -6.53
CA ALA A 13 2.29 -22.23 -6.53
C ALA A 13 2.14 -22.77 -5.11
N TYR A 14 2.99 -22.32 -4.19
CA TYR A 14 2.86 -22.75 -2.80
C TYR A 14 1.54 -22.27 -2.20
N ALA A 15 1.06 -21.10 -2.62
CA ALA A 15 -0.21 -20.58 -2.11
C ALA A 15 -1.36 -21.52 -2.45
N LEU A 16 -1.39 -22.03 -3.69
CA LEU A 16 -2.42 -22.99 -4.06
C LEU A 16 -2.28 -24.28 -3.26
N ALA A 17 -1.06 -24.80 -3.15
CA ALA A 17 -0.85 -26.06 -2.44
C ALA A 17 -1.16 -25.91 -0.96
N ARG A 18 -0.67 -24.83 -0.33
CA ARG A 18 -0.95 -24.61 1.08
C ARG A 18 -2.41 -24.28 1.34
N GLY A 19 -3.16 -23.90 0.31
CA GLY A 19 -4.58 -23.64 0.46
C GLY A 19 -5.43 -24.84 0.12
N PHE A 20 -4.94 -25.68 -0.79
CA PHE A 20 -5.68 -26.89 -1.15
C PHE A 20 -5.64 -27.94 -0.04
N THR A 21 -4.59 -27.94 0.77
CA THR A 21 -4.40 -29.01 1.75
C THR A 21 -5.34 -28.90 2.94
N ALA A 22 -5.71 -27.68 3.34
CA ALA A 22 -6.54 -27.52 4.53
C ALA A 22 -7.95 -28.03 4.29
N ALA A 23 -8.59 -27.58 3.21
CA ALA A 23 -9.94 -28.03 2.92
C ALA A 23 -9.98 -29.52 2.60
N GLY A 24 -8.89 -30.06 2.06
CA GLY A 24 -8.82 -31.49 1.81
C GLY A 24 -9.49 -31.96 0.53
N ILE A 25 -9.81 -31.04 -0.39
CA ILE A 25 -10.32 -31.45 -1.69
C ILE A 25 -9.31 -32.35 -2.39
N LEU A 26 -8.03 -31.97 -2.31
CA LEU A 26 -6.92 -32.83 -2.74
C LEU A 26 -5.88 -32.84 -1.62
N SER A 27 -5.33 -34.02 -1.36
CA SER A 27 -4.33 -34.15 -0.31
C SER A 27 -2.95 -33.75 -0.83
N ALA A 28 -1.98 -33.70 0.09
CA ALA A 28 -0.62 -33.33 -0.25
C ALA A 28 0.16 -34.47 -0.89
N HIS A 29 -0.35 -35.70 -0.83
CA HIS A 29 0.35 -36.83 -1.45
C HIS A 29 0.30 -36.76 -2.96
N LYS A 30 -0.89 -36.48 -3.51
CA LYS A 30 -1.08 -36.45 -4.96
C LYS A 30 -0.81 -35.03 -5.46
N ILE A 31 0.45 -34.77 -5.80
CA ILE A 31 0.86 -33.49 -6.35
C ILE A 31 2.22 -33.66 -7.02
N ILE A 32 2.44 -32.90 -8.08
CA ILE A 32 3.72 -32.91 -8.80
C ILE A 32 4.10 -31.47 -9.10
N ALA A 33 5.38 -31.14 -8.92
CA ALA A 33 5.85 -29.78 -9.19
C ALA A 33 6.90 -29.77 -10.29
N SER A 34 7.63 -28.66 -10.41
CA SER A 34 8.68 -28.54 -11.41
C SER A 34 9.62 -27.38 -11.07
N MET A 38 15.95 -24.80 -6.62
CA MET A 38 15.59 -25.46 -5.37
C MET A 38 16.37 -24.91 -4.19
N ASN A 39 16.49 -23.59 -4.14
CA ASN A 39 17.09 -22.89 -3.01
C ASN A 39 16.08 -22.10 -2.20
N LEU A 40 15.08 -21.52 -2.87
CA LEU A 40 14.01 -20.83 -2.17
C LEU A 40 13.24 -21.83 -1.30
N PRO A 41 12.71 -21.39 -0.15
CA PRO A 41 11.97 -22.31 0.72
C PRO A 41 10.65 -22.78 0.13
N THR A 42 10.14 -22.12 -0.91
CA THR A 42 8.84 -22.49 -1.47
C THR A 42 8.82 -23.96 -1.88
N VAL A 43 9.89 -24.44 -2.52
CA VAL A 43 9.96 -25.86 -2.84
C VAL A 43 10.29 -26.66 -1.59
N SER A 44 11.17 -26.14 -0.73
CA SER A 44 11.58 -26.87 0.47
C SER A 44 10.43 -26.97 1.46
N ALA A 45 9.70 -25.87 1.67
CA ALA A 45 8.55 -25.92 2.58
C ALA A 45 7.44 -26.81 2.00
N LEU A 46 7.22 -26.74 0.69
CA LEU A 46 6.28 -27.66 0.06
C LEU A 46 6.82 -29.08 0.07
N ARG A 47 8.14 -29.24 0.05
CA ARG A 47 8.72 -30.57 0.20
C ARG A 47 8.44 -31.14 1.59
N LYS A 48 8.35 -30.28 2.61
CA LYS A 48 7.92 -30.73 3.92
C LYS A 48 6.48 -31.23 3.87
N MET A 49 5.67 -30.69 2.96
CA MET A 49 4.31 -31.17 2.79
C MET A 49 4.22 -32.36 1.85
N GLY A 50 5.26 -32.60 1.04
CA GLY A 50 5.29 -33.75 0.17
C GLY A 50 5.19 -33.41 -1.31
N VAL A 51 5.67 -32.23 -1.70
CA VAL A 51 5.66 -31.80 -3.09
C VAL A 51 6.91 -32.35 -3.77
N ASN A 52 6.75 -32.84 -5.00
CA ASN A 52 7.82 -33.52 -5.71
C ASN A 52 8.46 -32.58 -6.71
N LEU A 53 9.77 -32.38 -6.56
CA LEU A 53 10.58 -31.54 -7.46
C LEU A 53 11.01 -32.38 -8.67
N THR A 54 10.18 -32.35 -9.73
CA THR A 54 10.53 -33.11 -10.93
C THR A 54 11.72 -32.49 -11.65
N ARG A 55 11.85 -31.16 -11.59
CA ARG A 55 12.89 -30.38 -12.23
C ARG A 55 12.90 -30.55 -13.75
N SER A 56 11.89 -31.20 -14.32
CA SER A 56 11.72 -31.35 -15.75
C SER A 56 10.25 -31.15 -16.07
N ASN A 57 9.96 -30.21 -16.96
CA ASN A 57 8.56 -29.89 -17.27
C ASN A 57 7.82 -31.11 -17.81
N LYS A 58 8.46 -31.87 -18.70
CA LYS A 58 7.82 -33.04 -19.29
C LYS A 58 7.61 -34.16 -18.29
N GLU A 59 8.40 -34.20 -17.22
CA GLU A 59 8.30 -35.26 -16.21
C GLU A 59 7.11 -35.09 -15.28
N THR A 60 6.25 -34.09 -15.52
CA THR A 60 5.10 -33.83 -14.68
C THR A 60 3.77 -33.89 -15.40
N VAL A 61 3.75 -33.69 -16.72
CA VAL A 61 2.49 -33.57 -17.45
C VAL A 61 1.73 -34.89 -17.43
N LYS A 62 2.39 -35.98 -17.84
CA LYS A 62 1.74 -37.29 -17.83
C LYS A 62 1.35 -37.72 -16.42
N HIS A 63 2.02 -37.19 -15.40
CA HIS A 63 1.66 -37.48 -14.01
C HIS A 63 0.60 -36.54 -13.46
N SER A 64 0.34 -35.42 -14.12
CA SER A 64 -0.62 -34.43 -13.66
C SER A 64 -1.83 -34.45 -14.58
N ASP A 65 -2.99 -34.86 -14.04
CA ASP A 65 -4.21 -34.86 -14.83
C ASP A 65 -4.60 -33.43 -15.21
N VAL A 66 -4.61 -32.52 -14.24
CA VAL A 66 -4.87 -31.10 -14.47
C VAL A 66 -3.63 -30.33 -14.05
N LEU A 67 -3.14 -29.46 -14.93
CA LEU A 67 -1.89 -28.75 -14.74
C LEU A 67 -2.15 -27.26 -14.60
N PHE A 68 -1.53 -26.65 -13.59
CA PHE A 68 -1.59 -25.21 -13.38
C PHE A 68 -0.29 -24.57 -13.84
N LEU A 69 -0.40 -23.54 -14.69
CA LEU A 69 0.77 -22.85 -15.24
C LEU A 69 1.03 -21.61 -14.39
N ALA A 70 1.87 -21.78 -13.37
CA ALA A 70 2.22 -20.69 -12.46
C ALA A 70 3.47 -19.93 -12.90
N VAL A 71 4.00 -20.21 -14.10
CA VAL A 71 5.21 -19.55 -14.57
C VAL A 71 4.89 -18.12 -14.96
N LYS A 72 5.94 -17.32 -15.19
CA LYS A 72 5.77 -15.92 -15.52
C LYS A 72 5.29 -15.76 -16.96
N PRO A 73 4.68 -14.61 -17.29
CA PRO A 73 4.16 -14.42 -18.65
C PRO A 73 5.23 -14.50 -19.74
N HIS A 74 6.47 -14.15 -19.42
CA HIS A 74 7.54 -14.25 -20.40
C HIS A 74 8.09 -15.67 -20.52
N ILE A 75 7.90 -16.50 -19.50
CA ILE A 75 8.35 -17.88 -19.57
C ILE A 75 7.34 -18.76 -20.29
N ILE A 76 6.05 -18.40 -20.23
CA ILE A 76 4.96 -19.25 -20.69
C ILE A 76 4.94 -19.46 -22.22
N PRO A 77 5.39 -18.51 -23.08
CA PRO A 77 5.29 -18.79 -24.52
C PRO A 77 6.20 -19.94 -24.97
N PHE A 78 7.45 -19.92 -24.51
CA PHE A 78 8.37 -21.02 -24.82
C PHE A 78 8.03 -22.28 -24.04
N ILE A 79 7.30 -22.15 -22.92
CA ILE A 79 6.91 -23.32 -22.15
C ILE A 79 5.97 -24.21 -22.95
N LEU A 80 5.07 -23.60 -23.74
CA LEU A 80 4.08 -24.37 -24.47
C LEU A 80 4.72 -25.34 -25.47
N ASP A 81 5.88 -25.00 -26.01
CA ASP A 81 6.56 -25.90 -26.94
C ASP A 81 7.20 -27.09 -26.23
N GLU A 82 7.52 -26.95 -24.95
CA GLU A 82 8.18 -28.02 -24.20
C GLU A 82 7.21 -29.01 -23.59
N ILE A 83 5.97 -28.60 -23.34
CA ILE A 83 4.97 -29.46 -22.72
C ILE A 83 3.95 -29.98 -23.71
N GLY A 84 3.76 -29.29 -24.85
CA GLY A 84 2.78 -29.74 -25.83
C GLY A 84 2.98 -31.17 -26.30
N ALA A 85 4.22 -31.66 -26.27
CA ALA A 85 4.46 -33.06 -26.59
C ALA A 85 3.75 -33.98 -25.60
N ASP A 86 3.66 -33.56 -24.34
CA ASP A 86 2.97 -34.33 -23.31
C ASP A 86 1.57 -33.79 -23.01
N VAL A 87 1.19 -32.65 -23.59
CA VAL A 87 -0.19 -32.19 -23.50
C VAL A 87 -1.08 -33.12 -24.30
N GLN A 88 -2.19 -33.55 -23.70
CA GLN A 88 -3.13 -34.42 -24.37
C GLN A 88 -4.54 -33.91 -24.11
N ALA A 89 -5.49 -34.41 -24.92
CA ALA A 89 -6.88 -33.98 -24.79
C ALA A 89 -7.47 -34.37 -23.45
N ARG A 90 -6.84 -35.28 -22.71
CA ARG A 90 -7.29 -35.61 -21.36
C ARG A 90 -6.86 -34.58 -20.33
N HIS A 91 -5.81 -33.82 -20.62
CA HIS A 91 -5.19 -32.93 -19.64
C HIS A 91 -5.84 -31.56 -19.68
N ILE A 92 -6.22 -31.05 -18.50
CA ILE A 92 -6.78 -29.72 -18.36
C ILE A 92 -5.66 -28.77 -17.96
N VAL A 93 -5.37 -27.80 -18.81
CA VAL A 93 -4.33 -26.81 -18.56
C VAL A 93 -5.00 -25.52 -18.08
N VAL A 94 -4.46 -24.93 -17.02
CA VAL A 94 -5.01 -23.70 -16.45
C VAL A 94 -3.85 -22.72 -16.31
N SER A 95 -3.91 -21.64 -17.09
CA SER A 95 -2.84 -20.63 -17.10
C SER A 95 -3.13 -19.59 -16.02
N CYS A 96 -2.29 -19.56 -15.00
CA CYS A 96 -2.39 -18.56 -13.93
C CYS A 96 -1.60 -17.29 -14.26
N ALA A 97 -0.90 -17.26 -15.39
CA ALA A 97 -0.09 -16.10 -15.75
C ALA A 97 -0.96 -15.02 -16.36
N ALA A 98 -0.77 -13.78 -15.91
CA ALA A 98 -1.55 -12.66 -16.40
C ALA A 98 -1.10 -12.25 -17.80
N GLY A 99 -2.00 -11.55 -18.49
CA GLY A 99 -1.70 -11.07 -19.83
C GLY A 99 -1.53 -12.14 -20.88
N VAL A 100 -1.80 -13.39 -20.56
CA VAL A 100 -1.65 -14.51 -21.49
C VAL A 100 -3.02 -14.81 -22.08
N THR A 101 -3.21 -14.47 -23.36
CA THR A 101 -4.48 -14.71 -24.02
C THR A 101 -4.73 -16.22 -24.13
N ILE A 102 -6.01 -16.58 -24.10
CA ILE A 102 -6.38 -17.99 -24.25
C ILE A 102 -6.01 -18.50 -25.64
N SER A 103 -5.98 -17.61 -26.64
CA SER A 103 -5.53 -18.01 -27.97
C SER A 103 -4.08 -18.46 -27.95
N SER A 104 -3.22 -17.76 -27.20
CA SER A 104 -1.81 -18.10 -27.17
C SER A 104 -1.59 -19.52 -26.64
N VAL A 105 -2.30 -19.89 -25.57
CA VAL A 105 -2.14 -21.22 -25.01
C VAL A 105 -2.89 -22.27 -25.84
N GLU A 106 -3.95 -21.88 -26.54
CA GLU A 106 -4.69 -22.82 -27.36
C GLU A 106 -4.10 -22.98 -28.76
N LYS A 107 -3.70 -21.88 -29.41
CA LYS A 107 -3.14 -21.99 -30.76
C LYS A 107 -1.75 -22.62 -30.75
N LYS A 108 -0.98 -22.42 -29.69
CA LYS A 108 0.34 -23.05 -29.63
C LYS A 108 0.22 -24.54 -29.33
N LEU A 109 -0.65 -24.91 -28.40
CA LEU A 109 -0.92 -26.31 -28.13
C LEU A 109 -1.87 -26.94 -29.13
N MET A 110 -2.33 -26.18 -30.13
CA MET A 110 -3.13 -26.74 -31.22
C MET A 110 -2.27 -27.56 -32.17
N ALA A 111 -1.00 -27.17 -32.35
CA ALA A 111 -0.14 -27.86 -33.31
C ALA A 111 0.19 -29.27 -32.85
N PHE A 112 0.48 -29.45 -31.56
CA PHE A 112 0.87 -30.77 -31.06
C PHE A 112 -0.28 -31.76 -31.19
N GLN A 113 -1.49 -31.36 -30.81
CA GLN A 113 -2.66 -32.23 -30.89
C GLN A 113 -3.90 -31.35 -30.98
N PRO A 114 -4.98 -31.86 -31.54
CA PRO A 114 -6.24 -31.09 -31.57
C PRO A 114 -6.93 -31.11 -30.22
N ALA A 115 -7.99 -30.31 -30.13
CA ALA A 115 -8.85 -30.19 -28.95
C ALA A 115 -8.05 -29.84 -27.70
N PRO A 116 -7.52 -28.62 -27.59
CA PRO A 116 -6.81 -28.23 -26.36
C PRO A 116 -7.74 -27.58 -25.33
N LYS A 117 -7.72 -28.09 -24.10
CA LYS A 117 -8.52 -27.55 -23.01
C LYS A 117 -7.65 -26.62 -22.19
N VAL A 118 -7.98 -25.33 -22.19
CA VAL A 118 -7.24 -24.35 -21.40
C VAL A 118 -8.21 -23.44 -20.67
N ILE A 119 -7.76 -22.91 -19.54
CA ILE A 119 -8.52 -21.94 -18.76
C ILE A 119 -7.58 -20.85 -18.27
N ARG A 120 -8.03 -19.61 -18.37
CA ARG A 120 -7.29 -18.47 -17.86
C ARG A 120 -7.87 -18.07 -16.50
N CYS A 121 -6.99 -17.75 -15.55
CA CYS A 121 -7.45 -17.40 -14.22
C CYS A 121 -6.56 -16.31 -13.63
N MET A 122 -7.07 -15.64 -12.59
CA MET A 122 -6.32 -14.61 -11.89
C MET A 122 -6.61 -14.77 -10.40
N THR A 123 -5.88 -15.69 -9.77
CA THR A 123 -6.00 -15.91 -8.34
C THR A 123 -4.98 -15.06 -7.59
N ASN A 124 -5.37 -14.58 -6.43
CA ASN A 124 -4.50 -13.73 -5.62
C ASN A 124 -3.48 -14.59 -4.88
N THR A 125 -2.65 -13.94 -4.07
CA THR A 125 -1.71 -14.64 -3.21
C THR A 125 -2.27 -14.88 -1.81
N PRO A 126 -3.21 -14.06 -1.28
CA PRO A 126 -3.82 -14.40 0.01
C PRO A 126 -4.69 -15.65 0.01
N VAL A 127 -4.42 -16.60 -0.88
CA VAL A 127 -5.13 -17.87 -0.86
C VAL A 127 -4.50 -18.86 0.10
N VAL A 128 -3.33 -18.54 0.65
CA VAL A 128 -2.71 -19.40 1.67
C VAL A 128 -3.60 -19.50 2.89
N VAL A 129 -4.37 -18.45 3.18
CA VAL A 129 -5.30 -18.44 4.30
C VAL A 129 -6.73 -18.72 3.84
N GLN A 130 -6.89 -19.38 2.68
CA GLN A 130 -8.16 -19.88 2.19
C GLN A 130 -9.17 -18.78 1.86
N GLU A 131 -8.73 -17.54 1.69
CA GLU A 131 -9.64 -16.43 1.44
C GLU A 131 -9.20 -15.56 0.27
N GLY A 132 -8.60 -16.18 -0.76
CA GLY A 132 -8.19 -15.44 -1.92
C GLY A 132 -9.35 -15.12 -2.85
N ALA A 133 -9.02 -14.41 -3.93
CA ALA A 133 -10.01 -14.02 -4.93
C ALA A 133 -9.51 -14.43 -6.31
N THR A 134 -10.35 -15.13 -7.06
CA THR A 134 -9.98 -15.61 -8.38
C THR A 134 -11.19 -15.59 -9.31
N VAL A 135 -10.89 -15.49 -10.61
CA VAL A 135 -11.91 -15.60 -11.65
C VAL A 135 -11.31 -16.47 -12.76
N TYR A 136 -12.19 -17.02 -13.60
CA TYR A 136 -11.75 -17.84 -14.70
C TYR A 136 -12.67 -17.65 -15.91
N ALA A 137 -12.16 -18.03 -17.08
CA ALA A 137 -12.90 -17.98 -18.33
C ALA A 137 -12.78 -19.31 -19.03
N THR A 138 -13.91 -19.87 -19.47
CA THR A 138 -13.90 -21.16 -20.15
C THR A 138 -13.37 -21.00 -21.57
N GLY A 139 -12.40 -21.84 -21.93
CA GLY A 139 -11.85 -21.82 -23.27
C GLY A 139 -12.83 -22.36 -24.29
N THR A 140 -12.31 -22.60 -25.50
CA THR A 140 -13.14 -23.11 -26.58
C THR A 140 -13.53 -24.56 -26.33
N HIS A 141 -12.54 -25.43 -26.18
CA HIS A 141 -12.77 -26.85 -25.95
C HIS A 141 -12.91 -27.20 -24.47
N ALA A 142 -12.99 -26.21 -23.60
CA ALA A 142 -13.16 -26.45 -22.17
C ALA A 142 -14.65 -26.71 -21.90
N LEU A 143 -14.95 -27.93 -21.47
CA LEU A 143 -16.33 -28.35 -21.29
C LEU A 143 -16.87 -27.91 -19.93
N VAL A 144 -18.15 -28.19 -19.69
CA VAL A 144 -18.79 -27.80 -18.45
C VAL A 144 -18.17 -28.54 -17.27
N GLU A 145 -17.92 -29.85 -17.44
CA GLU A 145 -17.30 -30.62 -16.36
C GLU A 145 -15.93 -30.10 -16.00
N ASP A 146 -15.17 -29.61 -16.99
CA ASP A 146 -13.83 -29.09 -16.72
C ASP A 146 -13.91 -27.82 -15.87
N GLY A 147 -14.87 -26.96 -16.15
CA GLY A 147 -15.04 -25.75 -15.36
C GLY A 147 -15.64 -25.99 -13.99
N GLN A 148 -16.51 -26.99 -13.86
CA GLN A 148 -17.11 -27.29 -12.56
C GLN A 148 -16.05 -27.72 -11.56
N LEU A 149 -15.06 -28.49 -12.00
CA LEU A 149 -13.98 -28.90 -11.11
C LEU A 149 -13.10 -27.72 -10.74
N LEU A 150 -12.82 -26.83 -11.70
CA LEU A 150 -11.92 -25.72 -11.42
C LEU A 150 -12.52 -24.76 -10.40
N GLU A 151 -13.80 -24.40 -10.57
CA GLU A 151 -14.45 -23.54 -9.59
C GLU A 151 -14.46 -24.20 -8.23
N GLN A 152 -14.95 -25.45 -8.16
CA GLN A 152 -14.93 -26.21 -6.91
C GLN A 152 -13.52 -26.28 -6.32
N LEU A 153 -12.51 -26.37 -7.19
CA LEU A 153 -11.14 -26.41 -6.70
C LEU A 153 -10.73 -25.08 -6.09
N MET A 154 -11.07 -23.96 -6.73
CA MET A 154 -10.69 -22.65 -6.27
C MET A 154 -11.78 -21.94 -5.46
N SER A 155 -12.97 -22.55 -5.33
CA SER A 155 -13.95 -22.01 -4.39
C SER A 155 -13.59 -22.39 -2.96
N SER A 156 -12.96 -23.54 -2.75
CA SER A 156 -12.30 -23.82 -1.48
C SER A 156 -11.20 -22.82 -1.18
N VAL A 157 -10.67 -22.17 -2.22
CA VAL A 157 -9.64 -21.16 -2.08
C VAL A 157 -10.25 -19.80 -1.75
N GLY A 158 -11.47 -19.54 -2.21
CA GLY A 158 -12.13 -18.27 -1.92
C GLY A 158 -13.22 -17.93 -2.90
N PHE A 159 -13.23 -16.69 -3.38
CA PHE A 159 -14.23 -16.25 -4.34
C PHE A 159 -13.81 -16.69 -5.73
N CYS A 160 -14.68 -17.44 -6.40
CA CYS A 160 -14.38 -17.97 -7.73
C CYS A 160 -15.65 -17.91 -8.57
N THR A 161 -15.58 -17.20 -9.70
CA THR A 161 -16.70 -17.08 -10.62
C THR A 161 -16.20 -17.17 -12.04
N GLU A 162 -17.14 -17.22 -12.98
CA GLU A 162 -16.84 -17.31 -14.41
C GLU A 162 -17.08 -15.95 -15.05
N VAL A 163 -15.99 -15.25 -15.37
CA VAL A 163 -16.07 -14.00 -16.11
C VAL A 163 -15.55 -14.25 -17.51
N GLU A 164 -15.91 -13.35 -18.43
CA GLU A 164 -15.38 -13.41 -19.78
C GLU A 164 -13.97 -12.83 -19.79
N GLU A 165 -13.10 -13.41 -20.61
CA GLU A 165 -11.67 -13.11 -20.53
C GLU A 165 -11.32 -11.68 -20.91
N ASP A 166 -12.27 -10.89 -21.43
CA ASP A 166 -12.00 -9.48 -21.68
C ASP A 166 -12.03 -8.64 -20.41
N LEU A 167 -12.43 -9.22 -19.28
CA LEU A 167 -12.48 -8.50 -18.01
C LEU A 167 -11.43 -8.98 -17.01
N ILE A 168 -10.62 -9.98 -17.36
CA ILE A 168 -9.62 -10.49 -16.43
C ILE A 168 -8.44 -9.54 -16.28
N ASP A 169 -8.19 -8.68 -17.27
CA ASP A 169 -7.15 -7.68 -17.13
C ASP A 169 -7.52 -6.63 -16.08
N ALA A 170 -8.81 -6.27 -15.98
CA ALA A 170 -9.24 -5.34 -14.95
C ALA A 170 -9.31 -5.99 -13.57
N VAL A 171 -9.65 -7.28 -13.51
CA VAL A 171 -9.61 -8.01 -12.25
C VAL A 171 -8.19 -8.07 -11.71
N THR A 172 -7.20 -8.08 -12.61
CA THR A 172 -5.80 -8.06 -12.21
C THR A 172 -5.48 -6.86 -11.33
N GLY A 173 -6.01 -5.69 -11.67
CA GLY A 173 -5.75 -4.49 -10.89
C GLY A 173 -6.51 -4.42 -9.58
N LEU A 174 -7.60 -5.19 -9.46
CA LEU A 174 -8.43 -5.16 -8.26
C LEU A 174 -8.29 -6.40 -7.38
N SER A 175 -8.02 -7.57 -7.98
CA SER A 175 -7.90 -8.80 -7.22
C SER A 175 -6.46 -9.29 -7.10
N GLY A 176 -5.61 -8.97 -8.07
CA GLY A 176 -4.24 -9.41 -8.09
C GLY A 176 -3.27 -8.44 -7.44
N SER A 177 -3.35 -7.17 -7.82
CA SER A 177 -2.59 -6.12 -7.19
C SER A 177 -3.26 -5.56 -5.94
N GLY A 178 -4.51 -5.94 -5.71
CA GLY A 178 -5.27 -5.48 -4.56
C GLY A 178 -4.62 -5.74 -3.21
N PRO A 179 -4.25 -6.99 -2.91
CA PRO A 179 -3.66 -7.29 -1.59
C PRO A 179 -2.46 -6.44 -1.25
N ALA A 180 -1.66 -6.04 -2.24
CA ALA A 180 -0.50 -5.19 -1.96
C ALA A 180 -0.94 -3.84 -1.41
N TYR A 181 -2.13 -3.36 -1.80
CA TYR A 181 -2.62 -2.09 -1.29
C TYR A 181 -2.91 -2.17 0.20
N ALA A 182 -3.52 -3.28 0.66
CA ALA A 182 -3.81 -3.44 2.08
C ALA A 182 -2.54 -3.59 2.90
N PHE A 183 -1.50 -4.23 2.34
CA PHE A 183 -0.24 -4.35 3.04
C PHE A 183 0.38 -3.00 3.30
N MET A 184 0.39 -2.13 2.28
CA MET A 184 0.88 -0.78 2.47
C MET A 184 -0.06 0.05 3.33
N ALA A 185 -1.37 -0.19 3.22
CA ALA A 185 -2.33 0.53 4.06
C ALA A 185 -2.19 0.14 5.52
N LEU A 186 -2.09 -1.17 5.80
CA LEU A 186 -1.92 -1.63 7.18
C LEU A 186 -0.55 -1.25 7.73
N ASP A 187 0.41 -0.93 6.87
CA ASP A 187 1.68 -0.41 7.34
C ASP A 187 1.53 1.02 7.85
N ALA A 188 0.86 1.88 7.07
CA ALA A 188 0.66 3.26 7.47
C ALA A 188 -0.19 3.35 8.73
N LEU A 189 -1.23 2.52 8.81
CA LEU A 189 -2.06 2.49 10.02
C LEU A 189 -1.22 2.08 11.23
N ALA A 190 -0.48 0.97 11.10
CA ALA A 190 0.42 0.57 12.18
C ALA A 190 1.47 1.64 12.47
N ASP A 191 1.93 2.34 11.43
CA ASP A 191 2.83 3.46 11.63
C ASP A 191 2.14 4.64 12.31
N GLY A 192 0.80 4.67 12.30
CA GLY A 192 0.06 5.68 13.00
C GLY A 192 -0.20 5.29 14.44
N GLY A 193 -0.22 3.98 14.70
CA GLY A 193 -0.39 3.52 16.07
C GLY A 193 0.78 3.87 16.96
N VAL A 194 2.00 3.68 16.45
CA VAL A 194 3.20 4.04 17.22
C VAL A 194 3.25 5.54 17.46
N LYS A 195 2.94 6.33 16.44
CA LYS A 195 2.99 7.79 16.59
C LYS A 195 2.02 8.28 17.65
N MET A 196 0.90 7.57 17.84
CA MET A 196 -0.09 7.94 18.84
C MET A 196 0.00 7.12 20.11
N GLY A 197 0.95 6.18 20.18
CA GLY A 197 1.24 5.48 21.43
C GLY A 197 0.84 4.03 21.48
N LEU A 198 0.79 3.37 20.32
CA LEU A 198 0.45 1.95 20.33
C LEU A 198 1.67 1.11 19.95
N PRO A 199 1.80 -0.08 20.53
CA PRO A 199 2.90 -0.97 20.13
C PRO A 199 2.78 -1.37 18.67
N ARG A 200 3.92 -1.75 18.09
CA ARG A 200 3.96 -2.09 16.67
C ARG A 200 3.11 -3.31 16.37
N ARG A 201 3.31 -4.40 17.12
CA ARG A 201 2.55 -5.62 16.88
C ARG A 201 1.06 -5.40 17.12
N LEU A 202 0.71 -4.67 18.19
CA LEU A 202 -0.69 -4.39 18.46
C LEU A 202 -1.28 -3.47 17.40
N ALA A 203 -0.48 -2.56 16.84
CA ALA A 203 -0.98 -1.72 15.77
C ALA A 203 -1.20 -2.50 14.48
N ILE A 204 -0.49 -3.62 14.31
CA ILE A 204 -0.74 -4.47 13.16
C ILE A 204 -1.96 -5.36 13.38
N GLN A 205 -2.11 -5.87 14.61
CA GLN A 205 -3.20 -6.81 14.89
C GLN A 205 -4.55 -6.11 15.00
N LEU A 206 -4.57 -4.90 15.56
CA LEU A 206 -5.83 -4.18 15.71
C LEU A 206 -6.40 -3.77 14.35
N GLY A 207 -5.55 -3.20 13.49
CA GLY A 207 -6.02 -2.75 12.19
C GLY A 207 -6.35 -3.89 11.24
N ALA A 208 -5.69 -5.04 11.41
CA ALA A 208 -5.90 -6.15 10.49
C ALA A 208 -7.32 -6.70 10.60
N GLN A 209 -7.80 -6.92 11.81
CA GLN A 209 -9.18 -7.38 11.98
C GLN A 209 -10.18 -6.28 11.63
N ALA A 210 -9.76 -5.01 11.76
CA ALA A 210 -10.62 -3.92 11.32
C ALA A 210 -10.83 -3.95 9.81
N LEU A 211 -9.82 -4.37 9.06
CA LEU A 211 -9.98 -4.54 7.62
C LEU A 211 -10.74 -5.83 7.29
N LEU A 212 -10.56 -6.89 8.09
CA LEU A 212 -11.34 -8.10 7.92
C LEU A 212 -12.81 -7.84 8.20
N GLY A 213 -13.11 -7.21 9.34
CA GLY A 213 -14.49 -6.91 9.68
C GLY A 213 -15.15 -5.96 8.71
N ALA A 214 -14.38 -5.03 8.15
CA ALA A 214 -14.94 -4.12 7.15
C ALA A 214 -15.18 -4.83 5.83
N ALA A 215 -14.28 -5.74 5.44
CA ALA A 215 -14.47 -6.48 4.22
C ALA A 215 -15.53 -7.55 4.37
N LYS A 216 -15.54 -8.26 5.51
CA LYS A 216 -16.53 -9.31 5.73
C LYS A 216 -17.94 -8.72 5.86
N MET A 217 -18.06 -7.52 6.44
CA MET A 217 -19.37 -6.88 6.52
C MET A 217 -19.91 -6.56 5.13
N LEU A 218 -19.06 -6.00 4.27
CA LEU A 218 -19.50 -5.64 2.92
C LEU A 218 -19.87 -6.86 2.09
N LEU A 219 -19.23 -8.00 2.34
CA LEU A 219 -19.48 -9.19 1.54
C LEU A 219 -20.85 -9.79 1.85
N ASP A 220 -21.09 -10.13 3.13
CA ASP A 220 -22.35 -10.77 3.49
C ASP A 220 -23.50 -9.77 3.54
N SER A 221 -23.26 -8.58 4.09
CA SER A 221 -24.27 -7.53 4.12
C SER A 221 -24.11 -6.66 2.88
N GLU A 222 -25.05 -6.80 1.94
CA GLU A 222 -24.90 -6.18 0.62
C GLU A 222 -25.30 -4.71 0.63
N GLN A 223 -25.04 -4.02 1.73
CA GLN A 223 -25.22 -2.58 1.74
C GLN A 223 -24.09 -1.91 0.95
N HIS A 224 -24.37 -0.71 0.47
CA HIS A 224 -23.34 0.03 -0.24
C HIS A 224 -22.21 0.38 0.72
N PRO A 225 -20.95 0.29 0.28
CA PRO A 225 -19.82 0.55 1.19
C PRO A 225 -19.89 1.88 1.89
N CYS A 226 -20.42 2.92 1.24
CA CYS A 226 -20.54 4.22 1.89
C CYS A 226 -21.60 4.18 2.99
N GLN A 227 -22.69 3.43 2.78
CA GLN A 227 -23.71 3.29 3.81
C GLN A 227 -23.14 2.63 5.06
N LEU A 228 -22.28 1.63 4.88
CA LEU A 228 -21.59 1.03 6.02
C LEU A 228 -20.62 2.02 6.67
N LYS A 229 -20.08 2.95 5.89
CA LYS A 229 -19.23 4.00 6.44
C LYS A 229 -20.05 5.03 7.22
N ASP A 230 -21.26 5.33 6.73
CA ASP A 230 -22.09 6.35 7.38
C ASP A 230 -22.60 5.88 8.73
N ASN A 231 -22.87 4.57 8.88
CA ASN A 231 -23.32 4.05 10.16
C ASN A 231 -22.21 4.02 11.20
N VAL A 232 -20.96 4.00 10.76
CA VAL A 232 -19.84 4.08 11.70
C VAL A 232 -19.66 5.50 12.20
N CYS A 233 -19.76 6.48 11.31
CA CYS A 233 -19.57 7.89 11.67
C CYS A 233 -20.69 8.35 12.58
N SER A 234 -20.37 8.57 13.85
CA SER A 234 -21.33 9.19 14.74
C SER A 234 -21.30 10.71 14.56
N PRO A 235 -22.46 11.37 14.55
CA PRO A 235 -22.47 12.83 14.35
C PRO A 235 -21.66 13.54 15.42
N GLY A 236 -20.73 14.38 14.97
CA GLY A 236 -19.81 15.03 15.89
C GLY A 236 -18.84 14.08 16.53
N GLY A 237 -18.35 13.10 15.77
CA GLY A 237 -17.44 12.10 16.28
C GLY A 237 -16.04 12.22 15.69
N ALA A 238 -15.16 11.35 16.18
CA ALA A 238 -13.77 11.37 15.73
C ALA A 238 -13.61 10.81 14.32
N THR A 239 -14.56 9.99 13.86
CA THR A 239 -14.40 9.36 12.55
C THR A 239 -14.57 10.37 11.42
N THR A 240 -15.50 11.32 11.58
CA THR A 240 -15.75 12.27 10.50
C THR A 240 -14.60 13.26 10.33
N HIS A 241 -13.93 13.62 11.43
CA HIS A 241 -12.77 14.49 11.33
C HIS A 241 -11.62 13.79 10.63
N ALA A 242 -11.47 12.48 10.84
CA ALA A 242 -10.38 11.74 10.21
C ALA A 242 -10.64 11.53 8.72
N LEU A 243 -11.89 11.24 8.35
CA LEU A 243 -12.23 11.05 6.94
C LEU A 243 -11.96 12.31 6.12
N HIS A 244 -12.02 13.48 6.76
CA HIS A 244 -11.74 14.73 6.07
C HIS A 244 -10.29 14.76 5.58
N PHE A 245 -9.36 14.30 6.41
CA PHE A 245 -7.95 14.31 6.02
C PHE A 245 -7.66 13.33 4.88
N LEU A 246 -8.45 12.28 4.76
CA LEU A 246 -8.25 11.31 3.68
C LEU A 246 -8.70 11.89 2.35
N GLU A 247 -9.87 12.51 2.32
CA GLU A 247 -10.42 13.04 1.07
C GLU A 247 -9.79 14.38 0.68
N SER A 248 -9.07 15.03 1.60
CA SER A 248 -8.34 16.24 1.23
C SER A 248 -7.16 15.91 0.31
N GLY A 249 -6.42 14.86 0.63
CA GLY A 249 -5.34 14.39 -0.21
C GLY A 249 -5.77 13.46 -1.32
N GLY A 250 -7.07 13.26 -1.50
CA GLY A 250 -7.58 12.38 -2.54
C GLY A 250 -7.31 10.91 -2.28
N PHE A 251 -7.79 10.42 -1.12
CA PHE A 251 -7.69 8.99 -0.80
C PHE A 251 -8.35 8.13 -1.87
N ARG A 252 -9.57 8.50 -2.27
CA ARG A 252 -10.27 7.77 -3.32
C ARG A 252 -9.54 7.86 -4.65
N SER A 253 -9.02 9.04 -4.98
CA SER A 253 -8.40 9.25 -6.28
C SER A 253 -7.17 8.36 -6.48
N LEU A 254 -6.37 8.18 -5.43
CA LEU A 254 -5.15 7.38 -5.56
C LEU A 254 -5.47 5.92 -5.88
N LEU A 255 -6.38 5.32 -5.10
CA LEU A 255 -6.74 3.92 -5.34
C LEU A 255 -7.43 3.74 -6.69
N ILE A 256 -8.05 4.78 -7.22
CA ILE A 256 -8.73 4.66 -8.51
C ILE A 256 -7.70 4.59 -9.64
N ASN A 257 -6.80 5.56 -9.72
CA ASN A 257 -5.77 5.53 -10.76
C ASN A 257 -4.72 4.46 -10.51
N ALA A 258 -4.77 3.77 -9.36
CA ALA A 258 -3.86 2.64 -9.14
C ALA A 258 -4.31 1.41 -9.93
N VAL A 259 -5.59 1.05 -9.81
CA VAL A 259 -6.12 -0.08 -10.56
C VAL A 259 -6.03 0.19 -12.06
N GLU A 260 -6.14 1.46 -12.47
CA GLU A 260 -6.05 1.79 -13.89
C GLU A 260 -4.66 1.51 -14.43
N ALA A 261 -3.62 1.86 -13.69
CA ALA A 261 -2.26 1.65 -14.16
C ALA A 261 -1.89 0.17 -14.16
N SER A 262 -2.39 -0.59 -13.19
CA SER A 262 -2.12 -2.03 -13.15
C SER A 262 -2.72 -2.74 -14.34
N CYS A 263 -3.94 -2.36 -14.72
CA CYS A 263 -4.58 -2.95 -15.90
C CYS A 263 -3.99 -2.42 -17.20
N ILE A 264 -3.55 -1.16 -17.22
CA ILE A 264 -3.04 -0.56 -18.45
C ILE A 264 -1.72 -1.23 -18.86
N ARG A 265 -0.82 -1.42 -17.90
CA ARG A 265 0.48 -2.00 -18.24
C ARG A 265 0.34 -3.47 -18.63
N THR A 266 -0.57 -4.20 -17.96
CA THR A 266 -0.77 -5.60 -18.29
C THR A 266 -1.21 -5.76 -19.74
N ARG A 267 -1.96 -4.80 -20.27
CA ARG A 267 -2.30 -4.83 -21.69
C ARG A 267 -1.09 -4.46 -22.55
N GLU A 268 -0.30 -3.48 -22.11
CA GLU A 268 0.88 -3.07 -22.87
C GLU A 268 1.92 -4.17 -22.90
N LEU A 269 2.16 -4.83 -21.76
CA LEU A 269 3.13 -5.91 -21.72
C LEU A 269 2.68 -7.10 -22.54
N GLN A 270 1.38 -7.43 -22.50
CA GLN A 270 0.87 -8.55 -23.27
C GLN A 270 0.98 -8.33 -24.77
N SER A 271 1.14 -7.07 -25.21
CA SER A 271 1.37 -6.76 -26.61
C SER A 271 2.82 -7.09 -27.00
N MET A 272 3.13 -8.39 -26.94
CA MET A 272 4.46 -8.89 -27.25
C MET A 272 4.42 -10.38 -27.58
N VAL B 4 -44.54 2.11 -28.43
CA VAL B 4 -43.45 2.24 -27.48
C VAL B 4 -42.73 0.91 -27.27
N GLY B 5 -41.61 0.73 -27.97
CA GLY B 5 -40.80 -0.47 -27.83
C GLY B 5 -39.43 -0.17 -27.27
N PHE B 6 -38.99 -0.97 -26.30
CA PHE B 6 -37.73 -0.74 -25.61
C PHE B 6 -36.86 -1.99 -25.70
N ILE B 7 -35.61 -1.81 -26.13
CA ILE B 7 -34.63 -2.88 -26.19
C ILE B 7 -33.68 -2.73 -25.01
N GLY B 8 -33.46 -3.82 -24.28
CA GLY B 8 -32.67 -3.76 -23.06
C GLY B 8 -33.51 -3.25 -21.90
N ALA B 9 -33.33 -3.84 -20.72
CA ALA B 9 -34.08 -3.45 -19.53
C ALA B 9 -33.17 -2.82 -18.48
N GLY B 10 -32.25 -1.97 -18.92
CA GLY B 10 -31.36 -1.28 -18.01
C GLY B 10 -32.09 -0.28 -17.14
N GLN B 11 -31.31 0.44 -16.35
CA GLN B 11 -31.88 1.48 -15.48
C GLN B 11 -32.62 2.54 -16.30
N LEU B 12 -32.07 2.90 -17.45
CA LEU B 12 -32.70 3.92 -18.29
C LEU B 12 -34.05 3.44 -18.83
N ALA B 13 -34.08 2.22 -19.38
CA ALA B 13 -35.32 1.71 -19.94
C ALA B 13 -36.41 1.59 -18.89
N TYR B 14 -36.04 1.22 -17.67
CA TYR B 14 -37.01 1.21 -16.58
C TYR B 14 -37.37 2.63 -16.16
N ALA B 15 -36.40 3.54 -16.16
CA ALA B 15 -36.64 4.90 -15.69
C ALA B 15 -37.55 5.67 -16.64
N LEU B 16 -37.39 5.46 -17.95
CA LEU B 16 -38.22 6.16 -18.92
C LEU B 16 -39.69 5.80 -18.75
N ALA B 17 -39.98 4.54 -18.43
CA ALA B 17 -41.37 4.12 -18.25
C ALA B 17 -42.00 4.75 -17.01
N ARG B 18 -41.20 5.03 -15.98
CA ARG B 18 -41.76 5.60 -14.76
C ARG B 18 -42.33 6.99 -15.01
N GLY B 19 -41.53 7.86 -15.63
CA GLY B 19 -42.04 9.18 -15.97
C GLY B 19 -43.18 9.13 -16.97
N PHE B 20 -43.23 8.08 -17.79
CA PHE B 20 -44.34 7.91 -18.71
C PHE B 20 -45.61 7.49 -17.98
N THR B 21 -45.46 6.67 -16.94
CA THR B 21 -46.62 6.19 -16.21
C THR B 21 -47.22 7.26 -15.31
N ALA B 22 -46.42 8.24 -14.90
CA ALA B 22 -46.92 9.30 -14.03
C ALA B 22 -48.03 10.09 -14.72
N ALA B 23 -47.70 10.77 -15.81
CA ALA B 23 -48.70 11.46 -16.61
C ALA B 23 -49.55 10.52 -17.45
N GLY B 24 -49.16 9.25 -17.55
CA GLY B 24 -49.91 8.27 -18.33
C GLY B 24 -50.01 8.62 -19.79
N ILE B 25 -48.87 8.98 -20.40
CA ILE B 25 -48.87 9.35 -21.82
C ILE B 25 -49.38 8.18 -22.66
N LEU B 26 -48.96 6.97 -22.33
CA LEU B 26 -49.51 5.76 -22.92
C LEU B 26 -49.69 4.72 -21.82
N SER B 27 -50.57 3.75 -22.09
CA SER B 27 -50.89 2.75 -21.09
C SER B 27 -49.68 1.89 -20.76
N ALA B 28 -49.59 1.48 -19.50
CA ALA B 28 -48.56 0.53 -19.10
C ALA B 28 -48.68 -0.79 -19.86
N HIS B 29 -49.87 -1.09 -20.37
CA HIS B 29 -50.04 -2.22 -21.29
C HIS B 29 -49.41 -1.95 -22.65
N LYS B 30 -49.23 -0.68 -23.02
CA LYS B 30 -48.69 -0.35 -24.33
C LYS B 30 -47.16 -0.42 -24.35
N ILE B 31 -46.51 -0.21 -23.21
CA ILE B 31 -45.06 -0.24 -23.14
C ILE B 31 -44.61 -1.70 -23.23
N ILE B 32 -43.91 -2.05 -24.32
CA ILE B 32 -43.37 -3.39 -24.52
C ILE B 32 -41.86 -3.29 -24.47
N ALA B 33 -41.24 -4.05 -23.58
CA ALA B 33 -39.80 -4.01 -23.38
C ALA B 33 -39.15 -5.32 -23.80
N SER B 34 -37.89 -5.24 -24.20
CA SER B 34 -37.10 -6.39 -24.62
C SER B 34 -35.86 -6.50 -23.74
N SER B 35 -35.52 -7.73 -23.34
CA SER B 35 -34.38 -7.93 -22.48
C SER B 35 -33.92 -9.39 -22.47
N PRO B 36 -32.65 -9.66 -22.75
CA PRO B 36 -32.11 -11.01 -22.53
C PRO B 36 -31.79 -11.32 -21.08
N GLU B 37 -32.28 -10.51 -20.15
CA GLU B 37 -31.92 -10.63 -18.75
C GLU B 37 -32.62 -11.81 -18.09
N MET B 38 -31.95 -12.40 -17.11
CA MET B 38 -32.54 -13.45 -16.27
C MET B 38 -33.11 -12.85 -14.99
N ASN B 39 -34.09 -11.96 -15.19
CA ASN B 39 -34.74 -11.21 -14.11
C ASN B 39 -33.72 -10.39 -13.32
N LEU B 40 -33.17 -9.39 -14.02
CA LEU B 40 -32.24 -8.46 -13.41
C LEU B 40 -32.94 -7.64 -12.32
N PRO B 41 -32.19 -7.07 -11.39
CA PRO B 41 -32.83 -6.23 -10.36
C PRO B 41 -33.60 -5.05 -10.93
N THR B 42 -33.20 -4.55 -12.10
CA THR B 42 -33.97 -3.49 -12.74
C THR B 42 -35.33 -4.01 -13.19
N VAL B 43 -35.35 -5.13 -13.93
CA VAL B 43 -36.60 -5.70 -14.41
C VAL B 43 -37.31 -6.53 -13.36
N SER B 44 -36.71 -6.72 -12.19
CA SER B 44 -37.35 -7.49 -11.13
C SER B 44 -38.66 -6.83 -10.70
N ALA B 45 -38.59 -5.59 -10.23
CA ALA B 45 -39.78 -4.84 -9.86
C ALA B 45 -40.36 -4.04 -11.02
N LEU B 46 -39.62 -3.91 -12.12
CA LEU B 46 -40.18 -3.27 -13.31
C LEU B 46 -41.41 -4.01 -13.80
N ARG B 47 -41.38 -5.34 -13.81
CA ARG B 47 -42.47 -6.14 -14.33
C ARG B 47 -43.70 -6.15 -13.43
N LYS B 48 -43.60 -5.58 -12.23
CA LYS B 48 -44.79 -5.40 -11.41
C LYS B 48 -45.64 -4.22 -11.85
N MET B 49 -45.09 -3.34 -12.71
CA MET B 49 -45.83 -2.22 -13.26
C MET B 49 -46.75 -2.63 -14.42
N GLY B 50 -47.08 -3.91 -14.54
CA GLY B 50 -47.90 -4.37 -15.65
C GLY B 50 -47.25 -4.16 -17.00
N VAL B 51 -45.95 -4.41 -17.09
CA VAL B 51 -45.19 -4.15 -18.31
C VAL B 51 -45.28 -5.36 -19.23
N ASN B 52 -44.90 -5.18 -20.49
CA ASN B 52 -44.90 -6.26 -21.48
C ASN B 52 -43.44 -6.63 -21.76
N LEU B 53 -42.89 -7.47 -20.89
CA LEU B 53 -41.51 -7.92 -21.00
C LEU B 53 -41.46 -9.33 -21.60
N THR B 54 -40.40 -9.57 -22.36
CA THR B 54 -40.12 -10.89 -22.90
C THR B 54 -38.62 -11.02 -23.10
N ARG B 55 -38.17 -12.26 -23.31
CA ARG B 55 -36.74 -12.50 -23.48
C ARG B 55 -36.25 -12.03 -24.84
N SER B 56 -37.13 -11.98 -25.84
CA SER B 56 -36.73 -11.64 -27.20
C SER B 56 -36.47 -10.15 -27.35
N ASN B 57 -35.46 -9.81 -28.14
CA ASN B 57 -35.16 -8.44 -28.52
C ASN B 57 -35.57 -8.15 -29.96
N LYS B 58 -36.42 -8.98 -30.53
CA LYS B 58 -36.87 -8.85 -31.91
C LYS B 58 -38.38 -8.67 -32.06
N GLU B 59 -39.18 -9.24 -31.15
CA GLU B 59 -40.62 -9.16 -31.28
C GLU B 59 -41.19 -7.85 -30.76
N THR B 60 -40.45 -7.16 -29.88
CA THR B 60 -40.87 -5.84 -29.40
C THR B 60 -40.53 -4.72 -30.38
N VAL B 61 -40.79 -4.94 -31.67
CA VAL B 61 -40.36 -4.00 -32.71
C VAL B 61 -41.55 -3.63 -33.60
N LYS B 62 -42.19 -4.64 -34.19
CA LYS B 62 -43.17 -4.39 -35.26
C LYS B 62 -44.38 -3.63 -34.74
N HIS B 63 -45.13 -4.22 -33.80
CA HIS B 63 -46.37 -3.62 -33.36
C HIS B 63 -46.16 -2.39 -32.48
N SER B 64 -44.98 -2.23 -31.90
CA SER B 64 -44.66 -1.02 -31.14
C SER B 64 -44.24 0.09 -32.10
N ASP B 65 -44.93 1.23 -32.01
CA ASP B 65 -44.72 2.29 -33.00
C ASP B 65 -43.33 2.89 -32.90
N VAL B 66 -42.92 3.31 -31.70
CA VAL B 66 -41.63 3.94 -31.49
C VAL B 66 -40.72 2.96 -30.75
N LEU B 67 -39.54 2.74 -31.31
CA LEU B 67 -38.57 1.78 -30.76
C LEU B 67 -37.37 2.54 -30.21
N PHE B 68 -37.04 2.30 -28.95
CA PHE B 68 -35.92 2.95 -28.28
C PHE B 68 -34.83 1.91 -28.01
N LEU B 69 -33.60 2.24 -28.38
CA LEU B 69 -32.45 1.36 -28.18
C LEU B 69 -31.66 1.84 -26.97
N ALA B 70 -32.14 1.46 -25.78
CA ALA B 70 -31.49 1.83 -24.53
C ALA B 70 -30.35 0.89 -24.16
N VAL B 71 -29.92 0.02 -25.08
CA VAL B 71 -28.84 -0.90 -24.75
C VAL B 71 -27.51 -0.17 -24.72
N LYS B 72 -26.51 -0.85 -24.16
CA LYS B 72 -25.20 -0.26 -23.98
C LYS B 72 -24.46 -0.17 -25.31
N PRO B 73 -23.58 0.81 -25.47
CA PRO B 73 -22.94 1.03 -26.79
C PRO B 73 -22.19 -0.18 -27.32
N HIS B 74 -21.66 -1.04 -26.45
CA HIS B 74 -20.93 -2.22 -26.92
C HIS B 74 -21.86 -3.16 -27.67
N ILE B 75 -23.08 -3.34 -27.18
CA ILE B 75 -24.00 -4.35 -27.71
C ILE B 75 -24.99 -3.79 -28.71
N ILE B 76 -24.99 -2.47 -28.93
CA ILE B 76 -25.93 -1.87 -29.88
C ILE B 76 -25.77 -2.42 -31.30
N PRO B 77 -24.57 -2.51 -31.87
CA PRO B 77 -24.47 -3.03 -33.24
C PRO B 77 -24.89 -4.49 -33.40
N PHE B 78 -24.87 -5.27 -32.32
CA PHE B 78 -25.22 -6.69 -32.43
C PHE B 78 -26.71 -6.90 -32.59
N ILE B 79 -27.53 -6.14 -31.85
CA ILE B 79 -28.98 -6.29 -31.94
C ILE B 79 -29.49 -5.73 -33.26
N LEU B 80 -28.91 -4.61 -33.72
CA LEU B 80 -29.41 -3.95 -34.92
C LEU B 80 -29.31 -4.85 -36.14
N ASP B 81 -28.24 -5.64 -36.24
CA ASP B 81 -28.12 -6.57 -37.37
C ASP B 81 -29.17 -7.67 -37.29
N GLU B 82 -29.65 -7.98 -36.09
CA GLU B 82 -30.63 -9.05 -35.94
C GLU B 82 -32.06 -8.58 -36.18
N ILE B 83 -32.34 -7.30 -35.97
CA ILE B 83 -33.67 -6.74 -36.14
C ILE B 83 -33.72 -5.72 -37.27
N GLY B 84 -32.67 -5.65 -38.09
CA GLY B 84 -32.69 -4.72 -39.21
C GLY B 84 -33.68 -5.11 -40.29
N ALA B 85 -33.95 -6.40 -40.43
CA ALA B 85 -34.90 -6.88 -41.43
C ALA B 85 -36.36 -6.65 -41.02
N ASP B 86 -36.61 -6.28 -39.77
CA ASP B 86 -37.97 -6.07 -39.29
C ASP B 86 -38.30 -4.61 -39.04
N VAL B 87 -37.34 -3.69 -39.17
CA VAL B 87 -37.59 -2.27 -39.00
C VAL B 87 -38.21 -1.74 -40.29
N GLN B 88 -39.47 -1.30 -40.19
CA GLN B 88 -40.19 -0.79 -41.35
C GLN B 88 -40.22 0.74 -41.32
N ALA B 89 -40.72 1.32 -42.43
CA ALA B 89 -40.79 2.76 -42.56
C ALA B 89 -41.75 3.41 -41.55
N ARG B 90 -42.59 2.62 -40.89
CA ARG B 90 -43.51 3.11 -39.87
C ARG B 90 -42.87 3.22 -38.49
N HIS B 91 -41.54 3.19 -38.40
CA HIS B 91 -40.84 3.07 -37.13
C HIS B 91 -39.96 4.29 -36.89
N ILE B 92 -40.05 4.83 -35.67
CA ILE B 92 -39.11 5.83 -35.18
C ILE B 92 -38.15 5.10 -34.26
N VAL B 93 -36.93 4.86 -34.73
CA VAL B 93 -35.90 4.22 -33.93
C VAL B 93 -35.09 5.30 -33.22
N VAL B 94 -34.89 5.13 -31.92
CA VAL B 94 -34.24 6.14 -31.09
C VAL B 94 -33.07 5.48 -30.36
N SER B 95 -31.85 5.94 -30.67
CA SER B 95 -30.64 5.47 -29.98
C SER B 95 -30.49 6.30 -28.71
N CYS B 96 -31.03 5.79 -27.62
CA CYS B 96 -31.04 6.50 -26.35
C CYS B 96 -29.70 6.42 -25.60
N ALA B 97 -28.70 5.77 -26.17
CA ALA B 97 -27.40 5.63 -25.55
C ALA B 97 -26.44 6.70 -26.06
N ALA B 98 -25.25 6.75 -25.45
CA ALA B 98 -24.20 7.67 -25.85
C ALA B 98 -23.13 6.93 -26.64
N GLY B 99 -22.25 7.72 -27.26
CA GLY B 99 -21.20 7.14 -28.08
C GLY B 99 -21.68 6.44 -29.33
N VAL B 100 -22.92 6.71 -29.74
CA VAL B 100 -23.51 6.10 -30.94
C VAL B 100 -23.94 7.22 -31.87
N THR B 101 -23.44 7.19 -33.10
CA THR B 101 -23.81 8.17 -34.11
C THR B 101 -25.05 7.71 -34.87
N ILE B 102 -25.60 8.62 -35.67
CA ILE B 102 -26.77 8.28 -36.47
C ILE B 102 -26.37 7.42 -37.67
N SER B 103 -25.26 7.78 -38.33
CA SER B 103 -24.83 7.04 -39.51
C SER B 103 -24.54 5.58 -39.18
N SER B 104 -24.14 5.27 -37.95
CA SER B 104 -23.96 3.88 -37.55
C SER B 104 -25.27 3.12 -37.59
N VAL B 105 -26.35 3.75 -37.13
CA VAL B 105 -27.68 3.14 -37.20
C VAL B 105 -28.35 3.39 -38.55
N GLU B 106 -28.12 4.55 -39.16
CA GLU B 106 -28.76 4.86 -40.43
C GLU B 106 -28.25 3.96 -41.55
N LYS B 107 -26.95 3.65 -41.56
CA LYS B 107 -26.40 2.82 -42.63
C LYS B 107 -26.61 1.34 -42.35
N LYS B 108 -26.60 0.92 -41.09
CA LYS B 108 -26.79 -0.49 -40.77
C LYS B 108 -28.21 -0.94 -41.11
N LEU B 109 -29.21 -0.14 -40.72
CA LEU B 109 -30.60 -0.44 -41.05
C LEU B 109 -30.94 -0.16 -42.50
N MET B 110 -30.02 0.45 -43.26
CA MET B 110 -30.31 0.78 -44.66
C MET B 110 -30.19 -0.42 -45.57
N ALA B 111 -29.36 -1.41 -45.21
CA ALA B 111 -29.15 -2.57 -46.07
C ALA B 111 -30.41 -3.42 -46.15
N PHE B 112 -30.96 -3.80 -45.00
CA PHE B 112 -32.16 -4.64 -45.00
C PHE B 112 -33.39 -3.86 -45.44
N GLN B 113 -33.47 -2.57 -45.11
CA GLN B 113 -34.61 -1.75 -45.47
C GLN B 113 -34.15 -0.37 -45.91
N PRO B 114 -34.34 -0.01 -47.17
CA PRO B 114 -33.88 1.30 -47.64
C PRO B 114 -34.74 2.43 -47.09
N ALA B 115 -34.15 3.63 -47.10
CA ALA B 115 -34.76 4.86 -46.60
C ALA B 115 -35.23 4.70 -45.15
N PRO B 116 -34.32 4.61 -44.19
CA PRO B 116 -34.72 4.47 -42.79
C PRO B 116 -34.97 5.82 -42.14
N LYS B 117 -35.74 5.78 -41.05
CA LYS B 117 -36.07 6.96 -40.26
C LYS B 117 -35.41 6.81 -38.89
N VAL B 118 -34.36 7.60 -38.63
CA VAL B 118 -33.55 7.47 -37.44
C VAL B 118 -33.56 8.78 -36.66
N ILE B 119 -33.65 8.68 -35.34
CA ILE B 119 -33.49 9.80 -34.44
C ILE B 119 -32.57 9.37 -33.30
N ARG B 120 -31.73 10.29 -32.83
CA ARG B 120 -30.80 10.02 -31.74
C ARG B 120 -31.06 10.96 -30.59
N CYS B 121 -30.70 10.53 -29.39
CA CYS B 121 -30.93 11.33 -28.19
C CYS B 121 -30.07 10.81 -27.05
N MET B 122 -29.90 11.65 -26.03
CA MET B 122 -29.26 11.28 -24.78
C MET B 122 -30.08 11.86 -23.65
N THR B 123 -30.48 11.01 -22.70
CA THR B 123 -31.29 11.43 -21.56
C THR B 123 -30.61 10.98 -20.28
N ASN B 124 -30.98 11.62 -19.18
CA ASN B 124 -30.40 11.34 -17.88
C ASN B 124 -31.30 10.40 -17.08
N THR B 125 -30.85 10.08 -15.88
CA THR B 125 -31.52 9.14 -14.98
C THR B 125 -32.66 9.74 -14.15
N PRO B 126 -32.68 11.07 -13.86
CA PRO B 126 -33.83 11.61 -13.11
C PRO B 126 -35.12 11.72 -13.91
N VAL B 127 -35.31 10.84 -14.91
CA VAL B 127 -36.60 10.79 -15.60
C VAL B 127 -37.64 10.00 -14.82
N VAL B 128 -37.24 9.35 -13.73
CA VAL B 128 -38.20 8.67 -12.87
C VAL B 128 -39.11 9.67 -12.19
N VAL B 129 -38.58 10.85 -11.83
CA VAL B 129 -39.34 11.84 -11.09
C VAL B 129 -39.89 12.89 -12.05
N GLN B 130 -39.75 12.61 -13.34
CA GLN B 130 -40.33 13.40 -14.43
C GLN B 130 -39.73 14.79 -14.53
N GLU B 131 -38.60 15.06 -13.87
CA GLU B 131 -37.93 16.35 -13.96
C GLU B 131 -36.53 16.21 -14.54
N GLY B 132 -36.36 15.28 -15.48
CA GLY B 132 -35.08 15.06 -16.12
C GLY B 132 -34.84 16.03 -17.27
N ALA B 133 -33.83 15.70 -18.07
CA ALA B 133 -33.48 16.53 -19.21
C ALA B 133 -33.08 15.64 -20.38
N THR B 134 -33.47 16.06 -21.59
CA THR B 134 -33.22 15.27 -22.79
C THR B 134 -33.09 16.21 -23.98
N VAL B 135 -32.28 15.82 -24.96
CA VAL B 135 -32.20 16.50 -26.25
C VAL B 135 -32.16 15.44 -27.33
N TYR B 136 -32.62 15.80 -28.53
CA TYR B 136 -32.62 14.88 -29.64
C TYR B 136 -32.38 15.65 -30.95
N ALA B 137 -32.14 14.90 -32.02
CA ALA B 137 -31.79 15.47 -33.30
C ALA B 137 -32.43 14.66 -34.43
N THR B 138 -33.02 15.36 -35.39
CA THR B 138 -33.58 14.73 -36.58
C THR B 138 -32.53 14.70 -37.68
N GLY B 139 -32.42 13.57 -38.36
CA GLY B 139 -31.36 13.37 -39.33
C GLY B 139 -31.78 12.94 -40.71
N THR B 140 -31.71 11.65 -40.97
CA THR B 140 -31.93 11.10 -42.31
C THR B 140 -33.38 11.27 -42.76
N HIS B 141 -34.31 10.59 -42.12
CA HIS B 141 -35.73 10.71 -42.42
C HIS B 141 -36.50 11.04 -41.14
N ALA B 142 -37.82 11.11 -41.27
CA ALA B 142 -38.70 11.51 -40.18
C ALA B 142 -38.22 12.83 -39.56
N LEU B 143 -38.00 13.82 -40.43
CA LEU B 143 -37.29 15.05 -40.07
C LEU B 143 -38.18 16.10 -39.41
N VAL B 144 -39.43 16.24 -39.85
CA VAL B 144 -40.25 17.36 -39.41
C VAL B 144 -41.39 16.89 -38.51
N GLU B 145 -42.33 16.13 -39.08
CA GLU B 145 -43.53 15.74 -38.34
C GLU B 145 -43.18 14.80 -37.20
N ASP B 146 -42.38 13.78 -37.46
CA ASP B 146 -42.05 12.80 -36.42
C ASP B 146 -41.09 13.34 -35.37
N GLY B 147 -40.48 14.50 -35.60
CA GLY B 147 -39.58 15.06 -34.61
C GLY B 147 -40.31 15.51 -33.35
N GLN B 148 -41.39 16.26 -33.52
CA GLN B 148 -42.14 16.76 -32.38
C GLN B 148 -42.81 15.64 -31.59
N LEU B 149 -42.94 14.45 -32.18
CA LEU B 149 -43.43 13.30 -31.42
C LEU B 149 -42.50 12.98 -30.27
N LEU B 150 -41.18 13.05 -30.51
CA LEU B 150 -40.23 12.83 -29.43
C LEU B 150 -40.34 13.92 -28.36
N GLU B 151 -40.53 15.17 -28.79
CA GLU B 151 -40.63 16.26 -27.83
C GLU B 151 -41.84 16.09 -26.92
N GLN B 152 -43.00 15.77 -27.50
CA GLN B 152 -44.19 15.54 -26.69
C GLN B 152 -44.01 14.34 -25.76
N LEU B 153 -43.35 13.29 -26.24
CA LEU B 153 -43.11 12.12 -25.41
C LEU B 153 -42.07 12.43 -24.32
N MET B 154 -41.02 13.16 -24.67
CA MET B 154 -39.97 13.50 -23.73
C MET B 154 -40.19 14.82 -23.01
N SER B 155 -41.35 15.45 -23.22
CA SER B 155 -41.77 16.55 -22.36
C SER B 155 -42.59 16.08 -21.17
N SER B 156 -43.05 14.83 -21.18
CA SER B 156 -43.60 14.24 -19.96
C SER B 156 -42.56 14.22 -18.86
N VAL B 157 -41.30 13.97 -19.22
CA VAL B 157 -40.18 14.19 -18.30
C VAL B 157 -39.74 15.64 -18.45
N GLY B 158 -38.73 16.04 -17.68
CA GLY B 158 -38.49 17.46 -17.42
C GLY B 158 -38.39 18.35 -18.63
N PHE B 159 -37.45 18.07 -19.54
CA PHE B 159 -37.06 19.07 -20.52
C PHE B 159 -36.63 18.42 -21.82
N CYS B 160 -36.85 19.12 -22.94
CA CYS B 160 -36.48 18.62 -24.25
C CYS B 160 -36.38 19.80 -25.22
N THR B 161 -35.34 19.78 -26.06
CA THR B 161 -35.12 20.82 -27.06
C THR B 161 -34.26 20.25 -28.17
N GLU B 162 -34.30 20.91 -29.32
CA GLU B 162 -33.59 20.45 -30.51
C GLU B 162 -32.17 20.97 -30.54
N VAL B 163 -31.22 20.04 -30.72
CA VAL B 163 -29.81 20.37 -30.94
C VAL B 163 -29.31 19.52 -32.10
N GLU B 164 -28.34 20.05 -32.83
CA GLU B 164 -27.67 19.25 -33.84
C GLU B 164 -26.88 18.13 -33.19
N GLU B 165 -26.78 16.98 -33.88
CA GLU B 165 -26.26 15.79 -33.25
C GLU B 165 -24.79 15.92 -32.85
N ASP B 166 -24.05 16.87 -33.43
CA ASP B 166 -22.67 17.07 -33.02
C ASP B 166 -22.58 17.55 -31.58
N LEU B 167 -23.55 18.35 -31.13
CA LEU B 167 -23.54 18.87 -29.77
C LEU B 167 -24.00 17.86 -28.73
N ILE B 168 -24.57 16.72 -29.15
CA ILE B 168 -25.08 15.74 -28.20
C ILE B 168 -23.96 15.16 -27.35
N ASP B 169 -22.76 15.01 -27.93
CA ASP B 169 -21.63 14.49 -27.16
C ASP B 169 -21.30 15.38 -25.98
N ALA B 170 -21.37 16.70 -26.17
CA ALA B 170 -21.12 17.63 -25.07
C ALA B 170 -22.28 17.65 -24.08
N VAL B 171 -23.48 17.31 -24.53
CA VAL B 171 -24.64 17.27 -23.64
C VAL B 171 -24.49 16.15 -22.62
N THR B 172 -23.75 15.09 -22.96
CA THR B 172 -23.60 13.97 -22.04
C THR B 172 -22.84 14.36 -20.79
N GLY B 173 -21.87 15.27 -20.91
CA GLY B 173 -21.10 15.68 -19.74
C GLY B 173 -21.83 16.63 -18.82
N LEU B 174 -22.71 17.46 -19.37
CA LEU B 174 -23.38 18.48 -18.57
C LEU B 174 -24.72 17.98 -18.00
N SER B 175 -25.47 17.20 -18.77
CA SER B 175 -26.76 16.69 -18.33
C SER B 175 -26.88 15.17 -18.36
N GLY B 176 -26.09 14.47 -19.17
CA GLY B 176 -26.10 13.02 -19.16
C GLY B 176 -25.45 12.47 -17.92
N SER B 177 -24.19 12.85 -17.69
CA SER B 177 -23.50 12.54 -16.44
C SER B 177 -23.67 13.63 -15.39
N GLY B 178 -24.42 14.69 -15.71
CA GLY B 178 -24.69 15.78 -14.80
C GLY B 178 -25.18 15.38 -13.43
N PRO B 179 -26.22 14.54 -13.36
CA PRO B 179 -26.72 14.12 -12.04
C PRO B 179 -25.66 13.43 -11.19
N ALA B 180 -24.75 12.67 -11.80
CA ALA B 180 -23.77 11.89 -11.05
C ALA B 180 -22.94 12.79 -10.14
N TYR B 181 -22.61 14.00 -10.59
CA TYR B 181 -21.84 14.91 -9.76
C TYR B 181 -22.65 15.38 -8.57
N ALA B 182 -23.95 15.64 -8.78
CA ALA B 182 -24.79 16.14 -7.69
C ALA B 182 -24.88 15.15 -6.55
N PHE B 183 -24.99 13.85 -6.86
CA PHE B 183 -25.03 12.85 -5.80
C PHE B 183 -23.74 12.85 -4.98
N MET B 184 -22.59 12.91 -5.66
CA MET B 184 -21.33 13.02 -4.94
C MET B 184 -21.22 14.36 -4.22
N ALA B 185 -21.80 15.42 -4.78
CA ALA B 185 -21.85 16.70 -4.09
C ALA B 185 -22.80 16.65 -2.91
N LEU B 186 -23.91 15.93 -3.05
CA LEU B 186 -24.88 15.84 -1.95
C LEU B 186 -24.33 15.03 -0.78
N ASP B 187 -23.68 13.90 -1.08
CA ASP B 187 -23.04 13.13 -0.02
C ASP B 187 -21.96 13.94 0.69
N ALA B 188 -21.24 14.77 -0.07
CA ALA B 188 -20.20 15.61 0.52
C ALA B 188 -20.80 16.65 1.45
N LEU B 189 -21.81 17.39 0.98
CA LEU B 189 -22.47 18.36 1.83
C LEU B 189 -23.05 17.70 3.08
N ALA B 190 -23.68 16.54 2.90
CA ALA B 190 -24.15 15.79 4.05
C ALA B 190 -23.01 15.35 4.94
N ASP B 191 -21.88 14.93 4.34
CA ASP B 191 -20.72 14.56 5.13
C ASP B 191 -20.19 15.74 5.94
N GLY B 192 -20.33 16.95 5.42
CA GLY B 192 -19.96 18.12 6.19
C GLY B 192 -20.92 18.41 7.33
N GLY B 193 -22.21 18.14 7.13
CA GLY B 193 -23.18 18.33 8.20
C GLY B 193 -23.06 17.28 9.29
N VAL B 194 -22.66 16.06 8.93
CA VAL B 194 -22.43 15.04 9.95
C VAL B 194 -21.20 15.39 10.77
N LYS B 195 -20.24 16.11 10.19
CA LYS B 195 -19.06 16.51 10.94
C LYS B 195 -19.38 17.60 11.97
N MET B 196 -20.35 18.47 11.67
CA MET B 196 -20.64 19.61 12.53
C MET B 196 -21.90 19.41 13.37
N GLY B 197 -22.32 18.16 13.57
CA GLY B 197 -23.39 17.86 14.52
C GLY B 197 -24.72 17.49 13.92
N LEU B 198 -24.89 17.56 12.60
CA LEU B 198 -26.22 17.17 12.14
C LEU B 198 -26.28 15.67 11.84
N PRO B 199 -27.41 15.02 12.11
CA PRO B 199 -27.54 13.59 11.78
C PRO B 199 -27.51 13.37 10.27
N ARG B 200 -27.43 12.09 9.91
CA ARG B 200 -27.22 11.72 8.51
C ARG B 200 -28.44 12.05 7.66
N ARG B 201 -29.62 11.54 8.04
CA ARG B 201 -30.81 11.71 7.22
C ARG B 201 -31.18 13.18 7.07
N LEU B 202 -30.99 13.97 8.13
CA LEU B 202 -31.26 15.40 8.03
C LEU B 202 -30.26 16.09 7.13
N ALA B 203 -28.99 15.69 7.20
CA ALA B 203 -27.98 16.31 6.35
C ALA B 203 -28.16 15.92 4.89
N ILE B 204 -28.58 14.68 4.63
CA ILE B 204 -28.84 14.26 3.25
C ILE B 204 -30.10 14.94 2.73
N GLN B 205 -31.11 15.12 3.58
CA GLN B 205 -32.36 15.73 3.13
C GLN B 205 -32.19 17.23 2.93
N LEU B 206 -31.61 17.92 3.92
CA LEU B 206 -31.39 19.36 3.79
C LEU B 206 -30.49 19.70 2.61
N GLY B 207 -29.62 18.76 2.21
CA GLY B 207 -28.72 19.03 1.11
C GLY B 207 -29.43 19.10 -0.24
N ALA B 208 -30.25 18.09 -0.53
CA ALA B 208 -30.94 18.07 -1.81
C ALA B 208 -31.96 19.18 -1.93
N GLN B 209 -32.59 19.57 -0.82
CA GLN B 209 -33.60 20.62 -0.86
C GLN B 209 -32.99 21.96 -1.25
N ALA B 210 -31.80 22.26 -0.74
CA ALA B 210 -31.13 23.51 -1.08
C ALA B 210 -30.76 23.54 -2.57
N LEU B 211 -30.20 22.44 -3.09
CA LEU B 211 -29.85 22.40 -4.50
C LEU B 211 -31.08 22.41 -5.38
N LEU B 212 -32.15 21.71 -4.96
CA LEU B 212 -33.36 21.65 -5.75
C LEU B 212 -34.00 23.02 -5.89
N GLY B 213 -34.15 23.73 -4.77
CA GLY B 213 -34.68 25.08 -4.83
C GLY B 213 -33.77 26.05 -5.56
N ALA B 214 -32.45 25.89 -5.43
CA ALA B 214 -31.52 26.76 -6.16
C ALA B 214 -31.58 26.51 -7.66
N ALA B 215 -31.87 25.28 -8.08
CA ALA B 215 -32.02 25.01 -9.50
C ALA B 215 -33.33 25.57 -10.03
N LYS B 216 -34.43 25.39 -9.31
CA LYS B 216 -35.71 25.94 -9.73
C LYS B 216 -35.68 27.46 -9.75
N MET B 217 -34.86 28.08 -8.89
CA MET B 217 -34.67 29.52 -8.95
C MET B 217 -34.02 29.93 -10.27
N LEU B 218 -32.88 29.31 -10.60
CA LEU B 218 -32.20 29.63 -11.85
C LEU B 218 -33.01 29.20 -13.06
N LEU B 219 -33.81 28.14 -12.92
CA LEU B 219 -34.63 27.69 -14.04
C LEU B 219 -35.74 28.70 -14.35
N ASP B 220 -36.46 29.14 -13.33
CA ASP B 220 -37.55 30.09 -13.54
C ASP B 220 -37.03 31.49 -13.80
N SER B 221 -36.14 31.98 -12.93
CA SER B 221 -35.60 33.33 -13.10
C SER B 221 -34.62 33.37 -14.26
N GLU B 222 -34.47 34.57 -14.84
CA GLU B 222 -33.54 34.81 -15.93
C GLU B 222 -32.23 35.41 -15.45
N GLN B 223 -32.10 35.70 -14.15
CA GLN B 223 -30.89 36.28 -13.63
C GLN B 223 -29.74 35.29 -13.71
N HIS B 224 -28.52 35.82 -13.85
CA HIS B 224 -27.35 34.97 -13.97
C HIS B 224 -27.13 34.21 -12.66
N PRO B 225 -26.68 32.95 -12.73
CA PRO B 225 -26.47 32.18 -11.50
C PRO B 225 -25.52 32.84 -10.52
N CYS B 226 -24.50 33.55 -11.01
CA CYS B 226 -23.64 34.31 -10.11
C CYS B 226 -24.44 35.41 -9.41
N GLN B 227 -25.30 36.11 -10.15
CA GLN B 227 -26.11 37.16 -9.55
C GLN B 227 -26.97 36.64 -8.41
N LEU B 228 -27.57 35.46 -8.59
CA LEU B 228 -28.35 34.86 -7.51
C LEU B 228 -27.46 34.48 -6.32
N LYS B 229 -26.21 34.14 -6.58
CA LYS B 229 -25.29 33.76 -5.50
C LYS B 229 -24.93 34.97 -4.65
N ASP B 230 -24.63 36.11 -5.27
CA ASP B 230 -24.20 37.29 -4.52
C ASP B 230 -25.32 37.84 -3.65
N ASN B 231 -26.58 37.67 -4.07
CA ASN B 231 -27.70 38.07 -3.24
C ASN B 231 -27.81 37.22 -1.97
N VAL B 232 -27.29 36.00 -2.01
CA VAL B 232 -27.29 35.16 -0.82
C VAL B 232 -26.22 35.61 0.16
N CYS B 233 -25.07 36.04 -0.34
CA CYS B 233 -23.94 36.40 0.50
C CYS B 233 -24.22 37.72 1.21
N SER B 234 -24.36 37.66 2.53
CA SER B 234 -24.43 38.88 3.32
C SER B 234 -23.02 39.38 3.63
N PRO B 235 -22.84 40.70 3.71
CA PRO B 235 -21.49 41.24 3.90
C PRO B 235 -20.87 40.75 5.21
N GLY B 236 -19.64 40.25 5.10
CA GLY B 236 -18.95 39.73 6.27
C GLY B 236 -19.64 38.55 6.90
N GLY B 237 -20.33 37.73 6.11
CA GLY B 237 -21.09 36.61 6.63
C GLY B 237 -20.35 35.28 6.50
N ALA B 238 -21.03 34.22 6.94
CA ALA B 238 -20.51 32.87 6.82
C ALA B 238 -20.54 32.33 5.39
N THR B 239 -21.42 32.85 4.53
CA THR B 239 -21.45 32.42 3.14
C THR B 239 -20.26 32.97 2.38
N THR B 240 -19.85 34.21 2.67
CA THR B 240 -18.71 34.80 1.98
C THR B 240 -17.42 34.08 2.35
N HIS B 241 -17.27 33.68 3.62
CA HIS B 241 -16.08 32.96 4.03
C HIS B 241 -16.07 31.54 3.46
N ALA B 242 -17.24 30.89 3.41
CA ALA B 242 -17.28 29.50 2.96
C ALA B 242 -17.06 29.36 1.47
N LEU B 243 -17.47 30.36 0.68
CA LEU B 243 -17.24 30.30 -0.76
C LEU B 243 -15.77 30.49 -1.12
N HIS B 244 -14.97 31.05 -0.20
CA HIS B 244 -13.54 31.16 -0.44
C HIS B 244 -12.88 29.79 -0.49
N PHE B 245 -13.29 28.89 0.42
CA PHE B 245 -12.68 27.56 0.47
C PHE B 245 -12.95 26.76 -0.79
N LEU B 246 -14.05 27.06 -1.48
CA LEU B 246 -14.34 26.37 -2.74
C LEU B 246 -13.54 26.98 -3.90
N GLU B 247 -13.34 28.29 -3.88
CA GLU B 247 -12.59 28.95 -4.94
C GLU B 247 -11.10 28.62 -4.90
N SER B 248 -10.58 28.24 -3.74
CA SER B 248 -9.17 27.89 -3.63
C SER B 248 -8.86 26.61 -4.41
N GLY B 249 -9.57 25.53 -4.09
CA GLY B 249 -9.41 24.28 -4.82
C GLY B 249 -9.98 24.29 -6.22
N GLY B 250 -10.56 25.40 -6.65
CA GLY B 250 -11.14 25.48 -7.97
C GLY B 250 -12.40 24.66 -8.11
N PHE B 251 -13.44 25.01 -7.34
CA PHE B 251 -14.71 24.29 -7.45
C PHE B 251 -15.28 24.39 -8.86
N ARG B 252 -14.97 25.48 -9.57
CA ARG B 252 -15.36 25.57 -10.97
C ARG B 252 -14.37 24.84 -11.87
N SER B 253 -13.09 24.84 -11.51
CA SER B 253 -12.08 24.20 -12.35
C SER B 253 -12.30 22.71 -12.45
N LEU B 254 -12.56 22.05 -11.32
CA LEU B 254 -12.78 20.61 -11.34
C LEU B 254 -14.01 20.25 -12.18
N LEU B 255 -15.07 21.05 -12.08
CA LEU B 255 -16.29 20.75 -12.81
C LEU B 255 -16.09 20.86 -14.32
N ILE B 256 -15.39 21.90 -14.77
CA ILE B 256 -15.12 22.06 -16.19
C ILE B 256 -14.29 20.90 -16.71
N ASN B 257 -13.39 20.36 -15.87
CA ASN B 257 -12.64 19.18 -16.28
C ASN B 257 -13.57 17.97 -16.46
N ALA B 258 -14.59 17.85 -15.61
CA ALA B 258 -15.50 16.71 -15.70
C ALA B 258 -16.34 16.78 -16.98
N VAL B 259 -16.98 17.92 -17.23
CA VAL B 259 -17.79 18.07 -18.44
C VAL B 259 -16.91 17.94 -19.67
N GLU B 260 -15.64 18.31 -19.57
CA GLU B 260 -14.72 18.11 -20.69
C GLU B 260 -14.37 16.64 -20.86
N ALA B 261 -14.25 15.91 -19.74
CA ALA B 261 -13.86 14.50 -19.81
C ALA B 261 -14.92 13.67 -20.51
N SER B 262 -16.19 13.90 -20.19
CA SER B 262 -17.25 13.11 -20.80
C SER B 262 -17.41 13.42 -22.28
N CYS B 263 -17.35 14.69 -22.65
CA CYS B 263 -17.43 15.05 -24.06
C CYS B 263 -16.26 14.51 -24.85
N ILE B 264 -15.08 14.42 -24.22
CA ILE B 264 -13.92 13.83 -24.88
C ILE B 264 -14.09 12.31 -24.97
N ARG B 265 -14.53 11.67 -23.88
CA ARG B 265 -14.67 10.23 -23.88
C ARG B 265 -15.78 9.76 -24.80
N THR B 266 -16.90 10.48 -24.82
CA THR B 266 -18.01 10.10 -25.70
C THR B 266 -17.61 10.19 -27.16
N ARG B 267 -16.88 11.23 -27.54
CA ARG B 267 -16.37 11.33 -28.90
C ARG B 267 -15.41 10.19 -29.22
N GLU B 268 -14.62 9.76 -28.22
CA GLU B 268 -13.66 8.68 -28.45
C GLU B 268 -14.38 7.38 -28.78
N LEU B 269 -15.49 7.10 -28.09
CA LEU B 269 -16.23 5.87 -28.35
C LEU B 269 -16.94 5.91 -29.71
N GLN B 270 -17.27 7.09 -30.20
CA GLN B 270 -17.95 7.20 -31.48
C GLN B 270 -17.06 6.70 -32.62
N SER B 271 -15.80 7.15 -32.63
CA SER B 271 -14.86 6.77 -33.69
C SER B 271 -14.19 5.42 -33.43
N MET B 272 -14.96 4.42 -33.01
CA MET B 272 -14.42 3.08 -32.78
C MET B 272 -15.32 2.02 -33.41
N VAL C 4 47.01 -4.41 -16.33
CA VAL C 4 45.77 -3.68 -16.51
C VAL C 4 46.00 -2.43 -17.34
N GLY C 5 45.02 -2.06 -18.15
CA GLY C 5 45.13 -0.89 -18.99
C GLY C 5 43.90 0.01 -18.94
N PHE C 6 44.10 1.27 -18.60
CA PHE C 6 43.02 2.25 -18.54
C PHE C 6 43.17 3.23 -19.69
N ILE C 7 42.13 3.34 -20.53
CA ILE C 7 42.17 4.31 -21.62
C ILE C 7 41.94 5.72 -21.10
N GLY C 8 40.99 5.88 -20.19
CA GLY C 8 40.71 7.17 -19.59
C GLY C 8 41.34 7.33 -18.22
N ALA C 9 41.16 8.52 -17.66
CA ALA C 9 41.71 8.84 -16.34
C ALA C 9 40.62 8.81 -15.28
N ALA C 13 38.26 4.83 -12.46
CA ALA C 13 39.62 4.68 -12.98
C ALA C 13 40.65 4.93 -11.88
N TYR C 14 40.92 6.20 -11.61
CA TYR C 14 41.79 6.54 -10.50
C TYR C 14 41.16 6.13 -9.16
N ALA C 15 39.84 6.04 -9.12
CA ALA C 15 39.16 5.53 -7.93
C ALA C 15 39.56 4.09 -7.66
N LEU C 16 39.53 3.24 -8.68
CA LEU C 16 40.01 1.88 -8.52
C LEU C 16 41.53 1.84 -8.34
N ALA C 17 42.25 2.70 -9.08
CA ALA C 17 43.70 2.73 -8.96
C ALA C 17 44.14 2.98 -7.53
N ARG C 18 43.45 3.89 -6.83
CA ARG C 18 43.72 4.08 -5.41
C ARG C 18 43.20 2.92 -4.59
N GLY C 19 42.06 2.35 -4.98
CA GLY C 19 41.47 1.24 -4.27
C GLY C 19 42.17 -0.08 -4.52
N PHE C 20 42.52 -0.34 -5.78
CA PHE C 20 43.18 -1.61 -6.11
C PHE C 20 44.58 -1.67 -5.52
N THR C 21 45.35 -0.59 -5.64
CA THR C 21 46.69 -0.58 -5.05
C THR C 21 46.62 -0.70 -3.54
N ALA C 22 45.54 -0.24 -2.93
CA ALA C 22 45.33 -0.39 -1.50
C ALA C 22 44.51 -1.63 -1.14
N ALA C 23 44.14 -2.45 -2.13
CA ALA C 23 43.42 -3.69 -1.87
C ALA C 23 44.33 -4.91 -1.86
N GLY C 24 45.58 -4.76 -2.26
CA GLY C 24 46.51 -5.88 -2.29
C GLY C 24 46.43 -6.74 -3.52
N ILE C 25 45.60 -6.40 -4.49
CA ILE C 25 45.45 -7.20 -5.70
C ILE C 25 45.86 -6.38 -6.92
N LEU C 26 46.73 -5.39 -6.71
CA LEU C 26 47.23 -4.57 -7.79
C LEU C 26 48.58 -3.99 -7.39
N SER C 27 49.54 -4.04 -8.31
CA SER C 27 50.89 -3.60 -8.02
C SER C 27 50.94 -2.09 -7.80
N ALA C 28 52.12 -1.60 -7.41
CA ALA C 28 52.30 -0.18 -7.15
C ALA C 28 52.02 0.65 -8.40
N HIS C 29 52.48 0.17 -9.56
CA HIS C 29 52.19 0.83 -10.82
C HIS C 29 52.33 -0.13 -11.99
N LYS C 30 51.45 -1.13 -12.06
CA LYS C 30 51.37 -2.03 -13.21
C LYS C 30 50.19 -1.71 -14.11
N ILE C 31 49.64 -0.50 -14.00
CA ILE C 31 48.49 -0.08 -14.78
C ILE C 31 48.91 1.11 -15.65
N ILE C 32 48.41 1.13 -16.88
CA ILE C 32 48.71 2.20 -17.83
C ILE C 32 47.51 3.13 -17.90
N ALA C 33 47.73 4.41 -17.60
CA ALA C 33 46.69 5.42 -17.59
C ALA C 33 46.91 6.35 -18.79
N SER C 34 46.31 6.00 -19.92
CA SER C 34 46.41 6.82 -21.13
C SER C 34 45.38 7.94 -21.10
N ASN C 39 45.46 16.09 -20.64
CA ASN C 39 45.91 16.82 -19.46
C ASN C 39 44.74 17.21 -18.56
N LEU C 40 44.82 16.79 -17.30
CA LEU C 40 43.82 17.14 -16.30
C LEU C 40 44.49 17.81 -15.10
N PRO C 41 43.80 18.76 -14.46
CA PRO C 41 44.40 19.45 -13.30
C PRO C 41 44.78 18.52 -12.15
N THR C 42 44.35 17.26 -12.18
CA THR C 42 44.73 16.27 -11.18
C THR C 42 45.54 15.14 -11.81
N VAL C 43 46.38 15.47 -12.80
CA VAL C 43 47.42 14.54 -13.25
C VAL C 43 48.34 14.19 -12.09
N SER C 44 48.70 15.19 -11.28
CA SER C 44 49.67 14.97 -10.21
C SER C 44 49.19 13.88 -9.25
N ALA C 45 47.89 13.83 -8.97
CA ALA C 45 47.36 12.75 -8.15
C ALA C 45 47.36 11.44 -8.92
N LEU C 46 47.08 11.49 -10.22
CA LEU C 46 47.10 10.28 -11.04
C LEU C 46 48.52 9.82 -11.35
N ARG C 47 49.48 10.75 -11.45
CA ARG C 47 50.88 10.41 -11.68
C ARG C 47 51.59 10.22 -10.34
N LYS C 48 51.17 9.18 -9.63
CA LYS C 48 51.74 8.87 -8.32
C LYS C 48 51.68 7.38 -8.04
N LEU C 53 52.73 5.49 -16.57
CA LEU C 53 51.68 6.18 -17.31
C LEU C 53 52.11 6.43 -18.75
N THR C 54 51.16 6.83 -19.59
CA THR C 54 51.45 7.08 -21.00
C THR C 54 50.40 8.04 -21.54
N ARG C 55 50.70 8.60 -22.73
CA ARG C 55 49.76 9.44 -23.45
C ARG C 55 49.21 8.79 -24.71
N SER C 56 49.82 7.69 -25.16
CA SER C 56 49.34 6.94 -26.32
C SER C 56 48.53 5.76 -25.81
N ASN C 57 47.25 5.71 -26.20
CA ASN C 57 46.39 4.62 -25.75
C ASN C 57 46.87 3.27 -26.28
N LYS C 58 47.55 3.26 -27.43
CA LYS C 58 48.09 2.02 -27.96
C LYS C 58 49.21 1.47 -27.08
N GLU C 59 49.87 2.33 -26.30
CA GLU C 59 50.85 1.86 -25.32
C GLU C 59 50.19 1.28 -24.08
N THR C 60 48.93 1.65 -23.80
CA THR C 60 48.20 1.04 -22.70
C THR C 60 47.83 -0.41 -22.98
N VAL C 61 47.76 -0.79 -24.26
CA VAL C 61 47.51 -2.19 -24.61
C VAL C 61 48.74 -3.06 -24.41
N LYS C 62 49.90 -2.46 -24.15
CA LYS C 62 51.09 -3.24 -23.83
C LYS C 62 50.89 -4.03 -22.55
N HIS C 63 50.35 -3.39 -21.52
CA HIS C 63 49.98 -4.06 -20.28
C HIS C 63 48.59 -4.68 -20.46
N SER C 64 48.53 -5.68 -21.33
CA SER C 64 47.25 -6.25 -21.76
C SER C 64 46.76 -7.31 -20.79
N ASP C 65 46.78 -7.00 -19.50
CA ASP C 65 46.18 -7.91 -18.53
C ASP C 65 44.66 -7.82 -18.58
N VAL C 66 44.12 -6.59 -18.54
CA VAL C 66 42.69 -6.34 -18.65
C VAL C 66 42.50 -4.88 -19.02
N LEU C 67 41.75 -4.62 -20.08
CA LEU C 67 41.54 -3.26 -20.58
C LEU C 67 40.19 -2.74 -20.12
N PHE C 68 40.18 -1.55 -19.53
CA PHE C 68 38.97 -0.91 -19.03
C PHE C 68 38.79 0.45 -19.71
N LEU C 69 37.82 0.53 -20.62
CA LEU C 69 37.47 1.80 -21.22
C LEU C 69 36.74 2.66 -20.21
N ALA C 70 37.03 3.96 -20.22
CA ALA C 70 36.49 4.87 -19.22
C ALA C 70 35.67 6.02 -19.78
N VAL C 71 35.99 6.50 -20.98
CA VAL C 71 35.37 7.73 -21.48
C VAL C 71 33.95 7.44 -21.99
N LYS C 72 33.14 8.50 -22.04
CA LYS C 72 31.73 8.39 -22.39
C LYS C 72 31.55 7.86 -23.81
N PRO C 73 30.33 7.41 -24.16
CA PRO C 73 30.11 6.81 -25.49
C PRO C 73 30.30 7.75 -26.67
N HIS C 74 30.84 8.95 -26.44
CA HIS C 74 31.21 9.83 -27.52
C HIS C 74 32.67 9.70 -27.92
N ILE C 75 33.48 9.01 -27.13
CA ILE C 75 34.90 8.85 -27.42
C ILE C 75 35.22 7.37 -27.59
N ILE C 76 34.43 6.51 -26.94
CA ILE C 76 34.65 5.07 -27.06
C ILE C 76 34.61 4.59 -28.52
N PRO C 77 33.65 5.00 -29.36
CA PRO C 77 33.72 4.60 -30.77
C PRO C 77 34.98 5.10 -31.47
N PHE C 78 35.59 6.18 -30.99
CA PHE C 78 36.85 6.63 -31.55
C PHE C 78 38.02 5.81 -31.01
N ILE C 79 37.93 5.38 -29.75
CA ILE C 79 38.99 4.54 -29.18
C ILE C 79 38.99 3.16 -29.84
N LEU C 80 37.81 2.65 -30.19
CA LEU C 80 37.72 1.32 -30.78
C LEU C 80 38.35 1.29 -32.17
N ASP C 81 38.20 2.37 -32.94
CA ASP C 81 38.85 2.44 -34.24
C ASP C 81 40.35 2.63 -34.11
N GLU C 82 40.79 3.36 -33.08
CA GLU C 82 42.21 3.68 -32.94
C GLU C 82 43.01 2.47 -32.48
N ILE C 83 42.50 1.76 -31.47
CA ILE C 83 43.25 0.65 -30.86
C ILE C 83 42.78 -0.71 -31.33
N GLY C 84 41.61 -0.80 -31.98
CA GLY C 84 41.04 -2.09 -32.31
C GLY C 84 41.93 -2.99 -33.15
N ALA C 85 42.92 -2.42 -33.84
CA ALA C 85 43.82 -3.25 -34.64
C ALA C 85 44.75 -4.07 -33.75
N ASP C 86 45.20 -3.51 -32.63
CA ASP C 86 46.19 -4.14 -31.77
C ASP C 86 45.58 -4.74 -30.51
N VAL C 87 44.27 -4.96 -30.48
CA VAL C 87 43.66 -5.63 -29.34
C VAL C 87 43.77 -7.13 -29.54
N GLN C 88 44.94 -7.68 -29.23
CA GLN C 88 45.15 -9.12 -29.36
C GLN C 88 44.23 -9.87 -28.42
N ALA C 89 43.55 -10.89 -28.94
CA ALA C 89 42.49 -11.58 -28.23
C ALA C 89 43.02 -12.47 -27.10
N ARG C 90 44.16 -12.11 -26.52
CA ARG C 90 44.73 -12.88 -25.43
C ARG C 90 44.21 -12.47 -24.06
N HIS C 91 43.37 -11.44 -23.98
CA HIS C 91 42.88 -10.98 -22.68
C HIS C 91 41.49 -10.37 -22.78
N ILE C 92 41.16 -9.49 -21.84
CA ILE C 92 39.80 -9.04 -21.61
C ILE C 92 39.70 -7.55 -21.90
N VAL C 93 38.62 -7.15 -22.57
CA VAL C 93 38.31 -5.75 -22.85
C VAL C 93 37.00 -5.42 -22.16
N VAL C 94 37.03 -4.47 -21.23
CA VAL C 94 35.87 -4.11 -20.42
C VAL C 94 35.49 -2.67 -20.74
N SER C 95 34.20 -2.45 -20.96
CA SER C 95 33.62 -1.11 -21.13
C SER C 95 32.76 -0.83 -19.90
N CYS C 96 33.40 -0.35 -18.84
CA CYS C 96 32.74 -0.12 -17.56
C CYS C 96 31.95 1.20 -17.53
N ALA C 97 31.74 1.83 -18.66
CA ALA C 97 30.97 3.07 -18.72
C ALA C 97 29.49 2.78 -18.94
N ALA C 98 28.68 3.83 -18.84
CA ALA C 98 27.26 3.71 -19.12
C ALA C 98 27.02 3.59 -20.63
N GLY C 99 25.77 3.32 -20.99
CA GLY C 99 25.44 3.05 -22.37
C GLY C 99 26.05 1.74 -22.82
N VAL C 100 25.66 0.66 -22.14
CA VAL C 100 26.27 -0.66 -22.36
C VAL C 100 25.56 -1.31 -23.55
N THR C 101 26.20 -1.27 -24.72
CA THR C 101 25.75 -1.95 -25.92
C THR C 101 26.94 -2.74 -26.44
N ILE C 102 27.06 -4.00 -26.03
CA ILE C 102 28.16 -4.85 -26.46
C ILE C 102 28.23 -4.92 -27.99
N SER C 103 27.07 -4.93 -28.66
CA SER C 103 27.03 -4.94 -30.11
C SER C 103 27.79 -3.77 -30.73
N SER C 104 27.94 -2.67 -30.00
CA SER C 104 28.76 -1.56 -30.50
C SER C 104 30.24 -1.86 -30.33
N VAL C 105 30.62 -2.48 -29.21
CA VAL C 105 32.01 -2.85 -28.99
C VAL C 105 32.34 -4.13 -29.75
N GLU C 106 31.37 -5.05 -29.86
CA GLU C 106 31.63 -6.33 -30.53
C GLU C 106 31.78 -6.15 -32.03
N LYS C 107 30.93 -5.32 -32.65
CA LYS C 107 30.92 -5.22 -34.10
C LYS C 107 32.19 -4.54 -34.63
N LYS C 108 32.83 -3.69 -33.83
CA LYS C 108 34.03 -3.00 -34.27
C LYS C 108 35.32 -3.69 -33.87
N LEU C 109 35.30 -4.49 -32.80
CA LEU C 109 36.47 -5.27 -32.42
C LEU C 109 36.55 -6.63 -33.12
N MET C 110 35.42 -7.13 -33.64
CA MET C 110 35.42 -8.41 -34.35
C MET C 110 35.65 -8.25 -35.84
N ALA C 111 35.49 -7.04 -36.39
CA ALA C 111 35.62 -6.86 -37.84
C ALA C 111 37.06 -7.07 -38.28
N PHE C 112 38.03 -6.44 -37.59
CA PHE C 112 39.42 -6.58 -37.98
C PHE C 112 40.01 -7.90 -37.51
N GLN C 113 39.73 -8.28 -36.26
CA GLN C 113 40.24 -9.51 -35.67
C GLN C 113 39.10 -10.27 -35.02
N PRO C 114 38.96 -11.56 -35.29
CA PRO C 114 37.86 -12.34 -34.71
C PRO C 114 38.13 -12.69 -33.25
N ALA C 115 37.17 -13.36 -32.65
CA ALA C 115 37.22 -13.79 -31.25
C ALA C 115 37.57 -12.67 -30.27
N PRO C 116 36.79 -11.59 -30.24
CA PRO C 116 37.03 -10.54 -29.22
C PRO C 116 36.36 -10.92 -27.91
N LYS C 117 37.11 -10.78 -26.82
CA LYS C 117 36.58 -11.04 -25.48
C LYS C 117 35.90 -9.78 -24.93
N VAL C 118 34.83 -9.38 -25.60
CA VAL C 118 34.08 -8.19 -25.21
C VAL C 118 33.33 -8.49 -23.91
N ILE C 119 33.58 -7.67 -22.89
CA ILE C 119 32.97 -7.82 -21.59
C ILE C 119 32.51 -6.44 -21.12
N ARG C 120 31.36 -6.38 -20.44
CA ARG C 120 30.77 -5.13 -20.02
C ARG C 120 30.38 -5.21 -18.54
N CYS C 121 30.54 -4.09 -17.85
CA CYS C 121 30.21 -4.02 -16.43
C CYS C 121 29.79 -2.59 -16.09
N MET C 122 29.22 -2.44 -14.89
CA MET C 122 28.76 -1.14 -14.41
C MET C 122 29.20 -0.99 -12.96
N THR C 123 30.02 0.02 -12.69
CA THR C 123 30.59 0.23 -11.36
C THR C 123 30.16 1.57 -10.79
N ASN C 124 30.23 1.67 -9.47
CA ASN C 124 29.88 2.88 -8.75
C ASN C 124 31.15 3.64 -8.38
N THR C 125 31.03 4.97 -8.31
CA THR C 125 32.19 5.78 -7.97
C THR C 125 32.75 5.55 -6.56
N PRO C 126 31.98 5.09 -5.55
CA PRO C 126 32.61 4.79 -4.25
C PRO C 126 33.48 3.53 -4.25
N VAL C 127 34.23 3.31 -5.32
CA VAL C 127 35.21 2.24 -5.36
C VAL C 127 36.52 2.80 -4.80
N VAL C 128 36.47 4.02 -4.27
CA VAL C 128 37.62 4.60 -3.59
C VAL C 128 37.82 3.92 -2.24
N VAL C 129 36.78 3.89 -1.42
CA VAL C 129 36.85 3.33 -0.07
C VAL C 129 36.66 1.83 -0.12
N GLN C 130 36.69 1.26 -1.33
CA GLN C 130 36.66 -0.18 -1.60
C GLN C 130 35.33 -0.84 -1.21
N GLU C 131 34.32 -0.06 -0.83
CA GLU C 131 33.01 -0.60 -0.45
C GLU C 131 31.94 -0.24 -1.48
N GLY C 132 32.32 -0.14 -2.75
CA GLY C 132 31.39 0.21 -3.80
C GLY C 132 30.56 -0.98 -4.25
N ALA C 133 29.83 -0.76 -5.36
CA ALA C 133 28.97 -1.77 -5.94
C ALA C 133 29.22 -1.86 -7.43
N THR C 134 29.28 -3.09 -7.95
CA THR C 134 29.57 -3.34 -9.35
C THR C 134 28.90 -4.63 -9.78
N VAL C 135 28.48 -4.68 -11.04
CA VAL C 135 27.95 -5.88 -11.67
C VAL C 135 28.61 -6.05 -13.03
N TYR C 136 28.87 -7.30 -13.41
CA TYR C 136 29.56 -7.58 -14.66
C TYR C 136 28.73 -8.53 -15.53
N ALA C 137 28.83 -8.34 -16.84
CA ALA C 137 28.17 -9.18 -17.82
C ALA C 137 29.25 -9.86 -18.68
N THR C 138 28.80 -10.59 -19.69
CA THR C 138 29.70 -11.27 -20.62
C THR C 138 29.30 -10.95 -22.05
N GLY C 139 30.21 -11.23 -22.98
CA GLY C 139 29.93 -11.12 -24.39
C GLY C 139 29.71 -12.50 -25.04
N THR C 140 29.43 -12.47 -26.34
CA THR C 140 29.22 -13.71 -27.07
C THR C 140 30.50 -14.51 -27.18
N HIS C 141 31.52 -13.94 -27.83
CA HIS C 141 32.78 -14.64 -28.01
C HIS C 141 33.62 -14.70 -26.73
N ALA C 142 33.22 -13.98 -25.69
CA ALA C 142 33.90 -14.12 -24.40
C ALA C 142 33.48 -15.41 -23.72
N LEU C 143 34.44 -16.10 -23.14
CA LEU C 143 34.20 -17.43 -22.57
C LEU C 143 33.80 -17.32 -21.11
N VAL C 144 33.84 -18.45 -20.41
CA VAL C 144 33.54 -18.46 -18.98
C VAL C 144 34.78 -18.11 -18.16
N GLU C 145 35.95 -18.53 -18.62
CA GLU C 145 37.20 -18.37 -17.88
C GLU C 145 37.77 -16.95 -17.96
N ASP C 146 37.05 -16.00 -18.53
CA ASP C 146 37.46 -14.60 -18.51
C ASP C 146 36.48 -13.68 -17.79
N GLY C 147 35.25 -14.11 -17.56
CA GLY C 147 34.32 -13.31 -16.78
C GLY C 147 34.61 -13.45 -15.29
N GLN C 148 34.93 -14.67 -14.85
CA GLN C 148 35.28 -14.91 -13.45
C GLN C 148 36.51 -14.10 -13.03
N LEU C 149 37.29 -13.62 -14.00
CA LEU C 149 38.50 -12.87 -13.66
C LEU C 149 38.15 -11.56 -12.97
N LEU C 150 37.15 -10.84 -13.49
CA LEU C 150 36.77 -9.57 -12.87
C LEU C 150 36.17 -9.79 -11.48
N GLU C 151 35.61 -10.96 -11.23
CA GLU C 151 34.94 -11.25 -9.95
C GLU C 151 35.89 -11.04 -8.79
N GLN C 152 36.88 -11.93 -8.62
CA GLN C 152 37.86 -11.77 -7.56
C GLN C 152 38.67 -10.49 -7.70
N LEU C 153 38.78 -9.97 -8.92
CA LEU C 153 39.49 -8.71 -9.15
C LEU C 153 38.69 -7.56 -8.57
N MET C 154 37.58 -7.20 -9.22
CA MET C 154 36.81 -6.02 -8.86
C MET C 154 36.04 -6.18 -7.55
N SER C 155 36.07 -7.35 -6.92
CA SER C 155 35.39 -7.51 -5.64
C SER C 155 36.04 -6.66 -4.55
N SER C 156 37.37 -6.51 -4.61
CA SER C 156 38.08 -5.79 -3.57
C SER C 156 37.79 -4.29 -3.61
N VAL C 157 37.52 -3.73 -4.80
CA VAL C 157 37.17 -2.32 -4.90
C VAL C 157 35.67 -2.08 -4.73
N GLY C 158 34.85 -3.12 -4.80
CA GLY C 158 33.42 -2.95 -4.63
C GLY C 158 32.71 -4.27 -4.81
N PHE C 159 31.47 -4.30 -4.30
CA PHE C 159 30.62 -5.48 -4.43
C PHE C 159 30.50 -5.88 -5.90
N CYS C 160 30.55 -7.19 -6.15
CA CYS C 160 30.52 -7.69 -7.52
C CYS C 160 29.66 -8.95 -7.61
N THR C 161 28.81 -8.97 -8.64
CA THR C 161 28.01 -10.14 -8.97
C THR C 161 27.79 -10.16 -10.48
N GLU C 162 27.18 -11.22 -10.97
CA GLU C 162 26.94 -11.41 -12.40
C GLU C 162 25.46 -11.22 -12.69
N VAL C 163 25.15 -10.25 -13.55
CA VAL C 163 23.79 -10.02 -14.03
C VAL C 163 23.82 -10.02 -15.55
N GLU C 164 22.64 -10.16 -16.14
CA GLU C 164 22.53 -10.18 -17.59
C GLU C 164 22.64 -8.77 -18.16
N GLU C 165 22.73 -8.70 -19.49
CA GLU C 165 22.90 -7.40 -20.15
C GLU C 165 21.61 -6.59 -20.15
N ASP C 166 20.45 -7.25 -20.15
CA ASP C 166 19.18 -6.52 -20.16
C ASP C 166 19.00 -5.72 -18.87
N LEU C 167 19.42 -6.29 -17.75
CA LEU C 167 19.25 -5.63 -16.46
C LEU C 167 20.22 -4.49 -16.21
N ILE C 168 21.24 -4.34 -17.06
CA ILE C 168 22.32 -3.38 -16.80
C ILE C 168 21.76 -1.95 -16.73
N ASP C 169 20.83 -1.62 -17.63
CA ASP C 169 20.31 -0.25 -17.69
C ASP C 169 19.70 0.19 -16.38
N ALA C 170 18.97 -0.71 -15.72
CA ALA C 170 18.34 -0.37 -14.44
C ALA C 170 19.33 -0.34 -13.30
N VAL C 171 20.43 -1.08 -13.41
CA VAL C 171 21.44 -1.11 -12.35
C VAL C 171 22.06 0.27 -12.15
N THR C 172 22.11 1.08 -13.22
CA THR C 172 22.74 2.40 -13.12
C THR C 172 21.99 3.31 -12.15
N GLY C 173 20.66 3.21 -12.12
CA GLY C 173 19.84 4.06 -11.27
C GLY C 173 19.96 3.79 -9.79
N LEU C 174 20.07 2.52 -9.40
CA LEU C 174 20.07 2.14 -8.00
C LEU C 174 21.47 1.93 -7.43
N SER C 175 22.47 1.67 -8.28
CA SER C 175 23.85 1.48 -7.84
C SER C 175 24.80 2.53 -8.40
N GLY C 176 24.82 2.71 -9.72
CA GLY C 176 25.70 3.69 -10.33
C GLY C 176 25.42 5.11 -9.88
N SER C 177 24.25 5.63 -10.24
CA SER C 177 23.81 6.94 -9.77
C SER C 177 23.36 6.93 -8.33
N GLY C 178 23.39 5.77 -7.66
CA GLY C 178 22.98 5.62 -6.29
C GLY C 178 23.58 6.62 -5.32
N PRO C 179 24.90 6.71 -5.25
CA PRO C 179 25.54 7.64 -4.31
C PRO C 179 25.18 9.10 -4.55
N ALA C 180 24.81 9.48 -5.78
CA ALA C 180 24.42 10.86 -6.03
C ALA C 180 23.18 11.24 -5.26
N TYR C 181 22.26 10.29 -5.04
CA TYR C 181 21.13 10.54 -4.17
C TYR C 181 21.55 10.52 -2.70
N ALA C 182 22.65 9.85 -2.38
CA ALA C 182 23.17 9.85 -1.02
C ALA C 182 24.01 11.07 -0.71
N PHE C 183 24.59 11.71 -1.74
CA PHE C 183 25.32 12.95 -1.52
C PHE C 183 24.37 14.14 -1.40
N MET C 184 23.33 14.19 -2.23
CA MET C 184 22.33 15.24 -2.12
C MET C 184 21.61 15.18 -0.78
N ALA C 185 21.47 13.98 -0.21
CA ALA C 185 20.86 13.84 1.11
C ALA C 185 21.82 14.25 2.22
N LEU C 186 23.09 13.86 2.09
CA LEU C 186 24.08 14.20 3.12
C LEU C 186 24.20 15.70 3.31
N ASP C 187 24.13 16.46 2.22
CA ASP C 187 24.13 17.92 2.34
C ASP C 187 22.83 18.39 3.00
N ALA C 188 21.70 17.83 2.59
CA ALA C 188 20.41 18.24 3.15
C ALA C 188 20.33 17.88 4.63
N LEU C 189 20.71 16.65 4.97
CA LEU C 189 20.71 16.23 6.38
C LEU C 189 21.57 17.14 7.23
N ALA C 190 22.70 17.61 6.68
CA ALA C 190 23.56 18.53 7.41
C ALA C 190 22.94 19.93 7.47
N ASP C 191 22.30 20.36 6.38
CA ASP C 191 21.64 21.66 6.37
C ASP C 191 20.56 21.73 7.44
N GLY C 192 19.84 20.64 7.64
CA GLY C 192 18.86 20.60 8.73
C GLY C 192 19.52 20.54 10.09
N GLY C 193 20.62 19.79 10.21
CA GLY C 193 21.32 19.71 11.47
C GLY C 193 21.92 21.04 11.90
N VAL C 194 22.45 21.80 10.93
CA VAL C 194 22.99 23.12 11.23
C VAL C 194 21.88 24.05 11.71
N LYS C 195 20.68 23.91 11.13
CA LYS C 195 19.55 24.74 11.54
C LYS C 195 19.22 24.55 13.02
N MET C 196 19.48 23.37 13.56
CA MET C 196 19.23 23.08 14.96
C MET C 196 20.41 23.42 15.86
N GLY C 197 21.33 24.27 15.39
CA GLY C 197 22.44 24.71 16.21
C GLY C 197 23.61 23.77 16.26
N LEU C 198 23.87 23.01 15.19
CA LEU C 198 25.01 22.11 15.15
C LEU C 198 26.02 22.59 14.12
N PRO C 199 27.32 22.36 14.36
CA PRO C 199 28.34 22.78 13.38
C PRO C 199 28.19 22.04 12.07
N ARG C 200 28.84 22.59 11.03
CA ARG C 200 28.77 21.99 9.71
C ARG C 200 29.57 20.69 9.65
N ARG C 201 30.81 20.72 10.11
CA ARG C 201 31.65 19.52 10.10
C ARG C 201 31.06 18.41 10.94
N LEU C 202 30.27 18.76 11.96
CA LEU C 202 29.65 17.76 12.82
C LEU C 202 28.43 17.14 12.16
N ALA C 203 27.51 17.97 11.66
CA ALA C 203 26.28 17.45 11.08
C ALA C 203 26.56 16.60 9.85
N ILE C 204 27.55 16.99 9.05
CA ILE C 204 27.93 16.17 7.89
C ILE C 204 28.41 14.80 8.34
N GLN C 205 29.15 14.74 9.45
CA GLN C 205 29.71 13.49 9.92
C GLN C 205 28.65 12.62 10.60
N LEU C 206 27.83 13.22 11.46
CA LEU C 206 26.83 12.45 12.20
C LEU C 206 25.83 11.78 11.26
N GLY C 207 25.43 12.47 10.19
CA GLY C 207 24.45 11.91 9.28
C GLY C 207 24.99 10.78 8.43
N ALA C 208 26.27 10.84 8.06
CA ALA C 208 26.84 9.82 7.20
C ALA C 208 27.04 8.50 7.94
N GLN C 209 27.52 8.57 9.18
CA GLN C 209 27.73 7.34 9.96
C GLN C 209 26.41 6.65 10.25
N ALA C 210 25.35 7.43 10.47
CA ALA C 210 24.03 6.84 10.67
C ALA C 210 23.52 6.18 9.40
N LEU C 211 23.67 6.87 8.26
CA LEU C 211 23.26 6.28 6.98
C LEU C 211 24.15 5.10 6.61
N LEU C 212 25.42 5.12 7.00
CA LEU C 212 26.31 4.00 6.73
C LEU C 212 26.09 2.86 7.71
N GLY C 213 26.05 3.18 9.01
CA GLY C 213 25.85 2.15 10.01
C GLY C 213 24.52 1.43 9.87
N ALA C 214 23.49 2.13 9.39
CA ALA C 214 22.20 1.50 9.17
C ALA C 214 22.22 0.61 7.93
N ALA C 215 22.94 1.04 6.88
CA ALA C 215 23.04 0.22 5.68
C ALA C 215 23.74 -1.11 5.98
N LYS C 216 24.77 -1.08 6.84
CA LYS C 216 25.45 -2.31 7.21
C LYS C 216 24.53 -3.26 7.97
N MET C 217 23.50 -2.72 8.63
CA MET C 217 22.50 -3.58 9.24
C MET C 217 21.68 -4.31 8.19
N LEU C 218 21.50 -3.70 7.01
CA LEU C 218 20.77 -4.37 5.94
C LEU C 218 21.62 -5.45 5.29
N LEU C 219 22.92 -5.20 5.13
CA LEU C 219 23.79 -6.20 4.51
C LEU C 219 24.01 -7.38 5.44
N ASP C 220 24.09 -7.13 6.75
CA ASP C 220 24.42 -8.20 7.69
C ASP C 220 23.26 -9.17 7.88
N SER C 221 22.04 -8.65 7.96
CA SER C 221 20.87 -9.45 8.27
C SER C 221 19.96 -9.59 7.06
N GLU C 222 19.10 -10.60 7.11
CA GLU C 222 18.04 -10.79 6.12
C GLU C 222 16.79 -9.99 6.45
N GLN C 223 16.83 -9.18 7.49
CA GLN C 223 15.64 -8.45 7.94
C GLN C 223 15.30 -7.33 6.96
N HIS C 224 14.00 -7.09 6.81
CA HIS C 224 13.54 -6.04 5.91
C HIS C 224 13.88 -4.67 6.48
N PRO C 225 14.12 -3.68 5.62
CA PRO C 225 14.40 -2.32 6.14
C PRO C 225 13.30 -1.77 7.02
N CYS C 226 12.04 -2.09 6.72
CA CYS C 226 10.95 -1.60 7.53
C CYS C 226 10.89 -2.31 8.89
N GLN C 227 11.32 -3.57 8.94
CA GLN C 227 11.35 -4.26 10.22
C GLN C 227 12.44 -3.69 11.13
N LEU C 228 13.57 -3.30 10.56
CA LEU C 228 14.58 -2.57 11.33
C LEU C 228 14.09 -1.16 11.64
N LYS C 229 13.36 -0.54 10.71
CA LYS C 229 12.81 0.79 10.95
C LYS C 229 11.81 0.79 12.09
N ASP C 230 10.92 -0.21 12.12
CA ASP C 230 9.93 -0.30 13.19
C ASP C 230 10.57 -0.65 14.53
N ASN C 231 11.81 -1.13 14.53
CA ASN C 231 12.55 -1.32 15.77
C ASN C 231 13.33 -0.09 16.19
N VAL C 232 13.67 0.79 15.24
CA VAL C 232 14.31 2.06 15.59
C VAL C 232 13.28 3.02 16.17
N CYS C 233 12.08 3.05 15.59
CA CYS C 233 11.05 3.97 16.04
C CYS C 233 10.55 3.62 17.44
N SER C 234 10.19 4.64 18.20
CA SER C 234 9.63 4.51 19.53
C SER C 234 8.18 4.95 19.55
N PRO C 235 7.34 4.31 20.36
CA PRO C 235 5.91 4.68 20.40
C PRO C 235 5.73 6.12 20.85
N GLY C 236 5.12 6.93 19.98
CA GLY C 236 5.02 8.35 20.23
C GLY C 236 6.35 9.04 20.29
N GLY C 237 7.33 8.56 19.52
CA GLY C 237 8.68 9.07 19.56
C GLY C 237 8.99 10.05 18.45
N ALA C 238 10.11 10.76 18.62
CA ALA C 238 10.52 11.77 17.65
C ALA C 238 10.82 11.15 16.30
N THR C 239 11.42 9.95 16.30
CA THR C 239 11.69 9.26 15.04
C THR C 239 10.39 8.94 14.29
N THR C 240 9.34 8.57 15.03
CA THR C 240 8.05 8.33 14.40
C THR C 240 7.40 9.63 13.96
N HIS C 241 7.52 10.68 14.78
CA HIS C 241 6.96 11.98 14.43
C HIS C 241 7.69 12.63 13.26
N ALA C 242 8.94 12.25 13.00
CA ALA C 242 9.72 12.85 11.92
C ALA C 242 9.46 12.21 10.57
N LEU C 243 9.42 10.88 10.50
CA LEU C 243 9.15 10.21 9.23
C LEU C 243 7.81 10.63 8.63
N HIS C 244 6.88 11.11 9.46
CA HIS C 244 5.61 11.62 8.95
C HIS C 244 5.82 12.78 7.99
N PHE C 245 6.84 13.60 8.23
CA PHE C 245 7.13 14.73 7.36
C PHE C 245 7.73 14.31 6.02
N LEU C 246 8.13 13.06 5.87
CA LEU C 246 8.68 12.56 4.61
C LEU C 246 7.64 11.86 3.75
N GLU C 247 6.70 11.15 4.36
CA GLU C 247 5.63 10.53 3.59
C GLU C 247 4.68 11.57 3.00
N SER C 248 4.66 12.78 3.56
CA SER C 248 3.77 13.81 3.03
C SER C 248 4.24 14.31 1.67
N GLY C 249 5.54 14.51 1.51
CA GLY C 249 6.09 14.97 0.26
C GLY C 249 6.40 13.88 -0.75
N GLY C 250 6.18 12.63 -0.41
CA GLY C 250 6.51 11.54 -1.30
C GLY C 250 7.96 11.15 -1.30
N PHE C 251 8.59 11.12 -0.12
CA PHE C 251 10.00 10.76 -0.02
C PHE C 251 10.25 9.35 -0.56
N ARG C 252 9.46 8.38 -0.12
CA ARG C 252 9.58 7.03 -0.64
C ARG C 252 9.27 6.96 -2.12
N SER C 253 8.51 7.93 -2.65
CA SER C 253 8.19 7.95 -4.07
C SER C 253 9.29 8.60 -4.88
N LEU C 254 9.80 9.75 -4.43
CA LEU C 254 10.75 10.53 -5.22
C LEU C 254 11.96 9.70 -5.63
N LEU C 255 12.48 8.87 -4.72
CA LEU C 255 13.63 8.04 -5.05
C LEU C 255 13.29 7.02 -6.13
N ILE C 256 12.03 6.61 -6.21
CA ILE C 256 11.63 5.68 -7.27
C ILE C 256 11.63 6.38 -8.62
N ASN C 257 11.24 7.66 -8.65
CA ASN C 257 11.35 8.44 -9.89
C ASN C 257 12.80 8.57 -10.33
N ALA C 258 13.75 8.57 -9.38
CA ALA C 258 15.15 8.73 -9.73
C ALA C 258 15.71 7.47 -10.36
N VAL C 259 15.34 6.29 -9.85
CA VAL C 259 15.79 5.04 -10.45
C VAL C 259 15.24 4.90 -11.86
N GLU C 260 13.98 5.30 -12.06
CA GLU C 260 13.38 5.21 -13.39
C GLU C 260 14.00 6.21 -14.36
N ALA C 261 14.28 7.42 -13.88
CA ALA C 261 14.84 8.45 -14.75
C ALA C 261 16.19 8.03 -15.31
N SER C 262 16.97 7.29 -14.52
CA SER C 262 18.29 6.84 -14.99
C SER C 262 18.16 5.70 -16.00
N CYS C 263 17.30 4.72 -15.70
CA CYS C 263 17.16 3.57 -16.59
C CYS C 263 16.58 3.99 -17.94
N ILE C 264 15.59 4.87 -17.94
CA ILE C 264 15.00 5.33 -19.19
C ILE C 264 16.00 6.16 -19.99
N ARG C 265 16.78 7.00 -19.30
CA ARG C 265 17.75 7.85 -19.99
C ARG C 265 18.90 7.01 -20.56
N THR C 266 19.38 6.02 -19.81
CA THR C 266 20.47 5.18 -20.29
C THR C 266 20.11 4.52 -21.62
N ARG C 267 18.87 4.05 -21.75
CA ARG C 267 18.44 3.42 -23.00
C ARG C 267 18.43 4.42 -24.14
N GLU C 268 18.05 5.68 -23.86
CA GLU C 268 18.03 6.69 -24.91
C GLU C 268 19.44 7.03 -25.39
N LEU C 269 20.42 7.00 -24.49
CA LEU C 269 21.80 7.25 -24.90
C LEU C 269 22.35 6.07 -25.70
N GLN C 270 21.86 4.85 -25.44
CA GLN C 270 22.33 3.69 -26.18
C GLN C 270 21.93 3.76 -27.64
N SER C 271 20.64 3.98 -27.91
CA SER C 271 20.12 3.98 -29.27
C SER C 271 20.37 5.32 -29.97
N MET C 272 21.47 5.98 -29.61
CA MET C 272 21.80 7.26 -30.23
C MET C 272 23.32 7.40 -30.38
N MET D 2 -21.96 -19.15 35.34
CA MET D 2 -21.57 -17.80 34.94
C MET D 2 -22.52 -17.25 33.89
N SER D 3 -23.72 -16.89 34.31
CA SER D 3 -24.69 -16.28 33.40
C SER D 3 -24.24 -14.86 33.05
N VAL D 4 -24.11 -14.59 31.76
CA VAL D 4 -23.56 -13.33 31.25
C VAL D 4 -24.72 -12.40 30.88
N GLY D 5 -24.86 -11.32 31.63
CA GLY D 5 -25.97 -10.39 31.44
C GLY D 5 -25.61 -9.20 30.57
N PHE D 6 -26.64 -8.62 29.95
CA PHE D 6 -26.50 -7.42 29.13
C PHE D 6 -27.50 -6.38 29.61
N ILE D 7 -27.02 -5.16 29.83
CA ILE D 7 -27.89 -4.08 30.29
C ILE D 7 -28.56 -3.36 29.14
N GLY D 8 -27.94 -3.33 27.97
CA GLY D 8 -28.55 -2.73 26.78
C GLY D 8 -28.70 -3.75 25.68
N ALA D 9 -29.85 -3.71 25.01
CA ALA D 9 -30.17 -4.68 23.95
C ALA D 9 -29.91 -4.12 22.56
N GLY D 10 -28.95 -3.23 22.42
CA GLY D 10 -28.59 -2.69 21.12
C GLY D 10 -27.93 -3.73 20.24
N GLN D 11 -27.38 -3.25 19.12
CA GLN D 11 -26.68 -4.15 18.21
C GLN D 11 -25.46 -4.78 18.85
N LEU D 12 -24.99 -4.25 19.99
CA LEU D 12 -23.89 -4.86 20.71
C LEU D 12 -24.31 -6.21 21.29
N ALA D 13 -25.40 -6.23 22.07
CA ALA D 13 -25.81 -7.46 22.73
C ALA D 13 -26.25 -8.53 21.73
N TYR D 14 -26.78 -8.13 20.58
CA TYR D 14 -27.23 -9.10 19.59
C TYR D 14 -26.06 -9.92 19.05
N ALA D 15 -25.05 -9.24 18.50
CA ALA D 15 -23.89 -9.95 17.97
C ALA D 15 -23.09 -10.63 19.06
N LEU D 16 -23.08 -10.06 20.28
CA LEU D 16 -22.33 -10.66 21.37
C LEU D 16 -23.01 -11.91 21.89
N ALA D 17 -24.35 -11.88 22.00
CA ALA D 17 -25.06 -13.07 22.47
C ALA D 17 -24.90 -14.23 21.51
N ARG D 18 -25.00 -13.97 20.21
CA ARG D 18 -24.75 -15.02 19.23
C ARG D 18 -23.29 -15.47 19.29
N GLY D 19 -22.36 -14.52 19.23
CA GLY D 19 -20.94 -14.87 19.20
C GLY D 19 -20.51 -15.66 20.42
N PHE D 20 -20.97 -15.25 21.61
CA PHE D 20 -20.61 -15.96 22.83
C PHE D 20 -21.11 -17.40 22.79
N THR D 21 -22.39 -17.58 22.47
CA THR D 21 -23.00 -18.90 22.55
C THR D 21 -22.65 -19.77 21.36
N ALA D 22 -22.52 -19.18 20.17
CA ALA D 22 -22.19 -19.98 18.99
C ALA D 22 -20.80 -20.59 19.10
N ALA D 23 -19.90 -19.94 19.83
CA ALA D 23 -18.58 -20.52 20.07
C ALA D 23 -18.69 -21.78 20.94
N GLY D 24 -19.53 -21.73 21.98
CA GLY D 24 -19.74 -22.89 22.81
C GLY D 24 -20.08 -22.60 24.25
N ILE D 25 -19.90 -21.36 24.68
CA ILE D 25 -20.21 -21.02 26.07
C ILE D 25 -21.72 -20.99 26.26
N LEU D 26 -22.13 -21.00 27.53
CA LEU D 26 -23.53 -21.25 27.89
C LEU D 26 -24.47 -20.21 27.28
N SER D 27 -25.68 -20.68 26.95
CA SER D 27 -26.73 -19.83 26.38
C SER D 27 -27.98 -19.87 27.25
N ALA D 28 -29.14 -19.80 26.62
CA ALA D 28 -30.45 -19.95 27.28
C ALA D 28 -30.59 -18.87 28.34
N HIS D 29 -30.84 -19.22 29.61
CA HIS D 29 -31.07 -18.22 30.65
C HIS D 29 -29.86 -17.33 30.90
N LYS D 30 -28.67 -17.73 30.43
CA LYS D 30 -27.45 -16.99 30.74
C LYS D 30 -27.51 -15.54 30.29
N ILE D 31 -28.17 -15.25 29.17
CA ILE D 31 -28.05 -13.94 28.53
C ILE D 31 -28.73 -12.87 29.37
N ILE D 32 -29.99 -13.10 29.76
CA ILE D 32 -30.82 -12.23 30.60
C ILE D 32 -30.57 -10.76 30.29
N ALA D 33 -31.15 -10.26 29.19
CA ALA D 33 -30.95 -8.89 28.74
C ALA D 33 -32.15 -8.02 29.09
N SER D 34 -31.92 -6.70 29.07
CA SER D 34 -32.94 -5.74 29.44
C SER D 34 -32.87 -4.52 28.53
N SER D 35 -34.04 -3.95 28.25
CA SER D 35 -34.17 -2.72 27.47
C SER D 35 -35.57 -2.14 27.59
N PRO D 36 -35.72 -0.84 27.77
CA PRO D 36 -37.06 -0.24 27.82
C PRO D 36 -37.70 -0.15 26.45
N GLU D 37 -39.02 -0.29 26.43
CA GLU D 37 -39.81 -0.26 25.21
C GLU D 37 -39.28 -1.27 24.19
N MET D 38 -39.67 -2.53 24.34
CA MET D 38 -39.08 -3.62 23.57
C MET D 38 -39.76 -3.81 22.22
N ASN D 39 -39.91 -2.73 21.46
CA ASN D 39 -40.34 -2.83 20.08
C ASN D 39 -39.16 -2.90 19.11
N LEU D 40 -37.94 -2.92 19.64
CA LEU D 40 -36.75 -2.94 18.80
C LEU D 40 -36.70 -4.22 17.98
N PRO D 41 -36.06 -4.20 16.81
CA PRO D 41 -35.83 -5.45 16.08
C PRO D 41 -34.78 -6.33 16.71
N THR D 42 -33.91 -5.76 17.54
CA THR D 42 -32.87 -6.56 18.19
C THR D 42 -33.46 -7.53 19.21
N VAL D 43 -34.41 -7.06 20.01
CA VAL D 43 -35.00 -7.92 21.03
C VAL D 43 -35.83 -9.03 20.37
N SER D 44 -36.33 -8.80 19.16
CA SER D 44 -37.03 -9.85 18.43
C SER D 44 -36.05 -10.91 17.94
N ALA D 45 -34.90 -10.48 17.40
CA ALA D 45 -33.87 -11.43 17.00
C ALA D 45 -33.17 -12.06 18.19
N LEU D 46 -33.16 -11.38 19.35
CA LEU D 46 -32.58 -11.97 20.56
C LEU D 46 -33.51 -13.01 21.17
N ARG D 47 -34.82 -12.75 21.17
CA ARG D 47 -35.75 -13.69 21.77
C ARG D 47 -35.98 -14.92 20.91
N LYS D 48 -35.66 -14.86 19.61
CA LYS D 48 -35.75 -16.04 18.78
C LYS D 48 -34.85 -17.15 19.30
N MET D 49 -33.65 -16.80 19.75
CA MET D 49 -32.77 -17.74 20.41
C MET D 49 -33.04 -17.73 21.92
N GLY D 50 -32.37 -18.63 22.63
CA GLY D 50 -32.50 -18.68 24.07
C GLY D 50 -31.93 -17.45 24.77
N VAL D 51 -32.77 -16.45 25.01
CA VAL D 51 -32.40 -15.25 25.73
C VAL D 51 -33.57 -14.83 26.62
N ASN D 52 -33.29 -14.59 27.90
CA ASN D 52 -34.31 -14.08 28.81
C ASN D 52 -34.37 -12.56 28.70
N LEU D 53 -35.57 -12.03 28.51
CA LEU D 53 -35.77 -10.59 28.35
C LEU D 53 -36.53 -10.02 29.54
N THR D 54 -36.25 -8.76 29.86
CA THR D 54 -36.86 -8.11 31.01
C THR D 54 -36.75 -6.61 30.84
N ARG D 55 -37.42 -5.88 31.72
CA ARG D 55 -37.32 -4.42 31.80
C ARG D 55 -36.95 -3.97 33.20
N SER D 56 -36.23 -4.84 33.93
CA SER D 56 -35.98 -4.58 35.35
C SER D 56 -34.75 -3.70 35.56
N ASN D 57 -33.67 -3.99 34.82
CA ASN D 57 -32.35 -3.38 35.04
C ASN D 57 -31.79 -3.79 36.40
N LYS D 58 -32.52 -4.62 37.13
CA LYS D 58 -32.10 -5.13 38.43
C LYS D 58 -32.08 -6.64 38.50
N GLU D 59 -33.10 -7.32 37.96
CA GLU D 59 -33.05 -8.76 37.86
C GLU D 59 -31.94 -9.23 36.93
N THR D 60 -31.52 -8.38 35.98
CA THR D 60 -30.33 -8.68 35.20
C THR D 60 -29.11 -8.85 36.11
N VAL D 61 -28.95 -7.94 37.06
CA VAL D 61 -27.86 -8.06 38.03
C VAL D 61 -28.06 -9.30 38.89
N LYS D 62 -29.28 -9.52 39.37
CA LYS D 62 -29.53 -10.65 40.27
C LYS D 62 -29.32 -11.99 39.58
N HIS D 63 -29.61 -12.08 38.28
CA HIS D 63 -29.55 -13.35 37.56
C HIS D 63 -28.25 -13.55 36.78
N SER D 64 -27.38 -12.54 36.72
CA SER D 64 -26.13 -12.64 35.97
C SER D 64 -24.95 -12.44 36.91
N ASP D 65 -23.99 -13.36 36.86
CA ASP D 65 -22.74 -13.19 37.59
C ASP D 65 -21.83 -12.18 36.91
N VAL D 66 -21.94 -12.04 35.59
CA VAL D 66 -21.16 -11.07 34.82
C VAL D 66 -22.14 -10.27 33.97
N LEU D 67 -22.14 -8.95 34.15
CA LEU D 67 -23.07 -8.07 33.45
C LEU D 67 -22.30 -7.12 32.56
N PHE D 68 -22.80 -6.92 31.34
CA PHE D 68 -22.20 -6.01 30.37
C PHE D 68 -23.01 -4.72 30.31
N LEU D 69 -22.31 -3.59 30.46
CA LEU D 69 -22.94 -2.28 30.36
C LEU D 69 -22.90 -1.86 28.88
N ALA D 70 -24.03 -2.03 28.19
CA ALA D 70 -24.12 -1.78 26.76
C ALA D 70 -24.87 -0.50 26.43
N VAL D 71 -25.19 0.31 27.43
CA VAL D 71 -26.00 1.51 27.22
C VAL D 71 -25.12 2.65 26.73
N LYS D 72 -25.74 3.78 26.39
CA LYS D 72 -25.02 4.96 25.96
C LYS D 72 -24.16 5.51 27.10
N PRO D 73 -23.17 6.35 26.78
CA PRO D 73 -22.32 6.90 27.86
C PRO D 73 -23.08 7.68 28.91
N HIS D 74 -24.11 8.43 28.51
CA HIS D 74 -24.87 9.22 29.48
C HIS D 74 -25.90 8.42 30.24
N ILE D 75 -26.30 7.25 29.72
CA ILE D 75 -27.18 6.35 30.47
C ILE D 75 -26.43 5.59 31.55
N ILE D 76 -25.11 5.64 31.53
CA ILE D 76 -24.27 4.89 32.48
C ILE D 76 -24.37 5.48 33.89
N PRO D 77 -24.24 6.81 34.09
CA PRO D 77 -24.35 7.33 35.46
C PRO D 77 -25.68 7.05 36.13
N PHE D 78 -26.79 7.22 35.40
CA PHE D 78 -28.10 6.94 35.97
C PHE D 78 -28.25 5.46 36.31
N ILE D 79 -27.81 4.60 35.39
CA ILE D 79 -27.97 3.15 35.58
C ILE D 79 -27.10 2.69 36.74
N LEU D 80 -25.84 3.13 36.79
CA LEU D 80 -24.91 2.66 37.81
C LEU D 80 -25.37 3.06 39.20
N ASP D 81 -25.86 4.28 39.36
CA ASP D 81 -26.26 4.76 40.68
C ASP D 81 -27.47 3.99 41.22
N GLU D 82 -28.41 3.66 40.35
CA GLU D 82 -29.64 3.02 40.79
C GLU D 82 -29.48 1.53 41.08
N ILE D 83 -28.58 0.86 40.37
CA ILE D 83 -28.38 -0.58 40.52
C ILE D 83 -26.99 -0.93 41.03
N GLY D 84 -26.15 0.06 41.31
CA GLY D 84 -24.83 -0.22 41.88
C GLY D 84 -24.89 -0.70 43.31
N ALA D 85 -25.99 -0.48 44.02
CA ALA D 85 -26.19 -1.07 45.33
C ALA D 85 -26.58 -2.53 45.22
N ASP D 86 -27.39 -2.88 44.22
CA ASP D 86 -27.77 -4.27 44.02
C ASP D 86 -26.59 -5.15 43.65
N VAL D 87 -25.57 -4.58 43.03
CA VAL D 87 -24.41 -5.35 42.61
C VAL D 87 -23.55 -5.68 43.82
N GLN D 88 -22.83 -6.78 43.72
CA GLN D 88 -21.94 -7.26 44.78
C GLN D 88 -20.51 -7.34 44.23
N ALA D 89 -19.58 -7.69 45.12
CA ALA D 89 -18.21 -7.96 44.69
C ALA D 89 -18.10 -9.22 43.84
N ARG D 90 -19.14 -10.06 43.82
CA ARG D 90 -19.10 -11.27 43.01
C ARG D 90 -19.35 -11.00 41.54
N HIS D 91 -19.84 -9.81 41.19
CA HIS D 91 -20.17 -9.50 39.80
C HIS D 91 -19.01 -8.78 39.14
N ILE D 92 -18.79 -9.10 37.86
CA ILE D 92 -17.72 -8.49 37.08
C ILE D 92 -18.33 -7.48 36.12
N VAL D 93 -18.40 -6.23 36.56
CA VAL D 93 -19.03 -5.18 35.75
C VAL D 93 -18.14 -4.87 34.54
N VAL D 94 -18.71 -4.94 33.35
CA VAL D 94 -18.00 -4.69 32.11
C VAL D 94 -18.52 -3.39 31.52
N SER D 95 -17.62 -2.42 31.34
CA SER D 95 -17.97 -1.10 30.84
C SER D 95 -17.63 -1.03 29.35
N CYS D 96 -18.59 -1.41 28.53
CA CYS D 96 -18.43 -1.36 27.07
C CYS D 96 -18.64 0.04 26.51
N ALA D 97 -18.92 1.03 27.34
CA ALA D 97 -19.20 2.37 26.86
C ALA D 97 -17.91 3.05 26.41
N ALA D 98 -18.08 4.14 25.67
CA ALA D 98 -16.97 4.91 25.13
C ALA D 98 -16.70 6.12 26.01
N GLY D 99 -15.44 6.37 26.31
CA GLY D 99 -15.08 7.54 27.09
C GLY D 99 -15.48 7.50 28.55
N VAL D 100 -15.79 6.31 29.09
CA VAL D 100 -16.19 6.16 30.48
C VAL D 100 -15.05 5.44 31.20
N THR D 101 -14.32 6.18 32.02
CA THR D 101 -13.13 5.66 32.70
C THR D 101 -13.51 4.56 33.68
N ILE D 102 -12.55 3.64 33.91
CA ILE D 102 -12.70 2.65 34.97
C ILE D 102 -12.97 3.34 36.30
N SER D 103 -12.17 4.37 36.62
CA SER D 103 -12.35 5.10 37.87
C SER D 103 -13.65 5.87 37.91
N SER D 104 -14.21 6.22 36.75
CA SER D 104 -15.51 6.89 36.73
C SER D 104 -16.63 5.93 37.15
N VAL D 105 -16.48 4.64 36.84
CA VAL D 105 -17.47 3.65 37.27
C VAL D 105 -17.24 3.26 38.72
N GLU D 106 -15.98 3.09 39.12
CA GLU D 106 -15.69 2.64 40.48
C GLU D 106 -16.07 3.69 41.51
N LYS D 107 -15.98 4.98 41.16
CA LYS D 107 -16.32 6.03 42.11
C LYS D 107 -17.77 5.93 42.56
N LYS D 108 -18.68 5.67 41.63
CA LYS D 108 -20.09 5.45 41.96
C LYS D 108 -20.36 4.04 42.47
N LEU D 109 -19.42 3.12 42.32
CA LEU D 109 -19.62 1.73 42.70
C LEU D 109 -19.12 1.43 44.10
N MET D 110 -18.01 2.03 44.50
CA MET D 110 -17.40 1.71 45.79
C MET D 110 -18.21 2.21 46.98
N ALA D 111 -19.27 2.99 46.75
CA ALA D 111 -20.08 3.50 47.85
C ALA D 111 -20.82 2.37 48.55
N PHE D 112 -21.71 1.69 47.82
CA PHE D 112 -22.51 0.61 48.37
C PHE D 112 -21.83 -0.75 48.24
N GLN D 113 -20.64 -0.82 47.65
CA GLN D 113 -19.92 -2.08 47.48
C GLN D 113 -18.66 -2.08 48.33
N PRO D 114 -18.46 -3.07 49.18
CA PRO D 114 -17.22 -3.12 49.97
C PRO D 114 -15.98 -3.36 49.11
N ALA D 115 -16.12 -4.03 47.97
CA ALA D 115 -15.01 -4.30 47.07
C ALA D 115 -15.48 -4.16 45.64
N PRO D 116 -15.16 -3.05 44.98
CA PRO D 116 -15.62 -2.84 43.60
C PRO D 116 -14.77 -3.60 42.60
N LYS D 117 -15.43 -4.34 41.71
CA LYS D 117 -14.75 -5.06 40.63
C LYS D 117 -15.37 -4.63 39.31
N VAL D 118 -14.53 -4.09 38.42
CA VAL D 118 -15.00 -3.59 37.12
C VAL D 118 -13.92 -3.83 36.08
N ILE D 119 -14.34 -3.96 34.83
CA ILE D 119 -13.46 -4.14 33.69
C ILE D 119 -13.99 -3.27 32.55
N ARG D 120 -13.16 -2.36 32.04
CA ARG D 120 -13.55 -1.52 30.92
C ARG D 120 -13.07 -2.16 29.61
N CYS D 121 -14.00 -2.41 28.71
CA CYS D 121 -13.68 -2.90 27.38
C CYS D 121 -14.26 -1.94 26.34
N MET D 122 -13.91 -2.19 25.08
CA MET D 122 -14.39 -1.38 23.98
C MET D 122 -14.14 -2.09 22.65
N THR D 123 -15.18 -2.25 21.85
CA THR D 123 -15.07 -2.92 20.56
C THR D 123 -15.65 -2.03 19.47
N ASN D 124 -15.24 -2.32 18.23
CA ASN D 124 -15.62 -1.51 17.09
C ASN D 124 -16.96 -1.97 16.53
N THR D 125 -17.35 -1.42 15.38
CA THR D 125 -18.63 -1.71 14.75
C THR D 125 -18.71 -3.10 14.10
N PRO D 126 -17.65 -3.61 13.42
CA PRO D 126 -17.80 -4.89 12.73
C PRO D 126 -17.83 -6.10 13.67
N VAL D 127 -18.51 -5.99 14.81
CA VAL D 127 -18.72 -7.15 15.67
C VAL D 127 -19.90 -8.00 15.20
N VAL D 128 -20.73 -7.48 14.31
CA VAL D 128 -21.88 -8.23 13.81
C VAL D 128 -21.47 -9.37 12.88
N VAL D 129 -20.21 -9.42 12.48
CA VAL D 129 -19.69 -10.49 11.64
C VAL D 129 -18.69 -11.36 12.40
N GLN D 130 -18.62 -11.22 13.72
CA GLN D 130 -17.75 -12.03 14.58
C GLN D 130 -16.29 -11.90 14.20
N GLU D 131 -15.89 -10.76 13.65
CA GLU D 131 -14.50 -10.50 13.30
C GLU D 131 -14.20 -9.01 13.45
N GLY D 132 -14.37 -8.49 14.65
CA GLY D 132 -14.00 -7.13 14.98
C GLY D 132 -12.72 -7.07 15.79
N ALA D 133 -12.49 -5.92 16.42
CA ALA D 133 -11.36 -5.71 17.29
C ALA D 133 -11.83 -5.12 18.60
N THR D 134 -11.33 -5.64 19.71
CA THR D 134 -11.73 -5.16 21.03
C THR D 134 -10.51 -5.03 21.93
N VAL D 135 -10.64 -4.19 22.95
CA VAL D 135 -9.61 -3.95 23.94
C VAL D 135 -10.25 -4.03 25.32
N TYR D 136 -9.42 -4.11 26.34
CA TYR D 136 -9.93 -4.19 27.71
C TYR D 136 -8.83 -3.80 28.69
N ALA D 137 -9.22 -3.05 29.72
CA ALA D 137 -8.34 -2.68 30.81
C ALA D 137 -8.74 -3.48 32.06
N THR D 138 -7.87 -3.42 33.07
CA THR D 138 -8.06 -4.18 34.30
C THR D 138 -8.19 -3.21 35.47
N GLY D 139 -9.32 -3.28 36.17
CA GLY D 139 -9.45 -2.57 37.43
C GLY D 139 -8.49 -3.15 38.46
N THR D 140 -7.86 -2.26 39.23
CA THR D 140 -6.83 -2.69 40.17
C THR D 140 -7.38 -3.68 41.18
N HIS D 141 -8.64 -3.51 41.59
CA HIS D 141 -9.26 -4.49 42.45
C HIS D 141 -9.67 -5.75 41.69
N ALA D 142 -10.07 -5.61 40.43
CA ALA D 142 -10.44 -6.75 39.60
C ALA D 142 -9.19 -7.58 39.31
N LEU D 143 -9.17 -8.80 39.83
CA LEU D 143 -8.01 -9.67 39.68
C LEU D 143 -7.75 -9.98 38.22
N VAL D 144 -6.47 -10.22 37.90
CA VAL D 144 -6.08 -10.59 36.55
C VAL D 144 -6.79 -11.87 36.13
N GLU D 145 -7.10 -12.74 37.09
CA GLU D 145 -7.84 -13.97 36.81
C GLU D 145 -9.22 -13.69 36.20
N ASP D 146 -9.74 -12.47 36.36
CA ASP D 146 -11.05 -12.14 35.81
C ASP D 146 -11.01 -11.76 34.34
N GLY D 147 -9.82 -11.51 33.78
CA GLY D 147 -9.72 -11.04 32.42
C GLY D 147 -9.79 -12.11 31.35
N GLN D 148 -9.21 -13.28 31.63
CA GLN D 148 -9.23 -14.36 30.64
C GLN D 148 -10.65 -14.82 30.33
N LEU D 149 -11.54 -14.75 31.31
CA LEU D 149 -12.95 -15.01 31.04
C LEU D 149 -13.51 -14.00 30.05
N LEU D 150 -13.24 -12.71 30.29
CA LEU D 150 -13.64 -11.68 29.33
C LEU D 150 -12.92 -11.85 28.01
N GLU D 151 -11.72 -12.45 28.03
CA GLU D 151 -11.08 -12.84 26.78
C GLU D 151 -11.83 -14.00 26.13
N GLN D 152 -12.16 -15.03 26.93
CA GLN D 152 -12.83 -16.20 26.39
C GLN D 152 -14.13 -15.83 25.69
N LEU D 153 -14.90 -14.93 26.29
CA LEU D 153 -16.14 -14.49 25.66
C LEU D 153 -15.87 -13.63 24.44
N MET D 154 -15.11 -12.54 24.62
CA MET D 154 -14.94 -11.55 23.55
C MET D 154 -14.03 -12.04 22.44
N SER D 155 -13.24 -13.09 22.67
CA SER D 155 -12.45 -13.65 21.57
C SER D 155 -13.34 -14.23 20.48
N SER D 156 -14.58 -14.56 20.80
CA SER D 156 -15.50 -15.08 19.79
C SER D 156 -15.95 -13.98 18.84
N VAL D 157 -16.16 -12.77 19.35
CA VAL D 157 -16.64 -11.68 18.50
C VAL D 157 -15.50 -10.88 17.89
N GLY D 158 -14.33 -10.84 18.52
CA GLY D 158 -13.24 -10.06 17.97
C GLY D 158 -11.93 -10.37 18.68
N PHE D 159 -10.87 -9.72 18.19
CA PHE D 159 -9.54 -9.89 18.77
C PHE D 159 -9.48 -9.28 20.16
N CYS D 160 -9.09 -10.09 21.14
CA CYS D 160 -9.04 -9.66 22.54
C CYS D 160 -7.61 -9.82 23.05
N THR D 161 -6.97 -8.70 23.35
CA THR D 161 -5.60 -8.68 23.85
C THR D 161 -5.48 -7.57 24.89
N GLU D 162 -4.69 -7.84 25.94
CA GLU D 162 -4.51 -6.88 27.01
C GLU D 162 -3.98 -5.55 26.49
N VAL D 163 -4.60 -4.46 26.93
CA VAL D 163 -4.12 -3.10 26.67
C VAL D 163 -4.23 -2.30 27.95
N GLU D 164 -3.23 -1.47 28.20
CA GLU D 164 -3.35 -0.47 29.27
C GLU D 164 -4.38 0.58 28.86
N GLU D 165 -5.09 1.10 29.87
CA GLU D 165 -6.18 2.02 29.60
C GLU D 165 -5.69 3.34 28.99
N ASP D 166 -4.40 3.67 29.14
CA ASP D 166 -3.89 4.91 28.60
C ASP D 166 -4.03 4.98 27.08
N LEU D 167 -3.93 3.84 26.41
CA LEU D 167 -3.90 3.80 24.95
C LEU D 167 -5.26 3.57 24.32
N ILE D 168 -6.31 3.42 25.13
CA ILE D 168 -7.65 3.17 24.57
C ILE D 168 -8.08 4.31 23.66
N ASP D 169 -7.70 5.55 23.99
CA ASP D 169 -7.98 6.67 23.11
C ASP D 169 -7.28 6.52 21.77
N ALA D 170 -6.08 5.96 21.76
CA ALA D 170 -5.35 5.75 20.51
C ALA D 170 -5.87 4.55 19.73
N VAL D 171 -6.44 3.56 20.42
CA VAL D 171 -7.01 2.39 19.74
C VAL D 171 -8.21 2.80 18.90
N THR D 172 -8.99 3.77 19.37
CA THR D 172 -10.15 4.24 18.62
C THR D 172 -9.75 4.75 17.24
N GLY D 173 -8.57 5.36 17.12
CA GLY D 173 -8.10 5.83 15.83
C GLY D 173 -7.70 4.74 14.86
N LEU D 174 -7.57 3.49 15.33
CA LEU D 174 -7.18 2.38 14.48
C LEU D 174 -8.25 1.31 14.38
N SER D 175 -8.66 0.71 15.49
CA SER D 175 -9.67 -0.34 15.44
C SER D 175 -11.07 0.23 15.33
N GLY D 176 -11.33 1.39 15.92
CA GLY D 176 -12.65 1.98 15.89
C GLY D 176 -13.03 2.59 14.55
N SER D 177 -12.38 3.69 14.19
CA SER D 177 -12.67 4.37 12.93
C SER D 177 -12.01 3.70 11.74
N GLY D 178 -11.16 2.69 11.97
CA GLY D 178 -10.50 1.96 10.91
C GLY D 178 -11.42 1.38 9.86
N PRO D 179 -12.45 0.63 10.28
CA PRO D 179 -13.41 0.10 9.29
C PRO D 179 -13.97 1.15 8.35
N ALA D 180 -14.13 2.40 8.80
CA ALA D 180 -14.59 3.45 7.90
C ALA D 180 -13.56 3.73 6.81
N TYR D 181 -12.27 3.56 7.10
CA TYR D 181 -11.25 3.79 6.08
C TYR D 181 -11.34 2.76 4.96
N ALA D 182 -11.64 1.51 5.30
CA ALA D 182 -11.72 0.48 4.28
C ALA D 182 -12.91 0.71 3.35
N PHE D 183 -14.05 1.10 3.90
CA PHE D 183 -15.23 1.35 3.08
C PHE D 183 -14.98 2.44 2.05
N MET D 184 -14.23 3.47 2.42
CA MET D 184 -13.83 4.48 1.44
C MET D 184 -12.92 3.89 0.38
N ALA D 185 -12.04 2.97 0.78
CA ALA D 185 -11.17 2.30 -0.18
C ALA D 185 -11.96 1.35 -1.08
N LEU D 186 -12.83 0.55 -0.47
CA LEU D 186 -13.60 -0.42 -1.24
C LEU D 186 -14.49 0.25 -2.27
N ASP D 187 -15.14 1.36 -1.90
CA ASP D 187 -15.91 2.11 -2.88
C ASP D 187 -15.00 2.74 -3.93
N ALA D 188 -13.82 3.20 -3.52
CA ALA D 188 -12.87 3.73 -4.48
C ALA D 188 -12.28 2.64 -5.36
N LEU D 189 -11.94 1.49 -4.75
CA LEU D 189 -11.43 0.37 -5.53
C LEU D 189 -12.44 -0.07 -6.58
N ALA D 190 -13.70 -0.22 -6.19
CA ALA D 190 -14.74 -0.61 -7.15
C ALA D 190 -15.01 0.51 -8.15
N ASP D 191 -14.93 1.77 -7.70
CA ASP D 191 -15.09 2.89 -8.62
C ASP D 191 -14.00 2.88 -9.69
N GLY D 192 -12.77 2.54 -9.29
CA GLY D 192 -11.71 2.36 -10.27
C GLY D 192 -11.86 1.10 -11.07
N GLY D 193 -12.49 0.07 -10.50
CA GLY D 193 -12.73 -1.15 -11.24
C GLY D 193 -13.80 -0.97 -12.31
N VAL D 194 -14.85 -0.24 -12.00
CA VAL D 194 -15.90 0.04 -12.98
C VAL D 194 -15.35 0.93 -14.10
N LYS D 195 -14.41 1.81 -13.77
CA LYS D 195 -13.78 2.65 -14.79
C LYS D 195 -13.06 1.81 -15.83
N MET D 196 -12.58 0.62 -15.45
CA MET D 196 -11.79 -0.23 -16.33
C MET D 196 -12.59 -1.39 -16.89
N GLY D 197 -13.93 -1.30 -16.91
CA GLY D 197 -14.76 -2.28 -17.58
C GLY D 197 -15.44 -3.27 -16.67
N LEU D 198 -15.07 -3.34 -15.40
CA LEU D 198 -15.70 -4.30 -14.50
C LEU D 198 -17.07 -3.81 -14.05
N PRO D 199 -18.00 -4.73 -13.76
CA PRO D 199 -19.29 -4.31 -13.21
C PRO D 199 -19.16 -3.85 -11.77
N ARG D 200 -20.28 -3.41 -11.17
CA ARG D 200 -20.24 -2.91 -9.80
C ARG D 200 -20.16 -4.05 -8.78
N ARG D 201 -21.16 -4.93 -8.78
CA ARG D 201 -21.22 -6.00 -7.78
C ARG D 201 -20.01 -6.92 -7.86
N LEU D 202 -19.40 -7.06 -9.04
CA LEU D 202 -18.18 -7.85 -9.16
C LEU D 202 -16.98 -7.11 -8.59
N ALA D 203 -16.91 -5.79 -8.82
CA ALA D 203 -15.78 -5.02 -8.32
C ALA D 203 -15.87 -4.83 -6.81
N ILE D 204 -17.07 -4.58 -6.28
CA ILE D 204 -17.25 -4.47 -4.84
C ILE D 204 -16.88 -5.78 -4.15
N GLN D 205 -17.15 -6.91 -4.80
CA GLN D 205 -16.89 -8.20 -4.18
C GLN D 205 -15.41 -8.59 -4.30
N LEU D 206 -14.80 -8.34 -5.45
CA LEU D 206 -13.39 -8.70 -5.64
C LEU D 206 -12.48 -7.86 -4.74
N GLY D 207 -12.78 -6.58 -4.60
CA GLY D 207 -11.95 -5.72 -3.76
C GLY D 207 -12.05 -6.08 -2.29
N ALA D 208 -13.24 -6.48 -1.84
CA ALA D 208 -13.41 -6.84 -0.43
C ALA D 208 -12.76 -8.18 -0.12
N GLN D 209 -12.74 -9.10 -1.08
CA GLN D 209 -12.07 -10.38 -0.84
C GLN D 209 -10.56 -10.20 -0.76
N ALA D 210 -10.02 -9.18 -1.41
CA ALA D 210 -8.58 -8.92 -1.33
C ALA D 210 -8.18 -8.50 0.06
N LEU D 211 -8.93 -7.57 0.67
CA LEU D 211 -8.60 -7.13 2.02
C LEU D 211 -8.90 -8.22 3.05
N LEU D 212 -9.88 -9.08 2.77
CA LEU D 212 -10.19 -10.17 3.70
C LEU D 212 -9.06 -11.19 3.77
N GLY D 213 -8.34 -11.39 2.67
CA GLY D 213 -7.24 -12.32 2.68
C GLY D 213 -5.92 -11.67 3.01
N ALA D 214 -5.77 -10.39 2.66
CA ALA D 214 -4.50 -9.69 2.87
C ALA D 214 -4.19 -9.58 4.36
N ALA D 215 -5.14 -9.11 5.17
CA ALA D 215 -4.91 -9.02 6.60
C ALA D 215 -5.00 -10.38 7.28
N LYS D 216 -5.76 -11.32 6.72
CA LYS D 216 -5.76 -12.68 7.24
C LYS D 216 -4.43 -13.37 6.98
N MET D 217 -3.73 -12.99 5.90
CA MET D 217 -2.35 -13.42 5.73
C MET D 217 -1.47 -12.88 6.85
N LEU D 218 -1.85 -11.74 7.43
CA LEU D 218 -1.03 -11.06 8.42
C LEU D 218 -1.37 -11.48 9.85
N LEU D 219 -2.54 -12.08 10.08
CA LEU D 219 -2.85 -12.62 11.39
C LEU D 219 -2.24 -13.99 11.61
N ASP D 220 -2.15 -14.80 10.54
CA ASP D 220 -1.52 -16.11 10.66
C ASP D 220 0.00 -16.01 10.69
N SER D 221 0.56 -15.03 10.00
CA SER D 221 2.00 -14.89 9.86
C SER D 221 2.54 -13.79 10.75
N GLU D 222 3.76 -13.98 11.24
CA GLU D 222 4.50 -12.94 11.95
C GLU D 222 5.38 -12.12 11.02
N GLN D 223 5.24 -12.29 9.72
CA GLN D 223 5.99 -11.50 8.75
C GLN D 223 5.55 -10.04 8.80
N HIS D 224 6.46 -9.15 8.41
CA HIS D 224 6.16 -7.73 8.43
C HIS D 224 5.18 -7.40 7.30
N PRO D 225 4.23 -6.49 7.54
CA PRO D 225 3.28 -6.12 6.48
C PRO D 225 3.93 -5.67 5.18
N CYS D 226 5.13 -5.09 5.25
CA CYS D 226 5.82 -4.67 4.03
C CYS D 226 6.44 -5.84 3.28
N GLN D 227 6.85 -6.89 4.00
CA GLN D 227 7.52 -8.01 3.35
C GLN D 227 6.56 -8.84 2.50
N LEU D 228 5.29 -8.93 2.91
CA LEU D 228 4.31 -9.63 2.09
C LEU D 228 3.95 -8.85 0.83
N LYS D 229 4.26 -7.55 0.78
CA LYS D 229 3.94 -6.75 -0.39
C LYS D 229 4.83 -7.11 -1.57
N ASP D 230 6.15 -7.00 -1.40
CA ASP D 230 7.06 -7.35 -2.48
C ASP D 230 7.09 -8.85 -2.76
N ASN D 231 6.51 -9.67 -1.89
CA ASN D 231 6.27 -11.07 -2.26
C ASN D 231 5.20 -11.17 -3.33
N VAL D 232 4.28 -10.21 -3.37
CA VAL D 232 3.26 -10.19 -4.42
C VAL D 232 3.82 -9.53 -5.69
N CYS D 233 4.61 -8.48 -5.54
CA CYS D 233 5.13 -7.75 -6.69
C CYS D 233 6.12 -8.62 -7.46
N SER D 234 6.23 -8.33 -8.76
CA SER D 234 7.11 -9.03 -9.67
C SER D 234 8.09 -8.05 -10.30
N PRO D 235 9.29 -8.49 -10.65
CA PRO D 235 10.25 -7.61 -11.33
C PRO D 235 9.67 -7.07 -12.63
N GLY D 236 9.46 -5.76 -12.68
CA GLY D 236 8.77 -5.16 -13.79
C GLY D 236 7.31 -5.54 -13.85
N GLY D 237 6.64 -5.58 -12.70
CA GLY D 237 5.26 -5.98 -12.62
C GLY D 237 4.32 -4.80 -12.43
N ALA D 238 3.09 -4.95 -12.94
CA ALA D 238 2.09 -3.90 -12.82
C ALA D 238 1.69 -3.65 -11.37
N THR D 239 1.93 -4.61 -10.48
CA THR D 239 1.72 -4.36 -9.06
C THR D 239 2.66 -3.29 -8.51
N THR D 240 3.82 -3.10 -9.13
CA THR D 240 4.76 -2.06 -8.74
C THR D 240 4.42 -0.71 -9.36
N HIS D 241 3.94 -0.70 -10.61
CA HIS D 241 3.54 0.55 -11.24
C HIS D 241 2.36 1.18 -10.50
N ALA D 242 1.40 0.37 -10.08
CA ALA D 242 0.25 0.90 -9.35
C ALA D 242 0.65 1.43 -7.98
N LEU D 243 1.66 0.83 -7.36
CA LEU D 243 2.14 1.31 -6.06
C LEU D 243 2.81 2.66 -6.17
N HIS D 244 3.41 2.96 -7.33
CA HIS D 244 4.07 4.24 -7.52
C HIS D 244 3.08 5.39 -7.37
N PHE D 245 1.86 5.22 -7.87
CA PHE D 245 0.86 6.28 -7.78
C PHE D 245 0.36 6.47 -6.36
N LEU D 246 0.40 5.43 -5.54
CA LEU D 246 -0.04 5.56 -4.16
C LEU D 246 1.00 6.28 -3.31
N GLU D 247 2.28 5.97 -3.53
CA GLU D 247 3.34 6.69 -2.83
C GLU D 247 3.53 8.10 -3.38
N SER D 248 3.08 8.36 -4.61
CA SER D 248 3.21 9.70 -5.18
C SER D 248 2.28 10.69 -4.49
N GLY D 249 1.08 10.23 -4.12
CA GLY D 249 0.14 11.05 -3.39
C GLY D 249 0.19 10.93 -1.88
N GLY D 250 1.16 10.19 -1.35
CA GLY D 250 1.20 9.97 0.09
C GLY D 250 0.07 9.13 0.64
N PHE D 251 -0.28 8.03 -0.05
CA PHE D 251 -1.31 7.12 0.44
C PHE D 251 -1.03 6.69 1.87
N ARG D 252 0.24 6.53 2.22
CA ARG D 252 0.62 6.22 3.58
C ARG D 252 0.35 7.41 4.51
N SER D 253 0.79 8.60 4.09
CA SER D 253 0.73 9.77 4.97
C SER D 253 -0.71 10.10 5.36
N LEU D 254 -1.67 9.86 4.47
CA LEU D 254 -3.06 10.16 4.79
C LEU D 254 -3.58 9.32 5.95
N LEU D 255 -3.26 8.02 5.95
CA LEU D 255 -3.74 7.15 7.00
C LEU D 255 -3.10 7.47 8.35
N ILE D 256 -1.89 8.02 8.34
CA ILE D 256 -1.28 8.45 9.59
C ILE D 256 -1.96 9.71 10.10
N ASN D 257 -2.43 10.57 9.20
CA ASN D 257 -3.19 11.76 9.61
C ASN D 257 -4.56 11.38 10.15
N ALA D 258 -5.17 10.34 9.60
CA ALA D 258 -6.49 9.90 10.07
C ALA D 258 -6.40 9.32 11.48
N VAL D 259 -5.41 8.47 11.72
CA VAL D 259 -5.20 7.93 13.06
C VAL D 259 -4.85 9.04 14.04
N GLU D 260 -4.11 10.05 13.56
CA GLU D 260 -3.78 11.19 14.42
C GLU D 260 -5.02 11.98 14.80
N ALA D 261 -5.88 12.27 13.82
CA ALA D 261 -7.05 13.11 14.09
C ALA D 261 -8.09 12.37 14.92
N SER D 262 -8.25 11.06 14.71
CA SER D 262 -9.25 10.32 15.47
C SER D 262 -8.84 10.18 16.94
N CYS D 263 -7.54 10.16 17.22
CA CYS D 263 -7.10 10.10 18.61
C CYS D 263 -7.26 11.44 19.29
N ILE D 264 -6.84 12.52 18.64
CA ILE D 264 -6.89 13.85 19.25
C ILE D 264 -8.33 14.26 19.52
N ARG D 265 -9.24 13.97 18.58
CA ARG D 265 -10.63 14.39 18.74
C ARG D 265 -11.29 13.70 19.92
N THR D 266 -10.98 12.42 20.14
CA THR D 266 -11.63 11.68 21.21
C THR D 266 -11.33 12.30 22.58
N ARG D 267 -10.05 12.61 22.84
CA ARG D 267 -9.71 13.30 24.08
C ARG D 267 -10.21 14.73 24.06
N GLU D 268 -10.26 15.36 22.89
CA GLU D 268 -10.86 16.68 22.78
C GLU D 268 -12.35 16.63 23.11
N LEU D 269 -13.04 15.57 22.67
CA LEU D 269 -14.44 15.39 23.04
C LEU D 269 -14.59 15.03 24.51
N GLN D 270 -13.61 14.33 25.08
CA GLN D 270 -13.68 14.00 26.50
C GLN D 270 -13.37 15.22 27.36
N SER D 271 -12.36 16.00 26.98
CA SER D 271 -12.00 17.19 27.74
C SER D 271 -13.11 18.24 27.74
N MET D 272 -14.00 18.21 26.75
CA MET D 272 -15.16 19.10 26.78
C MET D 272 -16.14 18.67 27.85
N ALA D 273 -16.38 17.37 27.98
CA ALA D 273 -17.26 16.88 29.03
C ALA D 273 -16.56 16.84 30.38
N ASP D 274 -15.34 16.30 30.41
CA ASP D 274 -14.56 16.22 31.65
C ASP D 274 -14.12 17.61 32.09
N GLN E 11 19.34 -3.27 26.75
CA GLN E 11 20.15 -4.45 26.42
C GLN E 11 21.16 -4.11 25.32
N LEU E 12 21.22 -2.84 24.94
CA LEU E 12 22.14 -2.39 23.91
C LEU E 12 23.59 -2.33 24.38
N ALA E 13 23.86 -2.63 25.65
CA ALA E 13 25.25 -2.65 26.13
C ALA E 13 26.04 -3.83 25.59
N TYR E 14 25.37 -4.93 25.22
CA TYR E 14 26.07 -6.07 24.64
C TYR E 14 26.73 -5.70 23.32
N ALA E 15 26.05 -4.87 22.51
CA ALA E 15 26.62 -4.43 21.25
C ALA E 15 27.92 -3.65 21.45
N LEU E 16 28.01 -2.89 22.53
CA LEU E 16 29.23 -2.16 22.83
C LEU E 16 30.36 -3.11 23.22
N ALA E 17 30.03 -4.19 23.92
CA ALA E 17 31.05 -5.14 24.35
C ALA E 17 31.68 -5.85 23.17
N ARG E 18 30.88 -6.19 22.15
CA ARG E 18 31.43 -6.80 20.95
C ARG E 18 32.37 -5.86 20.22
N GLY E 19 32.08 -4.56 20.24
CA GLY E 19 33.00 -3.60 19.66
C GLY E 19 34.25 -3.39 20.49
N PHE E 20 34.12 -3.46 21.81
CA PHE E 20 35.29 -3.35 22.68
C PHE E 20 36.17 -4.59 22.55
N THR E 21 35.60 -5.77 22.82
CA THR E 21 36.38 -7.00 22.87
C THR E 21 36.99 -7.37 21.52
N ALA E 22 36.44 -6.87 20.42
CA ALA E 22 37.04 -7.12 19.11
C ALA E 22 38.31 -6.31 18.88
N ALA E 23 38.68 -5.44 19.82
CA ALA E 23 39.91 -4.67 19.68
C ALA E 23 40.54 -4.26 21.00
N GLY E 24 39.89 -4.55 22.14
CA GLY E 24 40.45 -4.18 23.43
C GLY E 24 39.80 -4.92 24.58
N ILE E 25 40.60 -5.27 25.59
CA ILE E 25 40.13 -6.00 26.77
C ILE E 25 39.45 -7.31 26.38
N ILE E 31 34.58 -7.57 31.66
CA ILE E 31 33.53 -6.56 31.68
C ILE E 31 32.37 -7.05 32.55
N ILE E 32 32.06 -6.29 33.59
CA ILE E 32 31.00 -6.66 34.54
C ILE E 32 29.70 -5.99 34.10
N ALA E 33 28.58 -6.70 34.30
CA ALA E 33 27.27 -6.21 33.96
C ALA E 33 26.31 -6.46 35.11
N SER E 34 25.38 -5.53 35.32
CA SER E 34 24.40 -5.61 36.40
C SER E 34 23.05 -5.97 35.80
N SER E 35 22.54 -7.16 36.15
CA SER E 35 21.26 -7.63 35.65
C SER E 35 20.55 -8.46 36.71
N PRO E 36 19.43 -7.99 37.26
CA PRO E 36 18.73 -8.77 38.28
C PRO E 36 17.77 -9.80 37.70
N GLU E 37 17.03 -9.43 36.65
CA GLU E 37 16.02 -10.32 36.11
C GLU E 37 16.67 -11.47 35.33
N MET E 38 17.48 -11.15 34.33
CA MET E 38 18.23 -12.14 33.54
C MET E 38 17.29 -13.13 32.86
N ASN E 39 16.22 -12.62 32.24
CA ASN E 39 15.26 -13.44 31.53
C ASN E 39 15.07 -12.93 30.11
N LEU E 40 16.14 -12.46 29.50
CA LEU E 40 16.13 -11.94 28.13
C LEU E 40 17.27 -12.54 27.34
N PRO E 41 17.14 -12.62 26.01
CA PRO E 41 18.16 -13.32 25.20
C PRO E 41 19.52 -12.64 25.22
N THR E 42 19.59 -11.34 25.51
CA THR E 42 20.88 -10.64 25.52
C THR E 42 21.80 -11.19 26.62
N VAL E 43 21.23 -11.76 27.67
CA VAL E 43 22.03 -12.18 28.83
C VAL E 43 23.00 -13.31 28.44
N SER E 44 22.47 -14.37 27.81
CA SER E 44 23.29 -15.55 27.57
C SER E 44 24.46 -15.26 26.64
N ALA E 45 24.23 -14.48 25.59
CA ALA E 45 25.30 -14.16 24.65
C ALA E 45 26.42 -13.36 25.31
N LEU E 46 26.14 -12.72 26.45
CA LEU E 46 27.15 -11.96 27.17
C LEU E 46 27.86 -12.76 28.24
N ARG E 47 27.24 -13.84 28.74
CA ARG E 47 27.88 -14.66 29.76
C ARG E 47 29.19 -15.26 29.26
N LYS E 48 29.28 -15.56 27.97
CA LYS E 48 30.52 -16.02 27.37
C LYS E 48 31.44 -14.87 26.95
N MET E 49 30.94 -13.64 26.94
CA MET E 49 31.71 -12.49 26.49
C MET E 49 32.46 -11.82 27.64
N GLY E 50 31.77 -11.55 28.75
CA GLY E 50 32.40 -10.92 29.90
C GLY E 50 32.62 -11.89 31.04
N VAL E 51 31.74 -12.90 31.15
CA VAL E 51 31.78 -13.91 32.20
C VAL E 51 31.76 -13.25 33.56
N ASN E 52 31.21 -12.03 33.62
CA ASN E 52 31.14 -11.24 34.87
C ASN E 52 29.74 -10.63 34.95
N LEU E 53 28.81 -11.38 35.51
CA LEU E 53 27.46 -10.90 35.76
C LEU E 53 27.19 -11.00 37.26
N THR E 54 26.77 -9.88 37.85
CA THR E 54 26.49 -9.81 39.28
C THR E 54 25.02 -9.48 39.48
N ARG E 55 24.30 -10.39 40.14
CA ARG E 55 22.88 -10.20 40.43
C ARG E 55 22.72 -9.58 41.82
N SER E 56 23.12 -8.32 41.92
CA SER E 56 23.06 -7.59 43.18
C SER E 56 22.74 -6.13 42.89
N ASN E 57 22.39 -5.40 43.95
CA ASN E 57 22.15 -3.97 43.86
C ASN E 57 23.36 -3.14 44.26
N LYS E 58 24.24 -3.68 45.11
CA LYS E 58 25.46 -3.00 45.52
C LYS E 58 26.68 -3.43 44.72
N GLU E 59 26.59 -4.51 43.95
CA GLU E 59 27.71 -4.95 43.14
C GLU E 59 27.91 -4.02 41.95
N THR E 60 29.06 -4.19 41.29
CA THR E 60 29.52 -3.30 40.22
C THR E 60 29.79 -1.88 40.73
N VAL E 61 29.91 -1.71 42.04
CA VAL E 61 30.28 -0.42 42.61
C VAL E 61 31.75 -0.13 42.32
N LYS E 62 32.64 -0.99 42.80
CA LYS E 62 34.06 -0.92 42.46
C LYS E 62 34.37 -1.59 41.13
N HIS E 63 33.47 -1.44 40.16
CA HIS E 63 33.62 -2.09 38.87
C HIS E 63 34.83 -1.55 38.13
N SER E 64 35.70 -2.45 37.67
CA SER E 64 36.83 -2.04 36.86
C SER E 64 36.36 -1.40 35.55
N ASP E 65 35.26 -1.91 35.00
CA ASP E 65 34.67 -1.28 33.83
C ASP E 65 34.02 0.05 34.21
N VAL E 66 34.26 1.06 33.37
CA VAL E 66 33.66 2.37 33.59
C VAL E 66 32.14 2.22 33.62
N LEU E 67 31.52 2.79 34.66
CA LEU E 67 30.12 2.54 34.94
C LEU E 67 29.23 3.12 33.83
N PHE E 68 28.21 2.35 33.45
CA PHE E 68 27.26 2.73 32.42
C PHE E 68 25.84 2.74 33.00
N LEU E 69 24.96 3.47 32.33
CA LEU E 69 23.58 3.63 32.78
C LEU E 69 22.68 2.60 32.10
N ALA E 70 21.37 2.74 32.29
CA ALA E 70 20.38 1.83 31.75
C ALA E 70 19.59 2.51 30.64
N VAL E 71 18.66 1.75 30.05
CA VAL E 71 17.88 2.24 28.92
C VAL E 71 16.48 2.71 29.32
N LYS E 72 16.16 2.69 30.62
CA LYS E 72 14.90 3.24 31.11
C LYS E 72 15.16 4.61 31.70
N PRO E 73 14.48 5.66 31.25
CA PRO E 73 14.93 7.02 31.60
C PRO E 73 14.63 7.42 33.04
N HIS E 74 13.55 6.91 33.64
CA HIS E 74 13.12 7.40 34.94
C HIS E 74 13.69 6.61 36.11
N ILE E 75 14.26 5.43 35.87
CA ILE E 75 14.82 4.63 36.96
C ILE E 75 16.27 5.00 37.27
N ILE E 76 16.92 5.79 36.41
CA ILE E 76 18.31 6.18 36.67
C ILE E 76 18.44 6.95 37.97
N PRO E 77 17.56 7.88 38.33
CA PRO E 77 17.66 8.49 39.67
C PRO E 77 17.50 7.51 40.81
N PHE E 78 16.86 6.36 40.58
CA PHE E 78 16.79 5.33 41.62
C PHE E 78 18.06 4.50 41.66
N ILE E 79 18.68 4.25 40.51
CA ILE E 79 19.91 3.48 40.48
C ILE E 79 21.06 4.29 41.08
N LEU E 80 21.14 5.58 40.75
CA LEU E 80 22.20 6.42 41.29
C LEU E 80 22.04 6.67 42.78
N ASP E 81 20.82 6.52 43.32
CA ASP E 81 20.60 6.68 44.75
C ASP E 81 20.86 5.39 45.52
N GLU E 82 20.59 4.24 44.91
CA GLU E 82 20.86 2.97 45.58
C GLU E 82 22.35 2.64 45.54
N ILE E 83 23.01 2.89 44.42
CA ILE E 83 24.44 2.63 44.26
C ILE E 83 25.08 3.84 43.61
N GLY E 84 26.37 4.04 43.90
CA GLY E 84 27.07 5.21 43.41
C GLY E 84 27.36 6.18 44.54
N ALA E 85 26.39 6.35 45.43
CA ALA E 85 26.59 7.12 46.65
C ALA E 85 26.92 6.23 47.85
N ASP E 86 26.35 5.02 47.90
CA ASP E 86 26.72 4.08 48.96
C ASP E 86 28.11 3.50 48.73
N VAL E 87 28.51 3.34 47.47
CA VAL E 87 29.83 2.82 47.12
C VAL E 87 30.12 3.13 45.65
N GLN E 88 31.28 3.72 45.39
CA GLN E 88 31.71 4.02 44.02
C GLN E 88 33.22 4.19 43.94
N HIS E 91 36.45 6.79 39.49
CA HIS E 91 35.07 7.21 39.22
C HIS E 91 34.98 8.05 37.96
N ILE E 92 34.67 7.41 36.84
CA ILE E 92 34.51 8.09 35.56
C ILE E 92 33.16 7.69 34.98
N VAL E 93 32.07 8.09 35.63
CA VAL E 93 30.75 7.61 35.25
C VAL E 93 30.39 8.09 33.85
N VAL E 94 29.79 7.19 33.06
CA VAL E 94 29.35 7.48 31.70
C VAL E 94 27.93 6.96 31.56
N SER E 95 26.96 7.86 31.50
CA SER E 95 25.55 7.51 31.44
C SER E 95 25.06 7.49 29.99
N CYS E 96 24.25 6.47 29.67
CA CYS E 96 23.72 6.28 28.32
C CYS E 96 22.20 6.19 28.39
N ALA E 97 21.53 7.28 28.04
CA ALA E 97 20.07 7.32 28.00
C ALA E 97 19.65 8.58 27.25
N ALA E 98 18.34 8.79 27.18
CA ALA E 98 17.76 9.95 26.52
C ALA E 98 17.28 10.95 27.57
N GLY E 99 17.63 12.22 27.37
CA GLY E 99 17.19 13.24 28.29
C GLY E 99 17.98 13.35 29.57
N VAL E 100 19.16 12.72 29.64
CA VAL E 100 19.98 12.81 30.84
C VAL E 100 20.51 14.23 30.99
N THR E 101 20.69 14.64 32.24
CA THR E 101 21.16 15.99 32.58
C THR E 101 22.36 15.87 33.51
N ILE E 102 23.55 16.13 32.99
CA ILE E 102 24.76 16.10 33.81
C ILE E 102 24.70 17.14 34.92
N SER E 103 23.88 18.18 34.77
CA SER E 103 23.79 19.22 35.78
C SER E 103 22.83 18.85 36.91
N SER E 104 21.76 18.12 36.60
CA SER E 104 20.72 17.83 37.59
C SER E 104 20.93 16.51 38.31
N VAL E 105 21.57 15.53 37.67
CA VAL E 105 21.79 14.24 38.29
C VAL E 105 23.17 14.15 38.93
N GLU E 106 23.85 15.29 39.08
CA GLU E 106 25.17 15.34 39.71
C GLU E 106 25.03 15.43 41.22
N LYS E 107 24.63 14.30 41.81
CA LYS E 107 24.42 14.22 43.25
C LYS E 107 25.25 13.09 43.87
N PRO E 116 31.39 14.98 41.31
CA PRO E 116 32.00 13.76 40.75
C PRO E 116 32.13 13.83 39.23
N LYS E 117 32.72 12.79 38.65
CA LYS E 117 32.92 12.71 37.20
C LYS E 117 31.77 11.91 36.59
N VAL E 118 31.00 12.56 35.72
CA VAL E 118 29.88 11.93 35.04
C VAL E 118 29.78 12.50 33.63
N ILE E 119 29.69 11.61 32.64
CA ILE E 119 29.66 11.99 31.23
C ILE E 119 28.42 11.38 30.60
N ARG E 120 27.68 12.19 29.85
CA ARG E 120 26.51 11.73 29.12
C ARG E 120 26.91 11.34 27.70
N CYS E 121 26.35 10.24 27.21
CA CYS E 121 26.63 9.76 25.86
C CYS E 121 25.33 9.41 25.16
N MET E 122 25.13 9.97 23.98
CA MET E 122 23.99 9.69 23.13
C MET E 122 24.45 8.89 21.92
N THR E 123 23.84 7.73 21.69
CA THR E 123 24.29 6.79 20.68
C THR E 123 23.13 6.43 19.75
N ASN E 124 23.46 6.22 18.48
CA ASN E 124 22.49 5.75 17.50
C ASN E 124 22.30 4.24 17.62
N THR E 125 21.20 3.75 17.06
CA THR E 125 20.89 2.33 17.11
C THR E 125 21.88 1.46 16.33
N PRO E 126 22.39 1.87 15.14
CA PRO E 126 23.31 0.96 14.41
C PRO E 126 24.66 0.78 15.10
N VAL E 127 24.62 0.43 16.39
CA VAL E 127 25.83 -0.01 17.09
C VAL E 127 25.83 -1.51 17.32
N VAL E 128 24.72 -2.20 17.05
CA VAL E 128 24.72 -3.66 17.07
C VAL E 128 25.77 -4.20 16.11
N VAL E 129 25.67 -3.80 14.85
CA VAL E 129 26.83 -3.83 13.97
C VAL E 129 27.64 -2.57 14.23
N GLN E 130 28.96 -2.68 14.17
CA GLN E 130 29.82 -1.59 14.59
C GLN E 130 29.68 -0.40 13.63
N GLU E 131 30.49 0.63 13.88
CA GLU E 131 30.47 1.88 13.12
C GLU E 131 29.13 2.60 13.28
N GLY E 132 28.79 2.86 14.55
CA GLY E 132 27.62 3.64 14.89
C GLY E 132 27.99 5.08 15.23
N ALA E 133 26.97 5.84 15.61
CA ALA E 133 27.13 7.24 15.96
C ALA E 133 27.05 7.40 17.47
N THR E 134 27.96 8.22 18.02
CA THR E 134 27.94 8.50 19.45
C THR E 134 28.60 9.84 19.70
N VAL E 135 28.17 10.52 20.78
CA VAL E 135 28.71 11.80 21.20
C VAL E 135 28.79 11.81 22.72
N TYR E 136 29.40 12.86 23.27
CA TYR E 136 29.61 12.95 24.71
C TYR E 136 29.98 14.39 25.06
N ALA E 137 30.01 14.67 26.36
CA ALA E 137 30.37 15.98 26.87
C ALA E 137 31.05 15.81 28.22
N THR E 138 31.73 16.88 28.67
CA THR E 138 32.48 16.83 29.92
C THR E 138 31.53 16.90 31.12
N GLY E 139 32.09 17.09 32.31
CA GLY E 139 31.30 17.24 33.51
C GLY E 139 31.92 18.23 34.47
N THR E 140 31.39 18.33 35.68
CA THR E 140 31.92 19.25 36.68
C THR E 140 33.30 18.80 37.13
N HIS E 141 33.36 17.71 37.91
CA HIS E 141 34.64 17.14 38.33
C HIS E 141 35.30 16.30 37.25
N ALA E 142 34.55 15.91 36.21
CA ALA E 142 35.15 15.20 35.09
C ALA E 142 36.09 16.13 34.33
N LEU E 143 37.13 15.53 33.75
CA LEU E 143 38.17 16.29 33.07
C LEU E 143 38.25 15.85 31.60
N VAL E 144 39.33 16.25 30.94
CA VAL E 144 39.45 16.03 29.50
C VAL E 144 39.91 14.61 29.20
N GLU E 145 40.94 14.13 29.89
CA GLU E 145 41.49 12.80 29.61
C GLU E 145 40.46 11.70 29.85
N ASP E 146 39.45 11.95 30.69
CA ASP E 146 38.36 11.00 30.82
C ASP E 146 37.57 10.88 29.53
N GLY E 147 37.56 11.94 28.72
CA GLY E 147 36.84 11.93 27.45
C GLY E 147 37.61 11.23 26.35
N GLN E 148 38.93 11.37 26.36
CA GLN E 148 39.75 10.65 25.39
C GLN E 148 39.53 9.14 25.51
N LEU E 149 39.43 8.64 26.74
CA LEU E 149 39.10 7.24 26.95
C LEU E 149 37.77 6.88 26.28
N LEU E 150 36.76 7.74 26.43
CA LEU E 150 35.45 7.45 25.86
C LEU E 150 35.52 7.40 24.33
N GLU E 151 36.23 8.34 23.72
CA GLU E 151 36.49 8.25 22.28
C GLU E 151 37.31 7.00 21.98
N GLN E 152 38.44 6.82 22.67
CA GLN E 152 39.32 5.69 22.40
C GLN E 152 38.60 4.36 22.60
N LEU E 153 37.69 4.29 23.57
CA LEU E 153 36.97 3.04 23.82
C LEU E 153 35.83 2.85 22.83
N MET E 154 35.07 3.91 22.56
CA MET E 154 33.86 3.80 21.75
C MET E 154 34.05 4.16 20.29
N SER E 155 35.23 4.64 19.89
CA SER E 155 35.53 4.72 18.47
C SER E 155 35.59 3.35 17.83
N SER E 156 35.82 2.30 18.63
CA SER E 156 35.66 0.95 18.15
C SER E 156 34.22 0.68 17.75
N VAL E 157 33.26 1.12 18.58
CA VAL E 157 31.86 0.91 18.26
C VAL E 157 31.41 1.83 17.15
N GLY E 158 32.00 3.01 17.04
CA GLY E 158 31.67 3.92 15.96
C GLY E 158 32.12 5.34 16.26
N PHE E 159 31.69 6.24 15.38
CA PHE E 159 32.09 7.65 15.46
C PHE E 159 31.81 8.23 16.84
N CYS E 160 32.80 8.97 17.36
CA CYS E 160 32.66 9.57 18.69
C CYS E 160 33.53 10.83 18.74
N THR E 161 32.90 11.98 18.76
CA THR E 161 33.57 13.26 18.97
C THR E 161 32.81 14.04 20.04
N GLU E 162 33.40 15.16 20.46
CA GLU E 162 32.88 15.93 21.58
C GLU E 162 31.88 16.97 21.10
N VAL E 163 30.71 17.02 21.74
CA VAL E 163 29.73 18.07 21.56
C VAL E 163 29.29 18.57 22.92
N GLU E 164 28.87 19.82 22.98
CA GLU E 164 28.39 20.37 24.24
C GLU E 164 27.03 19.78 24.58
N GLU E 165 26.72 19.78 25.89
CA GLU E 165 25.51 19.08 26.34
C GLU E 165 24.24 19.69 25.75
N ASP E 166 24.26 20.98 25.42
CA ASP E 166 23.10 21.60 24.80
C ASP E 166 22.87 21.15 23.36
N LEU E 167 23.77 20.34 22.80
CA LEU E 167 23.67 19.92 21.42
C LEU E 167 23.15 18.49 21.24
N ILE E 168 23.10 17.71 22.32
CA ILE E 168 22.69 16.31 22.19
C ILE E 168 21.22 16.21 21.81
N ASP E 169 20.40 17.18 22.24
CA ASP E 169 18.98 17.15 21.88
C ASP E 169 18.77 17.38 20.39
N ALA E 170 19.69 18.11 19.74
CA ALA E 170 19.66 18.26 18.29
C ALA E 170 20.42 17.16 17.58
N VAL E 171 21.45 16.60 18.22
CA VAL E 171 22.18 15.47 17.65
C VAL E 171 21.25 14.27 17.52
N THR E 172 20.33 14.11 18.47
CA THR E 172 19.34 13.03 18.40
C THR E 172 18.53 13.11 17.12
N GLY E 173 18.36 14.32 16.56
CA GLY E 173 17.60 14.44 15.33
C GLY E 173 18.30 13.85 14.13
N LEU E 174 19.63 14.01 14.05
CA LEU E 174 20.38 13.57 12.89
C LEU E 174 21.02 12.20 13.08
N SER E 175 21.29 11.79 14.31
CA SER E 175 21.88 10.48 14.60
C SER E 175 20.91 9.50 15.26
N GLY E 176 20.10 9.97 16.21
CA GLY E 176 19.15 9.09 16.85
C GLY E 176 18.03 8.66 15.92
N SER E 177 17.35 9.63 15.30
CA SER E 177 16.34 9.36 14.30
C SER E 177 16.91 9.31 12.89
N GLY E 178 18.23 9.35 12.76
CA GLY E 178 18.90 9.32 11.48
C GLY E 178 18.67 8.06 10.66
N PRO E 179 18.94 6.89 11.25
CA PRO E 179 18.85 5.64 10.45
C PRO E 179 17.50 5.41 9.80
N ALA E 180 16.40 5.84 10.43
CA ALA E 180 15.08 5.63 9.84
C ALA E 180 14.95 6.35 8.50
N TYR E 181 15.64 7.48 8.33
CA TYR E 181 15.66 8.15 7.04
C TYR E 181 16.38 7.32 6.00
N ALA E 182 17.31 6.46 6.43
CA ALA E 182 18.02 5.60 5.48
C ALA E 182 17.23 4.34 5.17
N PHE E 183 16.65 3.71 6.19
CA PHE E 183 15.90 2.47 5.98
C PHE E 183 14.73 2.70 5.02
N MET E 184 13.98 3.78 5.22
CA MET E 184 12.89 4.10 4.30
C MET E 184 13.43 4.46 2.92
N ALA E 185 14.56 5.17 2.88
CA ALA E 185 15.20 5.46 1.59
C ALA E 185 15.72 4.20 0.94
N LEU E 186 16.11 3.19 1.73
CA LEU E 186 16.57 1.94 1.17
C LEU E 186 15.41 1.11 0.62
N ASP E 187 14.26 1.17 1.30
CA ASP E 187 13.05 0.56 0.74
C ASP E 187 12.61 1.27 -0.52
N ALA E 188 12.74 2.61 -0.54
CA ALA E 188 12.31 3.39 -1.70
C ALA E 188 13.08 2.98 -2.95
N LEU E 189 14.41 3.03 -2.88
CA LEU E 189 15.22 2.61 -4.03
C LEU E 189 14.94 1.15 -4.39
N ALA E 190 14.87 0.27 -3.38
CA ALA E 190 14.61 -1.15 -3.65
C ALA E 190 13.27 -1.34 -4.34
N ASP E 191 12.21 -0.67 -3.83
CA ASP E 191 10.92 -0.72 -4.49
C ASP E 191 10.95 -0.10 -5.89
N GLY E 192 11.90 0.80 -6.13
CA GLY E 192 12.14 1.28 -7.49
C GLY E 192 12.97 0.36 -8.34
N GLY E 193 13.80 -0.49 -7.74
CA GLY E 193 14.58 -1.43 -8.52
C GLY E 193 13.70 -2.50 -9.17
N VAL E 194 12.77 -3.06 -8.39
CA VAL E 194 11.85 -4.04 -8.93
C VAL E 194 10.94 -3.43 -10.00
N LYS E 195 10.72 -2.12 -9.93
CA LYS E 195 9.91 -1.45 -10.94
C LYS E 195 10.59 -1.39 -12.29
N MET E 196 11.92 -1.54 -12.34
CA MET E 196 12.66 -1.44 -13.58
C MET E 196 13.31 -2.77 -13.99
N GLY E 197 12.88 -3.87 -13.39
CA GLY E 197 13.33 -5.19 -13.79
C GLY E 197 14.41 -5.82 -12.93
N LEU E 198 14.76 -5.21 -11.80
CA LEU E 198 15.77 -5.83 -10.96
C LEU E 198 15.12 -6.67 -9.87
N PRO E 199 15.68 -7.84 -9.56
CA PRO E 199 15.14 -8.67 -8.49
C PRO E 199 15.18 -7.95 -7.14
N ARG E 200 14.34 -8.43 -6.22
CA ARG E 200 14.19 -7.76 -4.94
C ARG E 200 15.47 -7.83 -4.11
N ARG E 201 16.04 -9.04 -3.99
CA ARG E 201 17.23 -9.22 -3.14
C ARG E 201 18.40 -8.41 -3.67
N LEU E 202 18.52 -8.29 -4.99
CA LEU E 202 19.62 -7.51 -5.58
C LEU E 202 19.38 -6.01 -5.45
N ALA E 203 18.13 -5.58 -5.57
CA ALA E 203 17.82 -4.16 -5.46
C ALA E 203 18.13 -3.63 -4.06
N ILE E 204 17.93 -4.45 -3.03
CA ILE E 204 18.29 -4.04 -1.68
C ILE E 204 19.80 -4.04 -1.50
N GLN E 205 20.51 -4.95 -2.19
CA GLN E 205 21.94 -5.10 -1.98
C GLN E 205 22.74 -3.95 -2.60
N LEU E 206 22.46 -3.63 -3.87
CA LEU E 206 23.17 -2.52 -4.50
C LEU E 206 22.73 -1.17 -3.95
N GLY E 207 21.50 -1.09 -3.42
CA GLY E 207 21.06 0.14 -2.79
C GLY E 207 21.76 0.40 -1.47
N ALA E 208 21.95 -0.66 -0.67
CA ALA E 208 22.65 -0.50 0.60
C ALA E 208 24.14 -0.26 0.40
N GLN E 209 24.70 -0.72 -0.72
CA GLN E 209 26.13 -0.53 -0.97
C GLN E 209 26.44 0.90 -1.38
N ALA E 210 25.55 1.51 -2.17
CA ALA E 210 25.75 2.90 -2.56
C ALA E 210 25.61 3.83 -1.36
N LEU E 211 24.63 3.57 -0.49
CA LEU E 211 24.52 4.35 0.75
C LEU E 211 25.71 4.10 1.65
N LEU E 212 26.29 2.90 1.60
CA LEU E 212 27.46 2.60 2.41
C LEU E 212 28.72 3.24 1.82
N GLY E 213 28.96 3.04 0.52
CA GLY E 213 30.18 3.55 -0.08
C GLY E 213 30.23 5.07 -0.11
N ALA E 214 29.09 5.71 -0.37
CA ALA E 214 29.08 7.18 -0.43
C ALA E 214 29.30 7.78 0.95
N ALA E 215 28.70 7.20 1.99
CA ALA E 215 28.90 7.72 3.33
C ALA E 215 30.32 7.50 3.82
N LYS E 216 30.98 6.44 3.36
CA LYS E 216 32.38 6.22 3.73
C LYS E 216 33.30 7.17 2.99
N MET E 217 32.94 7.58 1.77
CA MET E 217 33.73 8.57 1.06
C MET E 217 33.72 9.90 1.79
N LEU E 218 32.52 10.43 2.07
CA LEU E 218 32.40 11.74 2.70
C LEU E 218 32.96 11.75 4.11
N LEU E 219 32.90 10.62 4.82
CA LEU E 219 33.43 10.55 6.17
C LEU E 219 34.96 10.62 6.16
N ASP E 220 35.60 9.88 5.26
CA ASP E 220 37.06 9.87 5.20
C ASP E 220 37.60 11.09 4.45
N SER E 221 37.09 11.33 3.25
CA SER E 221 37.56 12.46 2.46
C SER E 221 37.13 13.78 3.09
N GLU E 222 37.76 14.87 2.63
CA GLU E 222 37.46 16.21 3.10
C GLU E 222 36.53 16.96 2.15
N GLN E 223 36.35 16.48 0.93
CA GLN E 223 35.51 17.15 -0.05
C GLN E 223 34.09 17.31 0.46
N HIS E 224 33.42 18.37 0.01
CA HIS E 224 32.08 18.68 0.48
C HIS E 224 31.07 17.68 -0.09
N PRO E 225 29.94 17.50 0.59
CA PRO E 225 28.92 16.57 0.06
C PRO E 225 28.41 16.95 -1.32
N CYS E 226 28.39 18.25 -1.65
CA CYS E 226 27.91 18.65 -2.98
C CYS E 226 28.94 18.32 -4.05
N GLN E 227 30.22 18.60 -3.79
CA GLN E 227 31.25 18.32 -4.78
C GLN E 227 31.27 16.85 -5.17
N LEU E 228 31.00 15.97 -4.20
CA LEU E 228 30.92 14.54 -4.51
C LEU E 228 29.66 14.24 -5.32
N LYS E 229 28.60 15.04 -5.17
CA LYS E 229 27.41 14.85 -5.99
C LYS E 229 27.67 15.26 -7.43
N ASP E 230 28.33 16.40 -7.63
CA ASP E 230 28.68 16.86 -8.97
C ASP E 230 29.83 16.07 -9.59
N ASN E 231 30.41 15.13 -8.86
CA ASN E 231 31.48 14.28 -9.39
C ASN E 231 30.95 13.02 -10.05
N VAL E 232 29.78 12.54 -9.63
CA VAL E 232 29.18 11.37 -10.26
C VAL E 232 28.45 11.72 -11.55
N CYS E 233 28.01 12.96 -11.69
CA CYS E 233 27.28 13.38 -12.87
C CYS E 233 28.19 13.42 -14.11
N SER E 234 27.57 13.65 -15.26
CA SER E 234 28.27 13.66 -16.54
C SER E 234 27.45 14.50 -17.51
N PRO E 235 28.05 14.93 -18.62
CA PRO E 235 27.26 15.64 -19.65
C PRO E 235 26.11 14.79 -20.15
N GLY E 236 24.90 15.32 -19.99
CA GLY E 236 23.70 14.57 -20.35
C GLY E 236 23.56 13.26 -19.62
N GLY E 237 24.08 13.19 -18.39
CA GLY E 237 24.12 11.92 -17.67
C GLY E 237 22.75 11.55 -17.12
N ALA E 238 22.49 10.23 -17.10
CA ALA E 238 21.29 9.72 -16.46
C ALA E 238 21.26 10.06 -14.97
N THR E 239 22.42 10.33 -14.38
CA THR E 239 22.45 10.83 -13.01
C THR E 239 21.90 12.25 -12.93
N THR E 240 22.17 13.07 -13.95
CA THR E 240 21.70 14.45 -13.93
C THR E 240 20.20 14.53 -14.13
N HIS E 241 19.64 13.66 -14.99
CA HIS E 241 18.20 13.63 -15.17
C HIS E 241 17.49 13.10 -13.93
N ALA E 242 18.16 12.26 -13.15
CA ALA E 242 17.53 11.67 -11.98
C ALA E 242 17.51 12.62 -10.80
N LEU E 243 18.58 13.40 -10.61
CA LEU E 243 18.58 14.41 -9.57
C LEU E 243 17.56 15.51 -9.82
N HIS E 244 17.15 15.70 -11.08
CA HIS E 244 16.13 16.69 -11.38
C HIS E 244 14.79 16.33 -10.75
N PHE E 245 14.43 15.06 -10.78
CA PHE E 245 13.17 14.62 -10.18
C PHE E 245 13.19 14.67 -8.66
N LEU E 246 14.38 14.68 -8.05
CA LEU E 246 14.47 14.75 -6.59
C LEU E 246 14.38 16.19 -6.10
N GLU E 247 15.20 17.08 -6.67
CA GLU E 247 15.17 18.48 -6.25
C GLU E 247 13.82 19.13 -6.55
N SER E 248 13.13 18.67 -7.59
CA SER E 248 11.83 19.24 -7.91
C SER E 248 10.76 18.78 -6.95
N GLY E 249 10.90 17.57 -6.41
CA GLY E 249 9.99 17.08 -5.40
C GLY E 249 10.29 17.55 -3.99
N GLY E 250 11.17 18.54 -3.84
CA GLY E 250 11.55 19.02 -2.53
C GLY E 250 12.25 17.97 -1.70
N PHE E 251 13.30 17.36 -2.26
CA PHE E 251 14.00 16.29 -1.55
C PHE E 251 14.74 16.82 -0.34
N ARG E 252 15.45 17.94 -0.50
CA ARG E 252 16.21 18.51 0.61
C ARG E 252 15.28 18.93 1.75
N SER E 253 14.11 19.46 1.41
CA SER E 253 13.20 19.96 2.45
C SER E 253 12.66 18.82 3.30
N LEU E 254 12.40 17.66 2.70
CA LEU E 254 11.81 16.54 3.43
C LEU E 254 12.74 16.08 4.56
N LEU E 255 14.05 16.03 4.29
CA LEU E 255 14.98 15.62 5.34
C LEU E 255 15.19 16.74 6.35
N ILE E 256 15.26 17.99 5.89
CA ILE E 256 15.42 19.11 6.80
C ILE E 256 14.19 19.26 7.69
N ASN E 257 13.00 18.98 7.13
CA ASN E 257 11.79 19.02 7.94
C ASN E 257 11.81 17.96 9.04
N ALA E 258 12.48 16.83 8.80
CA ALA E 258 12.49 15.75 9.78
C ALA E 258 13.41 16.07 10.95
N VAL E 259 14.64 16.47 10.66
CA VAL E 259 15.60 16.75 11.72
C VAL E 259 15.08 17.83 12.66
N GLU E 260 14.32 18.78 12.13
CA GLU E 260 13.62 19.73 13.00
C GLU E 260 12.57 19.02 13.83
N ALA E 261 11.77 18.16 13.20
CA ALA E 261 10.71 17.44 13.92
C ALA E 261 11.29 16.54 14.99
N SER E 262 12.36 15.79 14.68
CA SER E 262 13.01 14.98 15.68
C SER E 262 13.57 15.84 16.81
N CYS E 263 14.17 16.97 16.47
CA CYS E 263 14.72 17.88 17.48
C CYS E 263 13.60 18.50 18.31
N ILE E 264 12.54 18.98 17.66
CA ILE E 264 11.47 19.65 18.38
C ILE E 264 10.69 18.67 19.25
N ARG E 265 10.37 17.50 18.70
CA ARG E 265 9.58 16.53 19.46
C ARG E 265 10.35 16.01 20.67
N THR E 266 11.67 15.80 20.52
CA THR E 266 12.47 15.37 21.65
C THR E 266 12.48 16.42 22.76
N ARG E 267 12.27 17.70 22.39
CA ARG E 267 12.17 18.75 23.40
C ARG E 267 10.79 18.81 24.03
N GLU E 268 9.75 18.41 23.29
CA GLU E 268 8.41 18.39 23.86
C GLU E 268 8.28 17.34 24.96
N LEU E 269 8.92 16.17 24.77
CA LEU E 269 8.88 15.13 25.78
C LEU E 269 9.59 15.56 27.06
N GLN E 270 10.61 16.41 26.95
CA GLN E 270 11.33 16.84 28.13
C GLN E 270 10.52 17.84 28.95
N SER E 271 9.71 18.67 28.29
CA SER E 271 8.81 19.55 29.03
C SER E 271 7.68 18.77 29.68
N MET E 272 7.26 17.65 29.08
CA MET E 272 6.26 16.79 29.69
C MET E 272 6.86 15.93 30.79
N ALA E 273 8.16 15.63 30.71
CA ALA E 273 8.80 14.82 31.75
C ALA E 273 8.87 15.59 33.06
N ASP E 274 9.38 16.81 33.02
CA ASP E 274 9.47 17.64 34.22
C ASP E 274 8.90 19.03 33.97
#